data_3T4R
# 
_entry.id   3T4R 
# 
_audit_conform.dict_name       mmcif_pdbx.dic 
_audit_conform.dict_version    5.397 
_audit_conform.dict_location   http://mmcif.pdb.org/dictionaries/ascii/mmcif_pdbx.dic 
# 
loop_
_database_2.database_id 
_database_2.database_code 
_database_2.pdbx_database_accession 
_database_2.pdbx_DOI 
PDB   3T4R         pdb_00003t4r 10.2210/pdb3t4r/pdb 
RCSB  RCSB067035   ?            ?                   
WWPDB D_1000067035 ?            ?                   
# 
loop_
_pdbx_audit_revision_history.ordinal 
_pdbx_audit_revision_history.data_content_type 
_pdbx_audit_revision_history.major_revision 
_pdbx_audit_revision_history.minor_revision 
_pdbx_audit_revision_history.revision_date 
1 'Structure model' 1 0 2013-01-30 
2 'Structure model' 1 1 2014-03-26 
3 'Structure model' 1 2 2024-10-09 
# 
_pdbx_audit_revision_details.ordinal             1 
_pdbx_audit_revision_details.revision_ordinal    1 
_pdbx_audit_revision_details.data_content_type   'Structure model' 
_pdbx_audit_revision_details.provider            repository 
_pdbx_audit_revision_details.type                'Initial release' 
_pdbx_audit_revision_details.description         ? 
_pdbx_audit_revision_details.details             ? 
# 
loop_
_pdbx_audit_revision_group.ordinal 
_pdbx_audit_revision_group.revision_ordinal 
_pdbx_audit_revision_group.data_content_type 
_pdbx_audit_revision_group.group 
1 2 'Structure model' 'Database references'  
2 3 'Structure model' 'Data collection'      
3 3 'Structure model' 'Database references'  
4 3 'Structure model' 'Derived calculations' 
5 3 'Structure model' 'Structure summary'    
# 
loop_
_pdbx_audit_revision_category.ordinal 
_pdbx_audit_revision_category.revision_ordinal 
_pdbx_audit_revision_category.data_content_type 
_pdbx_audit_revision_category.category 
1 3 'Structure model' chem_comp_atom            
2 3 'Structure model' chem_comp_bond            
3 3 'Structure model' database_2                
4 3 'Structure model' pdbx_entry_details        
5 3 'Structure model' pdbx_modification_feature 
6 3 'Structure model' struct_conn               
7 3 'Structure model' struct_ref_seq_dif        
8 3 'Structure model' struct_site               
# 
loop_
_pdbx_audit_revision_item.ordinal 
_pdbx_audit_revision_item.revision_ordinal 
_pdbx_audit_revision_item.data_content_type 
_pdbx_audit_revision_item.item 
1 3 'Structure model' '_database_2.pdbx_DOI'                
2 3 'Structure model' '_database_2.pdbx_database_accession' 
3 3 'Structure model' '_struct_conn.pdbx_leaving_atom_flag' 
4 3 'Structure model' '_struct_ref_seq_dif.details'         
5 3 'Structure model' '_struct_site.pdbx_auth_asym_id'      
6 3 'Structure model' '_struct_site.pdbx_auth_comp_id'      
7 3 'Structure model' '_struct_site.pdbx_auth_seq_id'       
# 
_pdbx_database_status.status_code                     REL 
_pdbx_database_status.entry_id                        3T4R 
_pdbx_database_status.recvd_initial_deposition_date   2011-07-26 
_pdbx_database_status.deposit_site                    RCSB 
_pdbx_database_status.process_site                    RCSB 
_pdbx_database_status.status_code_sf                  REL 
_pdbx_database_status.status_code_mr                  ? 
_pdbx_database_status.SG_entry                        ? 
_pdbx_database_status.status_code_cs                  ? 
_pdbx_database_status.methods_development_category    ? 
_pdbx_database_status.pdb_format_compatible           Y 
_pdbx_database_status.status_code_nmr_data            ? 
# 
loop_
_audit_author.name 
_audit_author.pdbx_ordinal 
'Martinez, N.'    1 
'Tarbouriech, N.' 2 
'Jamin, M.'       3 
# 
_citation.id                        primary 
_citation.title                     'Structure of the C-terminal domain of lettuce necrotic yellows virus phosphoprotein.' 
_citation.journal_abbrev            J.Virol. 
_citation.journal_volume            87 
_citation.page_first                9569 
_citation.page_last                 9578 
_citation.year                      2013 
_citation.journal_id_ASTM           JOVIAM 
_citation.country                   US 
_citation.journal_id_ISSN           0022-538X 
_citation.journal_id_CSD            0825 
_citation.book_publisher            ? 
_citation.pdbx_database_id_PubMed   23785215 
_citation.pdbx_database_id_DOI      10.1128/JVI.00999-13 
# 
loop_
_citation_author.citation_id 
_citation_author.name 
_citation_author.ordinal 
_citation_author.identifier_ORCID 
primary 'Martinez, N.'    1 ? 
primary 'Ribeiro, E.A.'   2 ? 
primary 'Leyrat, C.'      3 ? 
primary 'Tarbouriech, N.' 4 ? 
primary 'Ruigrok, R.W.'   5 ? 
primary 'Jamin, M.'       6 ? 
# 
loop_
_entity.id 
_entity.type 
_entity.src_method 
_entity.pdbx_description 
_entity.formula_weight 
_entity.pdbx_number_of_molecules 
_entity.pdbx_ec 
_entity.pdbx_mutation 
_entity.pdbx_fragment 
_entity.details 
1 polymer     man Phosphoprotein  9555.391 1  ? ? 'C-terminal domain' ? 
2 non-polymer syn 'MAGNESIUM ION' 24.305   1  ? ? ?                   ? 
3 water       nat water           18.015   22 ? ? ?                   ? 
# 
_entity_name_com.entity_id   1 
_entity_name_com.name        'Protein P, Protein 4a' 
# 
_entity_poly.entity_id                      1 
_entity_poly.type                           'polypeptide(L)' 
_entity_poly.nstd_linkage                   no 
_entity_poly.nstd_monomer                   yes 
_entity_poly.pdbx_seq_one_letter_code       
;(MSE)ARIRHEKEKLLADLDWEIGEIAQYTPLIVDFLVPDDILA(MSE)AADGLTPELKEKIQNEIIENHIAL(MSE)AL
EEYSSLEHHHHHH
;
_entity_poly.pdbx_seq_one_letter_code_can   
;MARIRHEKEKLLADLDWEIGEIAQYTPLIVDFLVPDDILAMAADGLTPELKEKIQNEIIENHIALMALEEYSSLEHHHHH
H
;
_entity_poly.pdbx_strand_id                 A 
_entity_poly.pdbx_target_identifier         ? 
# 
loop_
_pdbx_entity_nonpoly.entity_id 
_pdbx_entity_nonpoly.name 
_pdbx_entity_nonpoly.comp_id 
2 'MAGNESIUM ION' MG  
3 water           HOH 
# 
loop_
_entity_poly_seq.entity_id 
_entity_poly_seq.num 
_entity_poly_seq.mon_id 
_entity_poly_seq.hetero 
1 1  MSE n 
1 2  ALA n 
1 3  ARG n 
1 4  ILE n 
1 5  ARG n 
1 6  HIS n 
1 7  GLU n 
1 8  LYS n 
1 9  GLU n 
1 10 LYS n 
1 11 LEU n 
1 12 LEU n 
1 13 ALA n 
1 14 ASP n 
1 15 LEU n 
1 16 ASP n 
1 17 TRP n 
1 18 GLU n 
1 19 ILE n 
1 20 GLY n 
1 21 GLU n 
1 22 ILE n 
1 23 ALA n 
1 24 GLN n 
1 25 TYR n 
1 26 THR n 
1 27 PRO n 
1 28 LEU n 
1 29 ILE n 
1 30 VAL n 
1 31 ASP n 
1 32 PHE n 
1 33 LEU n 
1 34 VAL n 
1 35 PRO n 
1 36 ASP n 
1 37 ASP n 
1 38 ILE n 
1 39 LEU n 
1 40 ALA n 
1 41 MSE n 
1 42 ALA n 
1 43 ALA n 
1 44 ASP n 
1 45 GLY n 
1 46 LEU n 
1 47 THR n 
1 48 PRO n 
1 49 GLU n 
1 50 LEU n 
1 51 LYS n 
1 52 GLU n 
1 53 LYS n 
1 54 ILE n 
1 55 GLN n 
1 56 ASN n 
1 57 GLU n 
1 58 ILE n 
1 59 ILE n 
1 60 GLU n 
1 61 ASN n 
1 62 HIS n 
1 63 ILE n 
1 64 ALA n 
1 65 LEU n 
1 66 MSE n 
1 67 ALA n 
1 68 LEU n 
1 69 GLU n 
1 70 GLU n 
1 71 TYR n 
1 72 SER n 
1 73 SER n 
1 74 LEU n 
1 75 GLU n 
1 76 HIS n 
1 77 HIS n 
1 78 HIS n 
1 79 HIS n 
1 80 HIS n 
1 81 HIS n 
# 
_entity_src_gen.entity_id                          1 
_entity_src_gen.pdbx_src_id                        1 
_entity_src_gen.pdbx_alt_source_flag               sample 
_entity_src_gen.pdbx_seq_type                      ? 
_entity_src_gen.pdbx_beg_seq_num                   ? 
_entity_src_gen.pdbx_end_seq_num                   ? 
_entity_src_gen.gene_src_common_name               LNYV 
_entity_src_gen.gene_src_genus                     ? 
_entity_src_gen.pdbx_gene_src_gene                 P 
_entity_src_gen.gene_src_species                   ? 
_entity_src_gen.gene_src_strain                    'isolate 318' 
_entity_src_gen.gene_src_tissue                    ? 
_entity_src_gen.gene_src_tissue_fraction           ? 
_entity_src_gen.gene_src_details                   ? 
_entity_src_gen.pdbx_gene_src_fragment             ? 
_entity_src_gen.pdbx_gene_src_scientific_name      'Lettuce necrotic yellows virus' 
_entity_src_gen.pdbx_gene_src_ncbi_taxonomy_id     928304 
_entity_src_gen.pdbx_gene_src_variant              ? 
_entity_src_gen.pdbx_gene_src_cell_line            ? 
_entity_src_gen.pdbx_gene_src_atcc                 ? 
_entity_src_gen.pdbx_gene_src_organ                ? 
_entity_src_gen.pdbx_gene_src_organelle            ? 
_entity_src_gen.pdbx_gene_src_cell                 ? 
_entity_src_gen.pdbx_gene_src_cellular_location    ? 
_entity_src_gen.host_org_common_name               ? 
_entity_src_gen.pdbx_host_org_scientific_name      'Escherichia coli' 
_entity_src_gen.pdbx_host_org_ncbi_taxonomy_id     511693 
_entity_src_gen.host_org_genus                     ? 
_entity_src_gen.pdbx_host_org_gene                 ? 
_entity_src_gen.pdbx_host_org_organ                ? 
_entity_src_gen.host_org_species                   ? 
_entity_src_gen.pdbx_host_org_tissue               ? 
_entity_src_gen.pdbx_host_org_tissue_fraction      ? 
_entity_src_gen.pdbx_host_org_strain               'BL21 RIL' 
_entity_src_gen.pdbx_host_org_variant              ? 
_entity_src_gen.pdbx_host_org_cell_line            ? 
_entity_src_gen.pdbx_host_org_atcc                 ? 
_entity_src_gen.pdbx_host_org_culture_collection   ? 
_entity_src_gen.pdbx_host_org_cell                 ? 
_entity_src_gen.pdbx_host_org_organelle            ? 
_entity_src_gen.pdbx_host_org_cellular_location    ? 
_entity_src_gen.pdbx_host_org_vector_type          Plasmid 
_entity_src_gen.pdbx_host_org_vector               ? 
_entity_src_gen.host_org_details                   ? 
_entity_src_gen.expression_system_id               ? 
_entity_src_gen.plasmid_name                       pET-28a 
_entity_src_gen.plasmid_details                    ? 
_entity_src_gen.pdbx_description                   ? 
# 
loop_
_chem_comp.id 
_chem_comp.type 
_chem_comp.mon_nstd_flag 
_chem_comp.name 
_chem_comp.pdbx_synonyms 
_chem_comp.formula 
_chem_comp.formula_weight 
ALA 'L-peptide linking' y ALANINE          ? 'C3 H7 N O2'     89.093  
ARG 'L-peptide linking' y ARGININE         ? 'C6 H15 N4 O2 1' 175.209 
ASN 'L-peptide linking' y ASPARAGINE       ? 'C4 H8 N2 O3'    132.118 
ASP 'L-peptide linking' y 'ASPARTIC ACID'  ? 'C4 H7 N O4'     133.103 
GLN 'L-peptide linking' y GLUTAMINE        ? 'C5 H10 N2 O3'   146.144 
GLU 'L-peptide linking' y 'GLUTAMIC ACID'  ? 'C5 H9 N O4'     147.129 
GLY 'peptide linking'   y GLYCINE          ? 'C2 H5 N O2'     75.067  
HIS 'L-peptide linking' y HISTIDINE        ? 'C6 H10 N3 O2 1' 156.162 
HOH non-polymer         . WATER            ? 'H2 O'           18.015  
ILE 'L-peptide linking' y ISOLEUCINE       ? 'C6 H13 N O2'    131.173 
LEU 'L-peptide linking' y LEUCINE          ? 'C6 H13 N O2'    131.173 
LYS 'L-peptide linking' y LYSINE           ? 'C6 H15 N2 O2 1' 147.195 
MG  non-polymer         . 'MAGNESIUM ION'  ? 'Mg 2'           24.305  
MSE 'L-peptide linking' n SELENOMETHIONINE ? 'C5 H11 N O2 Se' 196.106 
PHE 'L-peptide linking' y PHENYLALANINE    ? 'C9 H11 N O2'    165.189 
PRO 'L-peptide linking' y PROLINE          ? 'C5 H9 N O2'     115.130 
SER 'L-peptide linking' y SERINE           ? 'C3 H7 N O3'     105.093 
THR 'L-peptide linking' y THREONINE        ? 'C4 H9 N O3'     119.119 
TRP 'L-peptide linking' y TRYPTOPHAN       ? 'C11 H12 N2 O2'  204.225 
TYR 'L-peptide linking' y TYROSINE         ? 'C9 H11 N O3'    181.189 
VAL 'L-peptide linking' y VALINE           ? 'C5 H11 N O2'    117.146 
# 
loop_
_pdbx_poly_seq_scheme.asym_id 
_pdbx_poly_seq_scheme.entity_id 
_pdbx_poly_seq_scheme.seq_id 
_pdbx_poly_seq_scheme.mon_id 
_pdbx_poly_seq_scheme.ndb_seq_num 
_pdbx_poly_seq_scheme.pdb_seq_num 
_pdbx_poly_seq_scheme.auth_seq_num 
_pdbx_poly_seq_scheme.pdb_mon_id 
_pdbx_poly_seq_scheme.auth_mon_id 
_pdbx_poly_seq_scheme.pdb_strand_id 
_pdbx_poly_seq_scheme.pdb_ins_code 
_pdbx_poly_seq_scheme.hetero 
A 1 1  MSE 1  1  ?  ?   ?   A . n 
A 1 2  ALA 2  2  ?  ?   ?   A . n 
A 1 3  ARG 3  3  3  ARG ARG A . n 
A 1 4  ILE 4  4  4  ILE ILE A . n 
A 1 5  ARG 5  5  5  ARG ARG A . n 
A 1 6  HIS 6  6  6  HIS HIS A . n 
A 1 7  GLU 7  7  7  GLU GLU A . n 
A 1 8  LYS 8  8  8  LYS LYS A . n 
A 1 9  GLU 9  9  9  GLU GLU A . n 
A 1 10 LYS 10 10 10 LYS LYS A . n 
A 1 11 LEU 11 11 11 LEU LEU A . n 
A 1 12 LEU 12 12 12 LEU LEU A . n 
A 1 13 ALA 13 13 13 ALA ALA A . n 
A 1 14 ASP 14 14 14 ASP ASP A . n 
A 1 15 LEU 15 15 15 LEU LEU A . n 
A 1 16 ASP 16 16 16 ASP ASP A . n 
A 1 17 TRP 17 17 17 TRP TRP A . n 
A 1 18 GLU 18 18 18 GLU GLU A . n 
A 1 19 ILE 19 19 19 ILE ILE A . n 
A 1 20 GLY 20 20 20 GLY GLY A . n 
A 1 21 GLU 21 21 21 GLU GLU A . n 
A 1 22 ILE 22 22 22 ILE ILE A . n 
A 1 23 ALA 23 23 23 ALA ALA A . n 
A 1 24 GLN 24 24 24 GLN GLN A . n 
A 1 25 TYR 25 25 25 TYR TYR A . n 
A 1 26 THR 26 26 26 THR THR A . n 
A 1 27 PRO 27 27 27 PRO PRO A . n 
A 1 28 LEU 28 28 28 LEU LEU A . n 
A 1 29 ILE 29 29 29 ILE ILE A . n 
A 1 30 VAL 30 30 30 VAL VAL A . n 
A 1 31 ASP 31 31 31 ASP ASP A . n 
A 1 32 PHE 32 32 32 PHE PHE A . n 
A 1 33 LEU 33 33 33 LEU LEU A . n 
A 1 34 VAL 34 34 34 VAL VAL A . n 
A 1 35 PRO 35 35 35 PRO PRO A . n 
A 1 36 ASP 36 36 36 ASP ASP A . n 
A 1 37 ASP 37 37 37 ASP ASP A . n 
A 1 38 ILE 38 38 38 ILE ILE A . n 
A 1 39 LEU 39 39 39 LEU LEU A . n 
A 1 40 ALA 40 40 40 ALA ALA A . n 
A 1 41 MSE 41 41 41 MSE MSE A . n 
A 1 42 ALA 42 42 42 ALA ALA A . n 
A 1 43 ALA 43 43 43 ALA ALA A . n 
A 1 44 ASP 44 44 44 ASP ASP A . n 
A 1 45 GLY 45 45 45 GLY GLY A . n 
A 1 46 LEU 46 46 46 LEU LEU A . n 
A 1 47 THR 47 47 47 THR ALA A . n 
A 1 48 PRO 48 48 48 PRO PRO A . n 
A 1 49 GLU 49 49 49 GLU GLU A . n 
A 1 50 LEU 50 50 50 LEU LEU A . n 
A 1 51 LYS 51 51 51 LYS LYS A . n 
A 1 52 GLU 52 52 52 GLU GLU A . n 
A 1 53 LYS 53 53 53 LYS LYS A . n 
A 1 54 ILE 54 54 54 ILE ILE A . n 
A 1 55 GLN 55 55 55 GLN GLN A . n 
A 1 56 ASN 56 56 56 ASN ASN A . n 
A 1 57 GLU 57 57 57 GLU GLU A . n 
A 1 58 ILE 58 58 58 ILE ILE A . n 
A 1 59 ILE 59 59 59 ILE ILE A . n 
A 1 60 GLU 60 60 60 GLU GLU A . n 
A 1 61 ASN 61 61 61 ASN ASN A . n 
A 1 62 HIS 62 62 62 HIS HIS A . n 
A 1 63 ILE 63 63 63 ILE ILE A . n 
A 1 64 ALA 64 64 64 ALA ALA A . n 
A 1 65 LEU 65 65 65 LEU LEU A . n 
A 1 66 MSE 66 66 66 MSE MSE A . n 
A 1 67 ALA 67 67 67 ALA ALA A . n 
A 1 68 LEU 68 68 68 LEU LEU A . n 
A 1 69 GLU 69 69 69 GLU GLU A . n 
A 1 70 GLU 70 70 70 GLU GLU A . n 
A 1 71 TYR 71 71 71 TYR TYR A . n 
A 1 72 SER 72 72 72 SER SER A . n 
A 1 73 SER 73 73 73 SER SER A . n 
A 1 74 LEU 74 74 74 LEU LEU A . n 
A 1 75 GLU 75 75 ?  ?   ?   A . n 
A 1 76 HIS 76 76 ?  ?   ?   A . n 
A 1 77 HIS 77 77 ?  ?   ?   A . n 
A 1 78 HIS 78 78 ?  ?   ?   A . n 
A 1 79 HIS 79 79 ?  ?   ?   A . n 
A 1 80 HIS 80 80 ?  ?   ?   A . n 
A 1 81 HIS 81 81 ?  ?   ?   A . n 
# 
loop_
_pdbx_nonpoly_scheme.asym_id 
_pdbx_nonpoly_scheme.entity_id 
_pdbx_nonpoly_scheme.mon_id 
_pdbx_nonpoly_scheme.ndb_seq_num 
_pdbx_nonpoly_scheme.pdb_seq_num 
_pdbx_nonpoly_scheme.auth_seq_num 
_pdbx_nonpoly_scheme.pdb_mon_id 
_pdbx_nonpoly_scheme.auth_mon_id 
_pdbx_nonpoly_scheme.pdb_strand_id 
_pdbx_nonpoly_scheme.pdb_ins_code 
B 2 MG  1  82  1  MG  MG  A . 
C 3 HOH 1  83  1  HOH HOH A . 
C 3 HOH 2  84  2  HOH HOH A . 
C 3 HOH 3  85  4  HOH HOH A . 
C 3 HOH 4  86  6  HOH HOH A . 
C 3 HOH 5  87  8  HOH HOH A . 
C 3 HOH 6  88  9  HOH HOH A . 
C 3 HOH 7  89  10 HOH HOH A . 
C 3 HOH 8  90  12 HOH HOH A . 
C 3 HOH 9  91  15 HOH HOH A . 
C 3 HOH 10 92  17 HOH HOH A . 
C 3 HOH 11 93  18 HOH HOH A . 
C 3 HOH 12 94  23 HOH HOH A . 
C 3 HOH 13 95  24 HOH HOH A . 
C 3 HOH 14 96  25 HOH HOH A . 
C 3 HOH 15 97  26 HOH HOH A . 
C 3 HOH 16 98  27 HOH HOH A . 
C 3 HOH 17 99  28 HOH HOH A . 
C 3 HOH 18 100 31 HOH HOH A . 
C 3 HOH 19 101 43 HOH HOH A . 
C 3 HOH 20 102 45 HOH HOH A . 
C 3 HOH 21 103 46 HOH HOH A . 
C 3 HOH 22 104 48 HOH HOH A . 
# 
loop_
_pdbx_unobs_or_zero_occ_atoms.id 
_pdbx_unobs_or_zero_occ_atoms.PDB_model_num 
_pdbx_unobs_or_zero_occ_atoms.polymer_flag 
_pdbx_unobs_or_zero_occ_atoms.occupancy_flag 
_pdbx_unobs_or_zero_occ_atoms.auth_asym_id 
_pdbx_unobs_or_zero_occ_atoms.auth_comp_id 
_pdbx_unobs_or_zero_occ_atoms.auth_seq_id 
_pdbx_unobs_or_zero_occ_atoms.PDB_ins_code 
_pdbx_unobs_or_zero_occ_atoms.auth_atom_id 
_pdbx_unobs_or_zero_occ_atoms.label_alt_id 
_pdbx_unobs_or_zero_occ_atoms.label_asym_id 
_pdbx_unobs_or_zero_occ_atoms.label_comp_id 
_pdbx_unobs_or_zero_occ_atoms.label_seq_id 
_pdbx_unobs_or_zero_occ_atoms.label_atom_id 
1  1 Y 0 A ARG 3  ? CG  ? A ARG 3  CG  
2  1 Y 0 A ARG 3  ? CD  ? A ARG 3  CD  
3  1 Y 0 A ARG 3  ? NE  ? A ARG 3  NE  
4  1 Y 0 A ARG 3  ? CZ  ? A ARG 3  CZ  
5  1 Y 0 A ARG 3  ? NH1 ? A ARG 3  NH1 
6  1 Y 0 A ARG 3  ? NH2 ? A ARG 3  NH2 
7  1 Y 0 A GLN 24 ? CG  ? A GLN 24 CG  
8  1 Y 0 A GLN 24 ? CD  ? A GLN 24 CD  
9  1 Y 0 A GLN 24 ? OE1 ? A GLN 24 OE1 
10 1 Y 0 A GLN 24 ? NE2 ? A GLN 24 NE2 
11 1 Y 1 A THR 47 ? OG1 ? A THR 47 OG1 
12 1 Y 1 A THR 47 ? CG2 ? A THR 47 CG2 
13 1 Y 0 A THR 47 ? CB  ? A THR 47 CB  
14 1 Y 0 A GLU 69 ? CD  ? A GLU 69 CD  
15 1 Y 0 A GLU 69 ? OE1 ? A GLU 69 OE1 
16 1 Y 0 A GLU 69 ? OE2 ? A GLU 69 OE2 
17 1 Y 0 A LEU 74 ? C   ? A LEU 74 C   
18 1 Y 0 A LEU 74 ? O   ? A LEU 74 O   
# 
loop_
_software.name 
_software.classification 
_software.version 
_software.citation_id 
_software.pdbx_ordinal 
DNA    'data collection' .        ? 1 
SHELXD phasing           .        ? 2 
REFMAC refinement        5.5.0110 ? 3 
XDS    'data reduction'  .        ? 4 
XSCALE 'data scaling'    .        ? 5 
# 
_cell.entry_id           3T4R 
_cell.length_a           43.280 
_cell.length_b           43.280 
_cell.length_c           89.380 
_cell.angle_alpha        90.00 
_cell.angle_beta         90.00 
_cell.angle_gamma        90.00 
_cell.Z_PDB              8 
_cell.pdbx_unique_axis   ? 
_cell.length_a_esd       ? 
_cell.length_b_esd       ? 
_cell.length_c_esd       ? 
_cell.angle_alpha_esd    ? 
_cell.angle_beta_esd     ? 
_cell.angle_gamma_esd    ? 
# 
_symmetry.entry_id                         3T4R 
_symmetry.space_group_name_H-M             'P 41 2 2' 
_symmetry.pdbx_full_space_group_name_H-M   ? 
_symmetry.cell_setting                     ? 
_symmetry.Int_Tables_number                91 
_symmetry.space_group_name_Hall            ? 
# 
_exptl.entry_id          3T4R 
_exptl.method            'X-RAY DIFFRACTION' 
_exptl.crystals_number   1 
# 
_exptl_crystal.id                    1 
_exptl_crystal.density_meas          ? 
_exptl_crystal.density_Matthews      2.19 
_exptl_crystal.density_percent_sol   43.84 
_exptl_crystal.description           ? 
_exptl_crystal.F_000                 ? 
_exptl_crystal.preparation           ? 
# 
_exptl_crystal_grow.crystal_id      1 
_exptl_crystal_grow.method          'VAPOR DIFFUSION, HANGING DROP' 
_exptl_crystal_grow.temp            293 
_exptl_crystal_grow.temp_details    ? 
_exptl_crystal_grow.pH              5.6 
_exptl_crystal_grow.pdbx_details    
'50 mM Na Cacodylate, 40 mM Magnesium Acetate, 10% MPD, pH 5.6, VAPOR DIFFUSION, HANGING DROP, temperature 293K' 
_exptl_crystal_grow.pdbx_pH_range   ? 
# 
_diffrn.id                     1 
_diffrn.ambient_temp           100 
_diffrn.ambient_temp_details   ? 
_diffrn.crystal_id             1 
# 
_diffrn_detector.diffrn_id              1 
_diffrn_detector.detector               CCD 
_diffrn_detector.type                   'ADSC QUANTUM 315r' 
_diffrn_detector.pdbx_collection_date   2011-04-10 
_diffrn_detector.details                ? 
# 
_diffrn_radiation.diffrn_id                        1 
_diffrn_radiation.wavelength_id                    1 
_diffrn_radiation.pdbx_monochromatic_or_laue_m_l   M 
_diffrn_radiation.monochromator                    'channel cut ESRF monochromator' 
_diffrn_radiation.pdbx_diffrn_protocol             'SINGLE WAVELENGTH' 
_diffrn_radiation.pdbx_scattering_type             x-ray 
# 
_diffrn_radiation_wavelength.id           1 
_diffrn_radiation_wavelength.wavelength   0.974 
_diffrn_radiation_wavelength.wt           1.0 
# 
_diffrn_source.diffrn_id                   1 
_diffrn_source.source                      SYNCHROTRON 
_diffrn_source.type                        'ESRF BEAMLINE ID14-4' 
_diffrn_source.pdbx_synchrotron_site       ESRF 
_diffrn_source.pdbx_synchrotron_beamline   ID14-4 
_diffrn_source.pdbx_wavelength             ? 
_diffrn_source.pdbx_wavelength_list        0.974 
# 
_reflns.entry_id                     3T4R 
_reflns.observed_criterion_sigma_I   ? 
_reflns.observed_criterion_sigma_F   ? 
_reflns.d_resolution_low             30.6 
_reflns.d_resolution_high            2.0 
_reflns.number_obs                   6220 
_reflns.number_all                   ? 
_reflns.percent_possible_obs         99.8 
_reflns.pdbx_Rmerge_I_obs            0.072 
_reflns.pdbx_Rsym_value              ? 
_reflns.pdbx_netI_over_sigmaI        20.62 
_reflns.B_iso_Wilson_estimate        43.8 
_reflns.pdbx_redundancy              10.56 
_reflns.R_free_details               ? 
_reflns.limit_h_max                  ? 
_reflns.limit_h_min                  ? 
_reflns.limit_k_max                  ? 
_reflns.limit_k_min                  ? 
_reflns.limit_l_max                  ? 
_reflns.limit_l_min                  ? 
_reflns.observed_criterion_F_max     ? 
_reflns.observed_criterion_F_min     ? 
_reflns.pdbx_chi_squared             ? 
_reflns.pdbx_scaling_rejects         ? 
_reflns.pdbx_ordinal                 1 
_reflns.pdbx_diffrn_id               1 
# 
_reflns_shell.d_res_high             2.00 
_reflns_shell.d_res_low              2.05 
_reflns_shell.percent_possible_all   99.3 
_reflns_shell.Rmerge_I_obs           0.455 
_reflns_shell.pdbx_Rsym_value        ? 
_reflns_shell.meanI_over_sigI_obs    2.88 
_reflns_shell.pdbx_redundancy        3.7 
_reflns_shell.percent_possible_obs   ? 
_reflns_shell.number_unique_all      813 
_reflns_shell.number_measured_all    ? 
_reflns_shell.number_measured_obs    ? 
_reflns_shell.number_unique_obs      ? 
_reflns_shell.pdbx_chi_squared       ? 
_reflns_shell.pdbx_ordinal           1 
_reflns_shell.pdbx_diffrn_id         1 
# 
_refine.entry_id                                 3T4R 
_refine.ls_number_reflns_obs                     5923 
_refine.ls_number_reflns_all                     ? 
_refine.pdbx_ls_sigma_I                          ? 
_refine.pdbx_ls_sigma_F                          ? 
_refine.pdbx_data_cutoff_high_absF               ? 
_refine.pdbx_data_cutoff_low_absF                ? 
_refine.pdbx_data_cutoff_high_rms_absF           ? 
_refine.ls_d_res_low                             30.60 
_refine.ls_d_res_high                            2.0 
_refine.ls_percent_reflns_obs                    99.84 
_refine.ls_R_factor_obs                          0.22922 
_refine.ls_R_factor_all                          0.22922 
_refine.ls_R_factor_R_work                       0.22614 
_refine.ls_R_factor_R_free                       0.29351 
_refine.ls_R_factor_R_free_error                 ? 
_refine.ls_R_factor_R_free_error_details         ? 
_refine.ls_percent_reflns_R_free                 4.6 
_refine.ls_number_reflns_R_free                  288 
_refine.ls_number_parameters                     ? 
_refine.ls_number_restraints                     ? 
_refine.occupancy_min                            ? 
_refine.occupancy_max                            ? 
_refine.correlation_coeff_Fo_to_Fc               0.953 
_refine.correlation_coeff_Fo_to_Fc_free          0.918 
_refine.B_iso_mean                               54.050 
_refine.aniso_B[1][1]                            0.11 
_refine.aniso_B[2][2]                            0.11 
_refine.aniso_B[3][3]                            -0.22 
_refine.aniso_B[1][2]                            0.00 
_refine.aniso_B[1][3]                            0.00 
_refine.aniso_B[2][3]                            0.00 
_refine.solvent_model_details                    MASK 
_refine.solvent_model_param_ksol                 ? 
_refine.solvent_model_param_bsol                 ? 
_refine.pdbx_solvent_vdw_probe_radii             1.40 
_refine.pdbx_solvent_ion_probe_radii             0.80 
_refine.pdbx_solvent_shrinkage_radii             0.80 
_refine.pdbx_ls_cross_valid_method               THROUGHOUT 
_refine.details                                  'HYDROGENS HAVE BEEN ADDED IN THE RIDING POSITIONS' 
_refine.pdbx_starting_model                      ? 
_refine.pdbx_method_to_determine_struct          SAD 
_refine.pdbx_isotropic_thermal_model             ? 
_refine.pdbx_stereochemistry_target_values       'MAXIMUM LIKELIHOOD' 
_refine.pdbx_stereochem_target_val_spec_case     ? 
_refine.pdbx_R_Free_selection_details            RANDOM 
_refine.pdbx_overall_ESU_R_Free                  0.189 
_refine.overall_SU_ML                            0.172 
_refine.pdbx_overall_phase_error                 ? 
_refine.overall_SU_B                             14.241 
_refine.overall_SU_R_Cruickshank_DPI             ? 
_refine.ls_redundancy_reflns_obs                 ? 
_refine.B_iso_min                                ? 
_refine.B_iso_max                                ? 
_refine.overall_SU_R_free                        ? 
_refine.ls_wR_factor_R_free                      ? 
_refine.ls_wR_factor_R_work                      ? 
_refine.overall_FOM_free_R_set                   ? 
_refine.overall_FOM_work_R_set                   ? 
_refine.pdbx_diffrn_id                           1 
_refine.pdbx_refine_id                           'X-RAY DIFFRACTION' 
_refine.pdbx_overall_ESU_R                       ? 
_refine.pdbx_TLS_residual_ADP_flag               ? 
_refine.pdbx_overall_SU_R_free_Cruickshank_DPI   ? 
_refine.pdbx_overall_SU_R_Blow_DPI               ? 
_refine.pdbx_overall_SU_R_free_Blow_DPI          ? 
# 
_refine_analyze.entry_id                        3T4R 
_refine_analyze.Luzzati_coordinate_error_obs    0.188 
_refine_analyze.Luzzati_sigma_a_obs             ? 
_refine_analyze.Luzzati_d_res_low_obs           ? 
_refine_analyze.Luzzati_coordinate_error_free   0.189 
_refine_analyze.Luzzati_sigma_a_free            ? 
_refine_analyze.Luzzati_d_res_low_free          ? 
_refine_analyze.number_disordered_residues      ? 
_refine_analyze.occupancy_sum_hydrogen          ? 
_refine_analyze.occupancy_sum_non_hydrogen      ? 
_refine_analyze.pdbx_Luzzati_d_res_high_obs     ? 
_refine_analyze.pdbx_refine_id                  'X-RAY DIFFRACTION' 
# 
_refine_hist.pdbx_refine_id                   'X-RAY DIFFRACTION' 
_refine_hist.cycle_id                         LAST 
_refine_hist.pdbx_number_atoms_protein        577 
_refine_hist.pdbx_number_atoms_nucleic_acid   0 
_refine_hist.pdbx_number_atoms_ligand         1 
_refine_hist.number_atoms_solvent             22 
_refine_hist.number_atoms_total               600 
_refine_hist.d_res_high                       2.0 
_refine_hist.d_res_low                        30.60 
# 
loop_
_refine_ls_restr.type 
_refine_ls_restr.dev_ideal 
_refine_ls_restr.dev_ideal_target 
_refine_ls_restr.weight 
_refine_ls_restr.number 
_refine_ls_restr.pdbx_restraint_function 
_refine_ls_restr.pdbx_refine_id 
r_bond_refined_d       0.027  0.022  ? 582 ? 'X-RAY DIFFRACTION' 
r_angle_refined_deg    2.064  2.001  ? 793 ? 'X-RAY DIFFRACTION' 
r_dihedral_angle_1_deg 6.941  5.000  ? 75  ? 'X-RAY DIFFRACTION' 
r_dihedral_angle_2_deg 44.606 26.923 ? 26  ? 'X-RAY DIFFRACTION' 
r_dihedral_angle_3_deg 21.884 15.000 ? 106 ? 'X-RAY DIFFRACTION' 
r_dihedral_angle_4_deg 6.797  15.000 ? 1   ? 'X-RAY DIFFRACTION' 
r_chiral_restr         0.143  0.200  ? 94  ? 'X-RAY DIFFRACTION' 
r_gen_planes_refined   0.015  0.021  ? 430 ? 'X-RAY DIFFRACTION' 
r_mcbond_it            1.026  1.500  ? 363 ? 'X-RAY DIFFRACTION' 
r_mcangle_it           1.742  2.000  ? 586 ? 'X-RAY DIFFRACTION' 
r_scbond_it            2.984  3.000  ? 219 ? 'X-RAY DIFFRACTION' 
r_scangle_it           4.588  4.500  ? 205 ? 'X-RAY DIFFRACTION' 
# 
_refine_ls_shell.pdbx_total_number_of_bins_used   20 
_refine_ls_shell.d_res_high                       2.0 
_refine_ls_shell.d_res_low                        2.05 
_refine_ls_shell.number_reflns_R_work             430 
_refine_ls_shell.R_factor_R_work                  0.290 
_refine_ls_shell.percent_reflns_obs               99.33 
_refine_ls_shell.R_factor_R_free                  0.293 
_refine_ls_shell.R_factor_R_free_error            ? 
_refine_ls_shell.percent_reflns_R_free            ? 
_refine_ls_shell.number_reflns_R_free             16 
_refine_ls_shell.number_reflns_all                ? 
_refine_ls_shell.R_factor_all                     ? 
_refine_ls_shell.number_reflns_obs                813 
_refine_ls_shell.redundancy_reflns_obs            ? 
_refine_ls_shell.pdbx_refine_id                   'X-RAY DIFFRACTION' 
# 
_struct.entry_id                  3T4R 
_struct.title                     'Lettuce Necrotic Yellow Virus Phosphoprotein C-Terminal Domain' 
_struct.pdbx_model_details        ? 
_struct.pdbx_CASP_flag            ? 
_struct.pdbx_model_type_details   ? 
# 
_struct_keywords.entry_id        3T4R 
_struct_keywords.pdbx_keywords   'VIRAL PROTEIN' 
_struct_keywords.text            'Helical bundle, Nucleoprotein, VIRAL PROTEIN' 
# 
loop_
_struct_asym.id 
_struct_asym.pdbx_blank_PDB_chainid_flag 
_struct_asym.pdbx_modified 
_struct_asym.entity_id 
_struct_asym.details 
A N N 1 ? 
B N N 2 ? 
C N N 3 ? 
# 
_struct_ref.id                         1 
_struct_ref.db_name                    UNP 
_struct_ref.db_code                    VP4A_LNYV3 
_struct_ref.pdbx_db_accession          Q9E7N7 
_struct_ref.entity_id                  1 
_struct_ref.pdbx_seq_one_letter_code   RIRHEKEKLLADLDWEIGEIAQYTPLIVDFLVPDDILAMAADGLTPELKEKIQNEIIENHIALMALEEYSS 
_struct_ref.pdbx_align_begin           230 
_struct_ref.pdbx_db_isoform            ? 
# 
_struct_ref_seq.align_id                      1 
_struct_ref_seq.ref_id                        1 
_struct_ref_seq.pdbx_PDB_id_code              3T4R 
_struct_ref_seq.pdbx_strand_id                A 
_struct_ref_seq.seq_align_beg                 3 
_struct_ref_seq.pdbx_seq_align_beg_ins_code   ? 
_struct_ref_seq.seq_align_end                 73 
_struct_ref_seq.pdbx_seq_align_end_ins_code   ? 
_struct_ref_seq.pdbx_db_accession             Q9E7N7 
_struct_ref_seq.db_align_beg                  230 
_struct_ref_seq.pdbx_db_align_beg_ins_code    ? 
_struct_ref_seq.db_align_end                  300 
_struct_ref_seq.pdbx_db_align_end_ins_code    ? 
_struct_ref_seq.pdbx_auth_seq_align_beg       3 
_struct_ref_seq.pdbx_auth_seq_align_end       73 
# 
loop_
_struct_ref_seq_dif.align_id 
_struct_ref_seq_dif.pdbx_pdb_id_code 
_struct_ref_seq_dif.mon_id 
_struct_ref_seq_dif.pdbx_pdb_strand_id 
_struct_ref_seq_dif.seq_num 
_struct_ref_seq_dif.pdbx_pdb_ins_code 
_struct_ref_seq_dif.pdbx_seq_db_name 
_struct_ref_seq_dif.pdbx_seq_db_accession_code 
_struct_ref_seq_dif.db_mon_id 
_struct_ref_seq_dif.pdbx_seq_db_seq_num 
_struct_ref_seq_dif.details 
_struct_ref_seq_dif.pdbx_auth_seq_num 
_struct_ref_seq_dif.pdbx_ordinal 
1 3T4R MSE A 1  ? UNP Q9E7N7 ? ? 'expression tag' 1  1  
1 3T4R ALA A 2  ? UNP Q9E7N7 ? ? 'expression tag' 2  2  
1 3T4R LEU A 74 ? UNP Q9E7N7 ? ? 'expression tag' 74 3  
1 3T4R GLU A 75 ? UNP Q9E7N7 ? ? 'expression tag' 75 4  
1 3T4R HIS A 76 ? UNP Q9E7N7 ? ? 'expression tag' 76 5  
1 3T4R HIS A 77 ? UNP Q9E7N7 ? ? 'expression tag' 77 6  
1 3T4R HIS A 78 ? UNP Q9E7N7 ? ? 'expression tag' 78 7  
1 3T4R HIS A 79 ? UNP Q9E7N7 ? ? 'expression tag' 79 8  
1 3T4R HIS A 80 ? UNP Q9E7N7 ? ? 'expression tag' 80 9  
1 3T4R HIS A 81 ? UNP Q9E7N7 ? ? 'expression tag' 81 10 
# 
_pdbx_struct_assembly.id                   1 
_pdbx_struct_assembly.details              author_defined_assembly 
_pdbx_struct_assembly.method_details       ? 
_pdbx_struct_assembly.oligomeric_details   monomeric 
_pdbx_struct_assembly.oligomeric_count     1 
# 
_pdbx_struct_assembly_gen.assembly_id       1 
_pdbx_struct_assembly_gen.oper_expression   1 
_pdbx_struct_assembly_gen.asym_id_list      A,B,C 
# 
_pdbx_struct_oper_list.id                   1 
_pdbx_struct_oper_list.type                 'identity operation' 
_pdbx_struct_oper_list.name                 1_555 
_pdbx_struct_oper_list.symmetry_operation   x,y,z 
_pdbx_struct_oper_list.matrix[1][1]         1.0000000000 
_pdbx_struct_oper_list.matrix[1][2]         0.0000000000 
_pdbx_struct_oper_list.matrix[1][3]         0.0000000000 
_pdbx_struct_oper_list.vector[1]            0.0000000000 
_pdbx_struct_oper_list.matrix[2][1]         0.0000000000 
_pdbx_struct_oper_list.matrix[2][2]         1.0000000000 
_pdbx_struct_oper_list.matrix[2][3]         0.0000000000 
_pdbx_struct_oper_list.vector[2]            0.0000000000 
_pdbx_struct_oper_list.matrix[3][1]         0.0000000000 
_pdbx_struct_oper_list.matrix[3][2]         0.0000000000 
_pdbx_struct_oper_list.matrix[3][3]         1.0000000000 
_pdbx_struct_oper_list.vector[3]            0.0000000000 
# 
_struct_biol.id        1 
_struct_biol.details   ? 
# 
loop_
_struct_conf.conf_type_id 
_struct_conf.id 
_struct_conf.pdbx_PDB_helix_id 
_struct_conf.beg_label_comp_id 
_struct_conf.beg_label_asym_id 
_struct_conf.beg_label_seq_id 
_struct_conf.pdbx_beg_PDB_ins_code 
_struct_conf.end_label_comp_id 
_struct_conf.end_label_asym_id 
_struct_conf.end_label_seq_id 
_struct_conf.pdbx_end_PDB_ins_code 
_struct_conf.beg_auth_comp_id 
_struct_conf.beg_auth_asym_id 
_struct_conf.beg_auth_seq_id 
_struct_conf.end_auth_comp_id 
_struct_conf.end_auth_asym_id 
_struct_conf.end_auth_seq_id 
_struct_conf.pdbx_PDB_helix_class 
_struct_conf.details 
_struct_conf.pdbx_PDB_helix_length 
HELX_P HELX_P1 1 ARG A 3  ? LEU A 15 ? ARG A 3  LEU A 15 1 ? 13 
HELX_P HELX_P2 2 GLU A 18 ? ALA A 23 ? GLU A 18 ALA A 23 1 ? 6  
HELX_P HELX_P3 3 THR A 26 ? VAL A 34 ? THR A 26 VAL A 34 1 ? 9  
HELX_P HELX_P4 4 PRO A 35 ? ALA A 42 ? PRO A 35 ALA A 42 1 ? 8  
HELX_P HELX_P5 5 GLU A 49 ? LEU A 74 ? GLU A 49 LEU A 74 1 ? 26 
# 
_struct_conf_type.id          HELX_P 
_struct_conf_type.criteria    ? 
_struct_conf_type.reference   ? 
# 
loop_
_struct_conn.id 
_struct_conn.conn_type_id 
_struct_conn.pdbx_leaving_atom_flag 
_struct_conn.pdbx_PDB_id 
_struct_conn.ptnr1_label_asym_id 
_struct_conn.ptnr1_label_comp_id 
_struct_conn.ptnr1_label_seq_id 
_struct_conn.ptnr1_label_atom_id 
_struct_conn.pdbx_ptnr1_label_alt_id 
_struct_conn.pdbx_ptnr1_PDB_ins_code 
_struct_conn.pdbx_ptnr1_standard_comp_id 
_struct_conn.ptnr1_symmetry 
_struct_conn.ptnr2_label_asym_id 
_struct_conn.ptnr2_label_comp_id 
_struct_conn.ptnr2_label_seq_id 
_struct_conn.ptnr2_label_atom_id 
_struct_conn.pdbx_ptnr2_label_alt_id 
_struct_conn.pdbx_ptnr2_PDB_ins_code 
_struct_conn.ptnr1_auth_asym_id 
_struct_conn.ptnr1_auth_comp_id 
_struct_conn.ptnr1_auth_seq_id 
_struct_conn.ptnr2_auth_asym_id 
_struct_conn.ptnr2_auth_comp_id 
_struct_conn.ptnr2_auth_seq_id 
_struct_conn.ptnr2_symmetry 
_struct_conn.pdbx_ptnr3_label_atom_id 
_struct_conn.pdbx_ptnr3_label_seq_id 
_struct_conn.pdbx_ptnr3_label_comp_id 
_struct_conn.pdbx_ptnr3_label_asym_id 
_struct_conn.pdbx_ptnr3_label_alt_id 
_struct_conn.pdbx_ptnr3_PDB_ins_code 
_struct_conn.details 
_struct_conn.pdbx_dist_value 
_struct_conn.pdbx_value_order 
_struct_conn.pdbx_role 
covale1 covale both ? A ALA 40 C   ? ? ? 1_555 A MSE 41 N  ? ? A ALA 40 A MSE 41 1_555 ? ? ? ? ? ? ? 1.327 ? ? 
covale2 covale both ? A MSE 41 C   ? ? ? 1_555 A ALA 42 N  ? ? A MSE 41 A ALA 42 1_555 ? ? ? ? ? ? ? 1.333 ? ? 
covale3 covale both ? A LEU 65 C   ? ? ? 1_555 A MSE 66 N  ? ? A LEU 65 A MSE 66 1_555 ? ? ? ? ? ? ? 1.325 ? ? 
covale4 covale both ? A MSE 66 C   ? ? ? 1_555 A ALA 67 N  ? ? A MSE 66 A ALA 67 1_555 ? ? ? ? ? ? ? 1.327 ? ? 
metalc1 metalc ?    ? A ASP 36 OD2 ? ? ? 1_555 B MG  .  MG ? ? A ASP 36 A MG  82 1_555 ? ? ? ? ? ? ? 2.613 ? ? 
# 
loop_
_struct_conn_type.id 
_struct_conn_type.criteria 
_struct_conn_type.reference 
covale ? ? 
metalc ? ? 
# 
loop_
_pdbx_modification_feature.ordinal 
_pdbx_modification_feature.label_comp_id 
_pdbx_modification_feature.label_asym_id 
_pdbx_modification_feature.label_seq_id 
_pdbx_modification_feature.label_alt_id 
_pdbx_modification_feature.modified_residue_label_comp_id 
_pdbx_modification_feature.modified_residue_label_asym_id 
_pdbx_modification_feature.modified_residue_label_seq_id 
_pdbx_modification_feature.modified_residue_label_alt_id 
_pdbx_modification_feature.auth_comp_id 
_pdbx_modification_feature.auth_asym_id 
_pdbx_modification_feature.auth_seq_id 
_pdbx_modification_feature.PDB_ins_code 
_pdbx_modification_feature.symmetry 
_pdbx_modification_feature.modified_residue_auth_comp_id 
_pdbx_modification_feature.modified_residue_auth_asym_id 
_pdbx_modification_feature.modified_residue_auth_seq_id 
_pdbx_modification_feature.modified_residue_PDB_ins_code 
_pdbx_modification_feature.modified_residue_symmetry 
_pdbx_modification_feature.comp_id_linking_atom 
_pdbx_modification_feature.modified_residue_id_linking_atom 
_pdbx_modification_feature.modified_residue_id 
_pdbx_modification_feature.ref_pcm_id 
_pdbx_modification_feature.ref_comp_id 
_pdbx_modification_feature.type 
_pdbx_modification_feature.category 
1 MSE A 41 ? . . . . MSE A 41 ? 1_555 . . . . . . . MET 1 MSE Selenomethionine 'Named protein modification' 
2 MSE A 66 ? . . . . MSE A 66 ? 1_555 . . . . . . . MET 1 MSE Selenomethionine 'Named protein modification' 
# 
_struct_mon_prot_cis.pdbx_id                1 
_struct_mon_prot_cis.label_comp_id          LEU 
_struct_mon_prot_cis.label_seq_id           46 
_struct_mon_prot_cis.label_asym_id          A 
_struct_mon_prot_cis.label_alt_id           . 
_struct_mon_prot_cis.pdbx_PDB_ins_code      ? 
_struct_mon_prot_cis.auth_comp_id           LEU 
_struct_mon_prot_cis.auth_seq_id            46 
_struct_mon_prot_cis.auth_asym_id           A 
_struct_mon_prot_cis.pdbx_label_comp_id_2   THR 
_struct_mon_prot_cis.pdbx_label_seq_id_2    47 
_struct_mon_prot_cis.pdbx_label_asym_id_2   A 
_struct_mon_prot_cis.pdbx_PDB_ins_code_2    ? 
_struct_mon_prot_cis.pdbx_auth_comp_id_2    THR 
_struct_mon_prot_cis.pdbx_auth_seq_id_2     47 
_struct_mon_prot_cis.pdbx_auth_asym_id_2    A 
_struct_mon_prot_cis.pdbx_PDB_model_num     1 
_struct_mon_prot_cis.pdbx_omega_angle       6.03 
# 
_struct_site.id                   AC1 
_struct_site.pdbx_evidence_code   Software 
_struct_site.pdbx_auth_asym_id    A 
_struct_site.pdbx_auth_comp_id    MG 
_struct_site.pdbx_auth_seq_id     82 
_struct_site.pdbx_auth_ins_code   ? 
_struct_site.pdbx_num_residues    2 
_struct_site.details              'BINDING SITE FOR RESIDUE MG A 82' 
# 
loop_
_struct_site_gen.id 
_struct_site_gen.site_id 
_struct_site_gen.pdbx_num_res 
_struct_site_gen.label_comp_id 
_struct_site_gen.label_asym_id 
_struct_site_gen.label_seq_id 
_struct_site_gen.pdbx_auth_ins_code 
_struct_site_gen.auth_comp_id 
_struct_site_gen.auth_asym_id 
_struct_site_gen.auth_seq_id 
_struct_site_gen.label_atom_id 
_struct_site_gen.label_alt_id 
_struct_site_gen.symmetry 
_struct_site_gen.details 
1 AC1 2 ASP A 36 ? ASP A 36 . ? 1_555 ? 
2 AC1 2 ASP A 36 ? ASP A 36 . ? 7_555 ? 
# 
_pdbx_entry_details.entry_id                   3T4R 
_pdbx_entry_details.compound_details           ? 
_pdbx_entry_details.source_details             ? 
_pdbx_entry_details.nonpolymer_details         ? 
_pdbx_entry_details.sequence_details           ? 
_pdbx_entry_details.has_ligand_of_interest     ? 
_pdbx_entry_details.has_protein_modification   Y 
# 
loop_
_pdbx_validate_rmsd_bond.id 
_pdbx_validate_rmsd_bond.PDB_model_num 
_pdbx_validate_rmsd_bond.auth_atom_id_1 
_pdbx_validate_rmsd_bond.auth_asym_id_1 
_pdbx_validate_rmsd_bond.auth_comp_id_1 
_pdbx_validate_rmsd_bond.auth_seq_id_1 
_pdbx_validate_rmsd_bond.PDB_ins_code_1 
_pdbx_validate_rmsd_bond.label_alt_id_1 
_pdbx_validate_rmsd_bond.auth_atom_id_2 
_pdbx_validate_rmsd_bond.auth_asym_id_2 
_pdbx_validate_rmsd_bond.auth_comp_id_2 
_pdbx_validate_rmsd_bond.auth_seq_id_2 
_pdbx_validate_rmsd_bond.PDB_ins_code_2 
_pdbx_validate_rmsd_bond.label_alt_id_2 
_pdbx_validate_rmsd_bond.bond_value 
_pdbx_validate_rmsd_bond.bond_target_value 
_pdbx_validate_rmsd_bond.bond_deviation 
_pdbx_validate_rmsd_bond.bond_standard_deviation 
_pdbx_validate_rmsd_bond.linker_flag 
1 1 CB A ARG 3  ? ? CG  A ARG 3  ? ? 1.338 1.521 -0.183 0.027 N 
2 1 CB A GLN 24 ? ? CG  A GLN 24 ? ? 1.178 1.521 -0.343 0.027 N 
3 1 CA A THR 47 ? ? CB  A THR 47 ? ? 1.740 1.529 0.211  0.026 N 
4 1 CG A GLU 49 ? ? CD  A GLU 49 ? ? 1.620 1.515 0.105  0.015 N 
5 1 CD A GLU 49 ? ? OE1 A GLU 49 ? ? 1.383 1.252 0.131  0.011 N 
6 1 CD A GLU 60 ? ? OE2 A GLU 60 ? ? 1.327 1.252 0.075  0.011 N 
7 1 CG A GLU 69 ? ? CD  A GLU 69 ? ? 1.406 1.515 -0.109 0.015 N 
# 
_pdbx_validate_rmsd_angle.id                         1 
_pdbx_validate_rmsd_angle.PDB_model_num              1 
_pdbx_validate_rmsd_angle.auth_atom_id_1             N 
_pdbx_validate_rmsd_angle.auth_asym_id_1             A 
_pdbx_validate_rmsd_angle.auth_comp_id_1             THR 
_pdbx_validate_rmsd_angle.auth_seq_id_1              47 
_pdbx_validate_rmsd_angle.PDB_ins_code_1             ? 
_pdbx_validate_rmsd_angle.label_alt_id_1             ? 
_pdbx_validate_rmsd_angle.auth_atom_id_2             CA 
_pdbx_validate_rmsd_angle.auth_asym_id_2             A 
_pdbx_validate_rmsd_angle.auth_comp_id_2             THR 
_pdbx_validate_rmsd_angle.auth_seq_id_2              47 
_pdbx_validate_rmsd_angle.PDB_ins_code_2             ? 
_pdbx_validate_rmsd_angle.label_alt_id_2             ? 
_pdbx_validate_rmsd_angle.auth_atom_id_3             CB 
_pdbx_validate_rmsd_angle.auth_asym_id_3             A 
_pdbx_validate_rmsd_angle.auth_comp_id_3             THR 
_pdbx_validate_rmsd_angle.auth_seq_id_3              47 
_pdbx_validate_rmsd_angle.PDB_ins_code_3             ? 
_pdbx_validate_rmsd_angle.label_alt_id_3             ? 
_pdbx_validate_rmsd_angle.angle_value                89.79 
_pdbx_validate_rmsd_angle.angle_target_value         110.30 
_pdbx_validate_rmsd_angle.angle_deviation            -20.51 
_pdbx_validate_rmsd_angle.angle_standard_deviation   1.90 
_pdbx_validate_rmsd_angle.linker_flag                N 
# 
loop_
_pdbx_validate_torsion.id 
_pdbx_validate_torsion.PDB_model_num 
_pdbx_validate_torsion.auth_comp_id 
_pdbx_validate_torsion.auth_asym_id 
_pdbx_validate_torsion.auth_seq_id 
_pdbx_validate_torsion.PDB_ins_code 
_pdbx_validate_torsion.label_alt_id 
_pdbx_validate_torsion.phi 
_pdbx_validate_torsion.psi 
1 1 ASP A 16 ? ? 83.41   14.68   
2 1 THR A 47 ? ? -144.72 -8.99   
3 1 PRO A 48 ? ? 20.87   -114.58 
# 
loop_
_pdbx_struct_mod_residue.id 
_pdbx_struct_mod_residue.label_asym_id 
_pdbx_struct_mod_residue.label_comp_id 
_pdbx_struct_mod_residue.label_seq_id 
_pdbx_struct_mod_residue.auth_asym_id 
_pdbx_struct_mod_residue.auth_comp_id 
_pdbx_struct_mod_residue.auth_seq_id 
_pdbx_struct_mod_residue.PDB_ins_code 
_pdbx_struct_mod_residue.parent_comp_id 
_pdbx_struct_mod_residue.details 
1 A MSE 41 A MSE 41 ? MET SELENOMETHIONINE 
2 A MSE 66 A MSE 66 ? MET SELENOMETHIONINE 
# 
_pdbx_struct_special_symmetry.id              1 
_pdbx_struct_special_symmetry.PDB_model_num   1 
_pdbx_struct_special_symmetry.auth_asym_id    A 
_pdbx_struct_special_symmetry.auth_comp_id    MG 
_pdbx_struct_special_symmetry.auth_seq_id     82 
_pdbx_struct_special_symmetry.PDB_ins_code    ? 
_pdbx_struct_special_symmetry.label_asym_id   B 
_pdbx_struct_special_symmetry.label_comp_id   MG 
_pdbx_struct_special_symmetry.label_seq_id    . 
# 
loop_
_pdbx_refine_tls.pdbx_refine_id 
_pdbx_refine_tls.id 
_pdbx_refine_tls.details 
_pdbx_refine_tls.method 
_pdbx_refine_tls.origin_x 
_pdbx_refine_tls.origin_y 
_pdbx_refine_tls.origin_z 
_pdbx_refine_tls.T[1][1] 
_pdbx_refine_tls.T[2][2] 
_pdbx_refine_tls.T[3][3] 
_pdbx_refine_tls.T[1][2] 
_pdbx_refine_tls.T[1][3] 
_pdbx_refine_tls.T[2][3] 
_pdbx_refine_tls.L[1][1] 
_pdbx_refine_tls.L[2][2] 
_pdbx_refine_tls.L[3][3] 
_pdbx_refine_tls.L[1][2] 
_pdbx_refine_tls.L[1][3] 
_pdbx_refine_tls.L[2][3] 
_pdbx_refine_tls.S[1][1] 
_pdbx_refine_tls.S[1][2] 
_pdbx_refine_tls.S[1][3] 
_pdbx_refine_tls.S[2][1] 
_pdbx_refine_tls.S[2][2] 
_pdbx_refine_tls.S[2][3] 
_pdbx_refine_tls.S[3][1] 
_pdbx_refine_tls.S[3][2] 
_pdbx_refine_tls.S[3][3] 
'X-RAY DIFFRACTION' 1 ? refined -3.4567 1.0186  -6.4580 0.0838 0.0694 0.0843 -0.0156 -0.1016 -0.0029 7.2880  13.2594 7.8077  3.3622  4.8289   3.2761  -0.0682 0.2370  0.2718  -0.2644 0.3720  0.3033  -0.1520 0.0755  -0.3038 
'X-RAY DIFFRACTION' 2 ? refined -8.9120 0.1929  1.5790  0.1621 0.1504 0.1473 -0.0459 -0.0261 0.0212  4.1155  14.7063 13.4252 2.2537  3.4619   7.2534  0.6854  -0.5662 0.1436  1.2470  -0.5705 0.5804  0.6388  -1.0514 -0.1149 
'X-RAY DIFFRACTION' 3 ? refined 4.1289  4.0349  -3.5392 0.1542 0.1038 0.2217 -0.0051 -0.1097 -0.0050 17.2631 11.3398 14.3536 -2.8751 -3.3231  1.5544  0.0326  0.7940  -0.0277 -0.0284 0.0304  -0.9045 -0.0237 0.5698  -0.0629 
'X-RAY DIFFRACTION' 4 ? refined 6.7640  -6.3557 -4.3052 0.2984 0.3034 0.4207 0.1828  -0.2476 -0.1371 17.0751 12.6448 25.3136 -0.5710 2.3759   -5.1113 0.5676  1.9408  -0.9662 -0.7147 -0.0125 -0.9121 1.8921  1.9286  -0.5551 
'X-RAY DIFFRACTION' 5 ? refined 0.0075  0.0331  15.9254 0.4254 0.1582 0.4316 0.0653  0.1020  0.0710  10.3400 4.3350  60.1228 1.2097  -14.7272 -3.0708 0.2353  -0.9416 0.8631  0.5775  0.7969  1.6072  0.6932  -0.5427 -1.0322  
# 
loop_
_pdbx_refine_tls_group.pdbx_refine_id 
_pdbx_refine_tls_group.id 
_pdbx_refine_tls_group.refine_tls_id 
_pdbx_refine_tls_group.beg_auth_asym_id 
_pdbx_refine_tls_group.beg_auth_seq_id 
_pdbx_refine_tls_group.beg_label_asym_id 
_pdbx_refine_tls_group.beg_label_seq_id 
_pdbx_refine_tls_group.end_auth_asym_id 
_pdbx_refine_tls_group.end_auth_seq_id 
_pdbx_refine_tls_group.end_label_asym_id 
_pdbx_refine_tls_group.end_label_seq_id 
_pdbx_refine_tls_group.selection 
_pdbx_refine_tls_group.selection_details 
'X-RAY DIFFRACTION' 1 1 A 3  ? ? A 17 ? ? ? ? 
'X-RAY DIFFRACTION' 2 2 A 18 ? ? A 29 ? ? ? ? 
'X-RAY DIFFRACTION' 3 3 A 30 ? ? A 45 ? ? ? ? 
'X-RAY DIFFRACTION' 4 4 A 46 ? ? A 59 ? ? ? ? 
'X-RAY DIFFRACTION' 5 5 A 60 ? ? A 74 ? ? ? ? 
# 
loop_
_pdbx_unobs_or_zero_occ_residues.id 
_pdbx_unobs_or_zero_occ_residues.PDB_model_num 
_pdbx_unobs_or_zero_occ_residues.polymer_flag 
_pdbx_unobs_or_zero_occ_residues.occupancy_flag 
_pdbx_unobs_or_zero_occ_residues.auth_asym_id 
_pdbx_unobs_or_zero_occ_residues.auth_comp_id 
_pdbx_unobs_or_zero_occ_residues.auth_seq_id 
_pdbx_unobs_or_zero_occ_residues.PDB_ins_code 
_pdbx_unobs_or_zero_occ_residues.label_asym_id 
_pdbx_unobs_or_zero_occ_residues.label_comp_id 
_pdbx_unobs_or_zero_occ_residues.label_seq_id 
1 1 Y 1 A MSE 1  ? A MSE 1  
2 1 Y 1 A ALA 2  ? A ALA 2  
3 1 Y 1 A GLU 75 ? A GLU 75 
4 1 Y 1 A HIS 76 ? A HIS 76 
5 1 Y 1 A HIS 77 ? A HIS 77 
6 1 Y 1 A HIS 78 ? A HIS 78 
7 1 Y 1 A HIS 79 ? A HIS 79 
8 1 Y 1 A HIS 80 ? A HIS 80 
9 1 Y 1 A HIS 81 ? A HIS 81 
# 
loop_
_chem_comp_atom.comp_id 
_chem_comp_atom.atom_id 
_chem_comp_atom.type_symbol 
_chem_comp_atom.pdbx_aromatic_flag 
_chem_comp_atom.pdbx_stereo_config 
_chem_comp_atom.pdbx_ordinal 
ALA N    N  N N 1   
ALA CA   C  N S 2   
ALA C    C  N N 3   
ALA O    O  N N 4   
ALA CB   C  N N 5   
ALA OXT  O  N N 6   
ALA H    H  N N 7   
ALA H2   H  N N 8   
ALA HA   H  N N 9   
ALA HB1  H  N N 10  
ALA HB2  H  N N 11  
ALA HB3  H  N N 12  
ALA HXT  H  N N 13  
ARG N    N  N N 14  
ARG CA   C  N S 15  
ARG C    C  N N 16  
ARG O    O  N N 17  
ARG CB   C  N N 18  
ARG CG   C  N N 19  
ARG CD   C  N N 20  
ARG NE   N  N N 21  
ARG CZ   C  N N 22  
ARG NH1  N  N N 23  
ARG NH2  N  N N 24  
ARG OXT  O  N N 25  
ARG H    H  N N 26  
ARG H2   H  N N 27  
ARG HA   H  N N 28  
ARG HB2  H  N N 29  
ARG HB3  H  N N 30  
ARG HG2  H  N N 31  
ARG HG3  H  N N 32  
ARG HD2  H  N N 33  
ARG HD3  H  N N 34  
ARG HE   H  N N 35  
ARG HH11 H  N N 36  
ARG HH12 H  N N 37  
ARG HH21 H  N N 38  
ARG HH22 H  N N 39  
ARG HXT  H  N N 40  
ASN N    N  N N 41  
ASN CA   C  N S 42  
ASN C    C  N N 43  
ASN O    O  N N 44  
ASN CB   C  N N 45  
ASN CG   C  N N 46  
ASN OD1  O  N N 47  
ASN ND2  N  N N 48  
ASN OXT  O  N N 49  
ASN H    H  N N 50  
ASN H2   H  N N 51  
ASN HA   H  N N 52  
ASN HB2  H  N N 53  
ASN HB3  H  N N 54  
ASN HD21 H  N N 55  
ASN HD22 H  N N 56  
ASN HXT  H  N N 57  
ASP N    N  N N 58  
ASP CA   C  N S 59  
ASP C    C  N N 60  
ASP O    O  N N 61  
ASP CB   C  N N 62  
ASP CG   C  N N 63  
ASP OD1  O  N N 64  
ASP OD2  O  N N 65  
ASP OXT  O  N N 66  
ASP H    H  N N 67  
ASP H2   H  N N 68  
ASP HA   H  N N 69  
ASP HB2  H  N N 70  
ASP HB3  H  N N 71  
ASP HD2  H  N N 72  
ASP HXT  H  N N 73  
GLN N    N  N N 74  
GLN CA   C  N S 75  
GLN C    C  N N 76  
GLN O    O  N N 77  
GLN CB   C  N N 78  
GLN CG   C  N N 79  
GLN CD   C  N N 80  
GLN OE1  O  N N 81  
GLN NE2  N  N N 82  
GLN OXT  O  N N 83  
GLN H    H  N N 84  
GLN H2   H  N N 85  
GLN HA   H  N N 86  
GLN HB2  H  N N 87  
GLN HB3  H  N N 88  
GLN HG2  H  N N 89  
GLN HG3  H  N N 90  
GLN HE21 H  N N 91  
GLN HE22 H  N N 92  
GLN HXT  H  N N 93  
GLU N    N  N N 94  
GLU CA   C  N S 95  
GLU C    C  N N 96  
GLU O    O  N N 97  
GLU CB   C  N N 98  
GLU CG   C  N N 99  
GLU CD   C  N N 100 
GLU OE1  O  N N 101 
GLU OE2  O  N N 102 
GLU OXT  O  N N 103 
GLU H    H  N N 104 
GLU H2   H  N N 105 
GLU HA   H  N N 106 
GLU HB2  H  N N 107 
GLU HB3  H  N N 108 
GLU HG2  H  N N 109 
GLU HG3  H  N N 110 
GLU HE2  H  N N 111 
GLU HXT  H  N N 112 
GLY N    N  N N 113 
GLY CA   C  N N 114 
GLY C    C  N N 115 
GLY O    O  N N 116 
GLY OXT  O  N N 117 
GLY H    H  N N 118 
GLY H2   H  N N 119 
GLY HA2  H  N N 120 
GLY HA3  H  N N 121 
GLY HXT  H  N N 122 
HIS N    N  N N 123 
HIS CA   C  N S 124 
HIS C    C  N N 125 
HIS O    O  N N 126 
HIS CB   C  N N 127 
HIS CG   C  Y N 128 
HIS ND1  N  Y N 129 
HIS CD2  C  Y N 130 
HIS CE1  C  Y N 131 
HIS NE2  N  Y N 132 
HIS OXT  O  N N 133 
HIS H    H  N N 134 
HIS H2   H  N N 135 
HIS HA   H  N N 136 
HIS HB2  H  N N 137 
HIS HB3  H  N N 138 
HIS HD1  H  N N 139 
HIS HD2  H  N N 140 
HIS HE1  H  N N 141 
HIS HE2  H  N N 142 
HIS HXT  H  N N 143 
HOH O    O  N N 144 
HOH H1   H  N N 145 
HOH H2   H  N N 146 
ILE N    N  N N 147 
ILE CA   C  N S 148 
ILE C    C  N N 149 
ILE O    O  N N 150 
ILE CB   C  N S 151 
ILE CG1  C  N N 152 
ILE CG2  C  N N 153 
ILE CD1  C  N N 154 
ILE OXT  O  N N 155 
ILE H    H  N N 156 
ILE H2   H  N N 157 
ILE HA   H  N N 158 
ILE HB   H  N N 159 
ILE HG12 H  N N 160 
ILE HG13 H  N N 161 
ILE HG21 H  N N 162 
ILE HG22 H  N N 163 
ILE HG23 H  N N 164 
ILE HD11 H  N N 165 
ILE HD12 H  N N 166 
ILE HD13 H  N N 167 
ILE HXT  H  N N 168 
LEU N    N  N N 169 
LEU CA   C  N S 170 
LEU C    C  N N 171 
LEU O    O  N N 172 
LEU CB   C  N N 173 
LEU CG   C  N N 174 
LEU CD1  C  N N 175 
LEU CD2  C  N N 176 
LEU OXT  O  N N 177 
LEU H    H  N N 178 
LEU H2   H  N N 179 
LEU HA   H  N N 180 
LEU HB2  H  N N 181 
LEU HB3  H  N N 182 
LEU HG   H  N N 183 
LEU HD11 H  N N 184 
LEU HD12 H  N N 185 
LEU HD13 H  N N 186 
LEU HD21 H  N N 187 
LEU HD22 H  N N 188 
LEU HD23 H  N N 189 
LEU HXT  H  N N 190 
LYS N    N  N N 191 
LYS CA   C  N S 192 
LYS C    C  N N 193 
LYS O    O  N N 194 
LYS CB   C  N N 195 
LYS CG   C  N N 196 
LYS CD   C  N N 197 
LYS CE   C  N N 198 
LYS NZ   N  N N 199 
LYS OXT  O  N N 200 
LYS H    H  N N 201 
LYS H2   H  N N 202 
LYS HA   H  N N 203 
LYS HB2  H  N N 204 
LYS HB3  H  N N 205 
LYS HG2  H  N N 206 
LYS HG3  H  N N 207 
LYS HD2  H  N N 208 
LYS HD3  H  N N 209 
LYS HE2  H  N N 210 
LYS HE3  H  N N 211 
LYS HZ1  H  N N 212 
LYS HZ2  H  N N 213 
LYS HZ3  H  N N 214 
LYS HXT  H  N N 215 
MG  MG   MG N N 216 
MSE N    N  N N 217 
MSE CA   C  N S 218 
MSE C    C  N N 219 
MSE O    O  N N 220 
MSE OXT  O  N N 221 
MSE CB   C  N N 222 
MSE CG   C  N N 223 
MSE SE   SE N N 224 
MSE CE   C  N N 225 
MSE H    H  N N 226 
MSE H2   H  N N 227 
MSE HA   H  N N 228 
MSE HXT  H  N N 229 
MSE HB2  H  N N 230 
MSE HB3  H  N N 231 
MSE HG2  H  N N 232 
MSE HG3  H  N N 233 
MSE HE1  H  N N 234 
MSE HE2  H  N N 235 
MSE HE3  H  N N 236 
PHE N    N  N N 237 
PHE CA   C  N S 238 
PHE C    C  N N 239 
PHE O    O  N N 240 
PHE CB   C  N N 241 
PHE CG   C  Y N 242 
PHE CD1  C  Y N 243 
PHE CD2  C  Y N 244 
PHE CE1  C  Y N 245 
PHE CE2  C  Y N 246 
PHE CZ   C  Y N 247 
PHE OXT  O  N N 248 
PHE H    H  N N 249 
PHE H2   H  N N 250 
PHE HA   H  N N 251 
PHE HB2  H  N N 252 
PHE HB3  H  N N 253 
PHE HD1  H  N N 254 
PHE HD2  H  N N 255 
PHE HE1  H  N N 256 
PHE HE2  H  N N 257 
PHE HZ   H  N N 258 
PHE HXT  H  N N 259 
PRO N    N  N N 260 
PRO CA   C  N S 261 
PRO C    C  N N 262 
PRO O    O  N N 263 
PRO CB   C  N N 264 
PRO CG   C  N N 265 
PRO CD   C  N N 266 
PRO OXT  O  N N 267 
PRO H    H  N N 268 
PRO HA   H  N N 269 
PRO HB2  H  N N 270 
PRO HB3  H  N N 271 
PRO HG2  H  N N 272 
PRO HG3  H  N N 273 
PRO HD2  H  N N 274 
PRO HD3  H  N N 275 
PRO HXT  H  N N 276 
SER N    N  N N 277 
SER CA   C  N S 278 
SER C    C  N N 279 
SER O    O  N N 280 
SER CB   C  N N 281 
SER OG   O  N N 282 
SER OXT  O  N N 283 
SER H    H  N N 284 
SER H2   H  N N 285 
SER HA   H  N N 286 
SER HB2  H  N N 287 
SER HB3  H  N N 288 
SER HG   H  N N 289 
SER HXT  H  N N 290 
THR N    N  N N 291 
THR CA   C  N S 292 
THR C    C  N N 293 
THR O    O  N N 294 
THR CB   C  N R 295 
THR OG1  O  N N 296 
THR CG2  C  N N 297 
THR OXT  O  N N 298 
THR H    H  N N 299 
THR H2   H  N N 300 
THR HA   H  N N 301 
THR HB   H  N N 302 
THR HG1  H  N N 303 
THR HG21 H  N N 304 
THR HG22 H  N N 305 
THR HG23 H  N N 306 
THR HXT  H  N N 307 
TRP N    N  N N 308 
TRP CA   C  N S 309 
TRP C    C  N N 310 
TRP O    O  N N 311 
TRP CB   C  N N 312 
TRP CG   C  Y N 313 
TRP CD1  C  Y N 314 
TRP CD2  C  Y N 315 
TRP NE1  N  Y N 316 
TRP CE2  C  Y N 317 
TRP CE3  C  Y N 318 
TRP CZ2  C  Y N 319 
TRP CZ3  C  Y N 320 
TRP CH2  C  Y N 321 
TRP OXT  O  N N 322 
TRP H    H  N N 323 
TRP H2   H  N N 324 
TRP HA   H  N N 325 
TRP HB2  H  N N 326 
TRP HB3  H  N N 327 
TRP HD1  H  N N 328 
TRP HE1  H  N N 329 
TRP HE3  H  N N 330 
TRP HZ2  H  N N 331 
TRP HZ3  H  N N 332 
TRP HH2  H  N N 333 
TRP HXT  H  N N 334 
TYR N    N  N N 335 
TYR CA   C  N S 336 
TYR C    C  N N 337 
TYR O    O  N N 338 
TYR CB   C  N N 339 
TYR CG   C  Y N 340 
TYR CD1  C  Y N 341 
TYR CD2  C  Y N 342 
TYR CE1  C  Y N 343 
TYR CE2  C  Y N 344 
TYR CZ   C  Y N 345 
TYR OH   O  N N 346 
TYR OXT  O  N N 347 
TYR H    H  N N 348 
TYR H2   H  N N 349 
TYR HA   H  N N 350 
TYR HB2  H  N N 351 
TYR HB3  H  N N 352 
TYR HD1  H  N N 353 
TYR HD2  H  N N 354 
TYR HE1  H  N N 355 
TYR HE2  H  N N 356 
TYR HH   H  N N 357 
TYR HXT  H  N N 358 
VAL N    N  N N 359 
VAL CA   C  N S 360 
VAL C    C  N N 361 
VAL O    O  N N 362 
VAL CB   C  N N 363 
VAL CG1  C  N N 364 
VAL CG2  C  N N 365 
VAL OXT  O  N N 366 
VAL H    H  N N 367 
VAL H2   H  N N 368 
VAL HA   H  N N 369 
VAL HB   H  N N 370 
VAL HG11 H  N N 371 
VAL HG12 H  N N 372 
VAL HG13 H  N N 373 
VAL HG21 H  N N 374 
VAL HG22 H  N N 375 
VAL HG23 H  N N 376 
VAL HXT  H  N N 377 
# 
loop_
_chem_comp_bond.comp_id 
_chem_comp_bond.atom_id_1 
_chem_comp_bond.atom_id_2 
_chem_comp_bond.value_order 
_chem_comp_bond.pdbx_aromatic_flag 
_chem_comp_bond.pdbx_stereo_config 
_chem_comp_bond.pdbx_ordinal 
ALA N   CA   sing N N 1   
ALA N   H    sing N N 2   
ALA N   H2   sing N N 3   
ALA CA  C    sing N N 4   
ALA CA  CB   sing N N 5   
ALA CA  HA   sing N N 6   
ALA C   O    doub N N 7   
ALA C   OXT  sing N N 8   
ALA CB  HB1  sing N N 9   
ALA CB  HB2  sing N N 10  
ALA CB  HB3  sing N N 11  
ALA OXT HXT  sing N N 12  
ARG N   CA   sing N N 13  
ARG N   H    sing N N 14  
ARG N   H2   sing N N 15  
ARG CA  C    sing N N 16  
ARG CA  CB   sing N N 17  
ARG CA  HA   sing N N 18  
ARG C   O    doub N N 19  
ARG C   OXT  sing N N 20  
ARG CB  CG   sing N N 21  
ARG CB  HB2  sing N N 22  
ARG CB  HB3  sing N N 23  
ARG CG  CD   sing N N 24  
ARG CG  HG2  sing N N 25  
ARG CG  HG3  sing N N 26  
ARG CD  NE   sing N N 27  
ARG CD  HD2  sing N N 28  
ARG CD  HD3  sing N N 29  
ARG NE  CZ   sing N N 30  
ARG NE  HE   sing N N 31  
ARG CZ  NH1  sing N N 32  
ARG CZ  NH2  doub N N 33  
ARG NH1 HH11 sing N N 34  
ARG NH1 HH12 sing N N 35  
ARG NH2 HH21 sing N N 36  
ARG NH2 HH22 sing N N 37  
ARG OXT HXT  sing N N 38  
ASN N   CA   sing N N 39  
ASN N   H    sing N N 40  
ASN N   H2   sing N N 41  
ASN CA  C    sing N N 42  
ASN CA  CB   sing N N 43  
ASN CA  HA   sing N N 44  
ASN C   O    doub N N 45  
ASN C   OXT  sing N N 46  
ASN CB  CG   sing N N 47  
ASN CB  HB2  sing N N 48  
ASN CB  HB3  sing N N 49  
ASN CG  OD1  doub N N 50  
ASN CG  ND2  sing N N 51  
ASN ND2 HD21 sing N N 52  
ASN ND2 HD22 sing N N 53  
ASN OXT HXT  sing N N 54  
ASP N   CA   sing N N 55  
ASP N   H    sing N N 56  
ASP N   H2   sing N N 57  
ASP CA  C    sing N N 58  
ASP CA  CB   sing N N 59  
ASP CA  HA   sing N N 60  
ASP C   O    doub N N 61  
ASP C   OXT  sing N N 62  
ASP CB  CG   sing N N 63  
ASP CB  HB2  sing N N 64  
ASP CB  HB3  sing N N 65  
ASP CG  OD1  doub N N 66  
ASP CG  OD2  sing N N 67  
ASP OD2 HD2  sing N N 68  
ASP OXT HXT  sing N N 69  
GLN N   CA   sing N N 70  
GLN N   H    sing N N 71  
GLN N   H2   sing N N 72  
GLN CA  C    sing N N 73  
GLN CA  CB   sing N N 74  
GLN CA  HA   sing N N 75  
GLN C   O    doub N N 76  
GLN C   OXT  sing N N 77  
GLN CB  CG   sing N N 78  
GLN CB  HB2  sing N N 79  
GLN CB  HB3  sing N N 80  
GLN CG  CD   sing N N 81  
GLN CG  HG2  sing N N 82  
GLN CG  HG3  sing N N 83  
GLN CD  OE1  doub N N 84  
GLN CD  NE2  sing N N 85  
GLN NE2 HE21 sing N N 86  
GLN NE2 HE22 sing N N 87  
GLN OXT HXT  sing N N 88  
GLU N   CA   sing N N 89  
GLU N   H    sing N N 90  
GLU N   H2   sing N N 91  
GLU CA  C    sing N N 92  
GLU CA  CB   sing N N 93  
GLU CA  HA   sing N N 94  
GLU C   O    doub N N 95  
GLU C   OXT  sing N N 96  
GLU CB  CG   sing N N 97  
GLU CB  HB2  sing N N 98  
GLU CB  HB3  sing N N 99  
GLU CG  CD   sing N N 100 
GLU CG  HG2  sing N N 101 
GLU CG  HG3  sing N N 102 
GLU CD  OE1  doub N N 103 
GLU CD  OE2  sing N N 104 
GLU OE2 HE2  sing N N 105 
GLU OXT HXT  sing N N 106 
GLY N   CA   sing N N 107 
GLY N   H    sing N N 108 
GLY N   H2   sing N N 109 
GLY CA  C    sing N N 110 
GLY CA  HA2  sing N N 111 
GLY CA  HA3  sing N N 112 
GLY C   O    doub N N 113 
GLY C   OXT  sing N N 114 
GLY OXT HXT  sing N N 115 
HIS N   CA   sing N N 116 
HIS N   H    sing N N 117 
HIS N   H2   sing N N 118 
HIS CA  C    sing N N 119 
HIS CA  CB   sing N N 120 
HIS CA  HA   sing N N 121 
HIS C   O    doub N N 122 
HIS C   OXT  sing N N 123 
HIS CB  CG   sing N N 124 
HIS CB  HB2  sing N N 125 
HIS CB  HB3  sing N N 126 
HIS CG  ND1  sing Y N 127 
HIS CG  CD2  doub Y N 128 
HIS ND1 CE1  doub Y N 129 
HIS ND1 HD1  sing N N 130 
HIS CD2 NE2  sing Y N 131 
HIS CD2 HD2  sing N N 132 
HIS CE1 NE2  sing Y N 133 
HIS CE1 HE1  sing N N 134 
HIS NE2 HE2  sing N N 135 
HIS OXT HXT  sing N N 136 
HOH O   H1   sing N N 137 
HOH O   H2   sing N N 138 
ILE N   CA   sing N N 139 
ILE N   H    sing N N 140 
ILE N   H2   sing N N 141 
ILE CA  C    sing N N 142 
ILE CA  CB   sing N N 143 
ILE CA  HA   sing N N 144 
ILE C   O    doub N N 145 
ILE C   OXT  sing N N 146 
ILE CB  CG1  sing N N 147 
ILE CB  CG2  sing N N 148 
ILE CB  HB   sing N N 149 
ILE CG1 CD1  sing N N 150 
ILE CG1 HG12 sing N N 151 
ILE CG1 HG13 sing N N 152 
ILE CG2 HG21 sing N N 153 
ILE CG2 HG22 sing N N 154 
ILE CG2 HG23 sing N N 155 
ILE CD1 HD11 sing N N 156 
ILE CD1 HD12 sing N N 157 
ILE CD1 HD13 sing N N 158 
ILE OXT HXT  sing N N 159 
LEU N   CA   sing N N 160 
LEU N   H    sing N N 161 
LEU N   H2   sing N N 162 
LEU CA  C    sing N N 163 
LEU CA  CB   sing N N 164 
LEU CA  HA   sing N N 165 
LEU C   O    doub N N 166 
LEU C   OXT  sing N N 167 
LEU CB  CG   sing N N 168 
LEU CB  HB2  sing N N 169 
LEU CB  HB3  sing N N 170 
LEU CG  CD1  sing N N 171 
LEU CG  CD2  sing N N 172 
LEU CG  HG   sing N N 173 
LEU CD1 HD11 sing N N 174 
LEU CD1 HD12 sing N N 175 
LEU CD1 HD13 sing N N 176 
LEU CD2 HD21 sing N N 177 
LEU CD2 HD22 sing N N 178 
LEU CD2 HD23 sing N N 179 
LEU OXT HXT  sing N N 180 
LYS N   CA   sing N N 181 
LYS N   H    sing N N 182 
LYS N   H2   sing N N 183 
LYS CA  C    sing N N 184 
LYS CA  CB   sing N N 185 
LYS CA  HA   sing N N 186 
LYS C   O    doub N N 187 
LYS C   OXT  sing N N 188 
LYS CB  CG   sing N N 189 
LYS CB  HB2  sing N N 190 
LYS CB  HB3  sing N N 191 
LYS CG  CD   sing N N 192 
LYS CG  HG2  sing N N 193 
LYS CG  HG3  sing N N 194 
LYS CD  CE   sing N N 195 
LYS CD  HD2  sing N N 196 
LYS CD  HD3  sing N N 197 
LYS CE  NZ   sing N N 198 
LYS CE  HE2  sing N N 199 
LYS CE  HE3  sing N N 200 
LYS NZ  HZ1  sing N N 201 
LYS NZ  HZ2  sing N N 202 
LYS NZ  HZ3  sing N N 203 
LYS OXT HXT  sing N N 204 
MSE N   CA   sing N N 205 
MSE N   H    sing N N 206 
MSE N   H2   sing N N 207 
MSE CA  C    sing N N 208 
MSE CA  CB   sing N N 209 
MSE CA  HA   sing N N 210 
MSE C   O    doub N N 211 
MSE C   OXT  sing N N 212 
MSE OXT HXT  sing N N 213 
MSE CB  CG   sing N N 214 
MSE CB  HB2  sing N N 215 
MSE CB  HB3  sing N N 216 
MSE CG  SE   sing N N 217 
MSE CG  HG2  sing N N 218 
MSE CG  HG3  sing N N 219 
MSE SE  CE   sing N N 220 
MSE CE  HE1  sing N N 221 
MSE CE  HE2  sing N N 222 
MSE CE  HE3  sing N N 223 
PHE N   CA   sing N N 224 
PHE N   H    sing N N 225 
PHE N   H2   sing N N 226 
PHE CA  C    sing N N 227 
PHE CA  CB   sing N N 228 
PHE CA  HA   sing N N 229 
PHE C   O    doub N N 230 
PHE C   OXT  sing N N 231 
PHE CB  CG   sing N N 232 
PHE CB  HB2  sing N N 233 
PHE CB  HB3  sing N N 234 
PHE CG  CD1  doub Y N 235 
PHE CG  CD2  sing Y N 236 
PHE CD1 CE1  sing Y N 237 
PHE CD1 HD1  sing N N 238 
PHE CD2 CE2  doub Y N 239 
PHE CD2 HD2  sing N N 240 
PHE CE1 CZ   doub Y N 241 
PHE CE1 HE1  sing N N 242 
PHE CE2 CZ   sing Y N 243 
PHE CE2 HE2  sing N N 244 
PHE CZ  HZ   sing N N 245 
PHE OXT HXT  sing N N 246 
PRO N   CA   sing N N 247 
PRO N   CD   sing N N 248 
PRO N   H    sing N N 249 
PRO CA  C    sing N N 250 
PRO CA  CB   sing N N 251 
PRO CA  HA   sing N N 252 
PRO C   O    doub N N 253 
PRO C   OXT  sing N N 254 
PRO CB  CG   sing N N 255 
PRO CB  HB2  sing N N 256 
PRO CB  HB3  sing N N 257 
PRO CG  CD   sing N N 258 
PRO CG  HG2  sing N N 259 
PRO CG  HG3  sing N N 260 
PRO CD  HD2  sing N N 261 
PRO CD  HD3  sing N N 262 
PRO OXT HXT  sing N N 263 
SER N   CA   sing N N 264 
SER N   H    sing N N 265 
SER N   H2   sing N N 266 
SER CA  C    sing N N 267 
SER CA  CB   sing N N 268 
SER CA  HA   sing N N 269 
SER C   O    doub N N 270 
SER C   OXT  sing N N 271 
SER CB  OG   sing N N 272 
SER CB  HB2  sing N N 273 
SER CB  HB3  sing N N 274 
SER OG  HG   sing N N 275 
SER OXT HXT  sing N N 276 
THR N   CA   sing N N 277 
THR N   H    sing N N 278 
THR N   H2   sing N N 279 
THR CA  C    sing N N 280 
THR CA  CB   sing N N 281 
THR CA  HA   sing N N 282 
THR C   O    doub N N 283 
THR C   OXT  sing N N 284 
THR CB  OG1  sing N N 285 
THR CB  CG2  sing N N 286 
THR CB  HB   sing N N 287 
THR OG1 HG1  sing N N 288 
THR CG2 HG21 sing N N 289 
THR CG2 HG22 sing N N 290 
THR CG2 HG23 sing N N 291 
THR OXT HXT  sing N N 292 
TRP N   CA   sing N N 293 
TRP N   H    sing N N 294 
TRP N   H2   sing N N 295 
TRP CA  C    sing N N 296 
TRP CA  CB   sing N N 297 
TRP CA  HA   sing N N 298 
TRP C   O    doub N N 299 
TRP C   OXT  sing N N 300 
TRP CB  CG   sing N N 301 
TRP CB  HB2  sing N N 302 
TRP CB  HB3  sing N N 303 
TRP CG  CD1  doub Y N 304 
TRP CG  CD2  sing Y N 305 
TRP CD1 NE1  sing Y N 306 
TRP CD1 HD1  sing N N 307 
TRP CD2 CE2  doub Y N 308 
TRP CD2 CE3  sing Y N 309 
TRP NE1 CE2  sing Y N 310 
TRP NE1 HE1  sing N N 311 
TRP CE2 CZ2  sing Y N 312 
TRP CE3 CZ3  doub Y N 313 
TRP CE3 HE3  sing N N 314 
TRP CZ2 CH2  doub Y N 315 
TRP CZ2 HZ2  sing N N 316 
TRP CZ3 CH2  sing Y N 317 
TRP CZ3 HZ3  sing N N 318 
TRP CH2 HH2  sing N N 319 
TRP OXT HXT  sing N N 320 
TYR N   CA   sing N N 321 
TYR N   H    sing N N 322 
TYR N   H2   sing N N 323 
TYR CA  C    sing N N 324 
TYR CA  CB   sing N N 325 
TYR CA  HA   sing N N 326 
TYR C   O    doub N N 327 
TYR C   OXT  sing N N 328 
TYR CB  CG   sing N N 329 
TYR CB  HB2  sing N N 330 
TYR CB  HB3  sing N N 331 
TYR CG  CD1  doub Y N 332 
TYR CG  CD2  sing Y N 333 
TYR CD1 CE1  sing Y N 334 
TYR CD1 HD1  sing N N 335 
TYR CD2 CE2  doub Y N 336 
TYR CD2 HD2  sing N N 337 
TYR CE1 CZ   doub Y N 338 
TYR CE1 HE1  sing N N 339 
TYR CE2 CZ   sing Y N 340 
TYR CE2 HE2  sing N N 341 
TYR CZ  OH   sing N N 342 
TYR OH  HH   sing N N 343 
TYR OXT HXT  sing N N 344 
VAL N   CA   sing N N 345 
VAL N   H    sing N N 346 
VAL N   H2   sing N N 347 
VAL CA  C    sing N N 348 
VAL CA  CB   sing N N 349 
VAL CA  HA   sing N N 350 
VAL C   O    doub N N 351 
VAL C   OXT  sing N N 352 
VAL CB  CG1  sing N N 353 
VAL CB  CG2  sing N N 354 
VAL CB  HB   sing N N 355 
VAL CG1 HG11 sing N N 356 
VAL CG1 HG12 sing N N 357 
VAL CG1 HG13 sing N N 358 
VAL CG2 HG21 sing N N 359 
VAL CG2 HG22 sing N N 360 
VAL CG2 HG23 sing N N 361 
VAL OXT HXT  sing N N 362 
# 
_atom_sites.entry_id                    3T4R 
_atom_sites.fract_transf_matrix[1][1]   0.01536050 
_atom_sites.fract_transf_matrix[1][2]   0.00852859 
_atom_sites.fract_transf_matrix[1][3]   0.01500531 
_atom_sites.fract_transf_matrix[2][1]   -0.01685966 
_atom_sites.fract_transf_matrix[2][2]   0.00311469 
_atom_sites.fract_transf_matrix[2][3]   0.01548844 
_atom_sites.fract_transf_matrix[3][1]   0.00178889 
_atom_sites.fract_transf_matrix[3][2]   -0.01028795 
_atom_sites.fract_transf_matrix[3][3]   0.00401614 
_atom_sites.fract_transf_vector[1]      0.270148 
_atom_sites.fract_transf_vector[2]      0.399033 
_atom_sites.fract_transf_vector[3]      0.514900 
# 
loop_
_atom_type.symbol 
C  
MG 
N  
O  
SE 
# 
loop_
_atom_site.group_PDB 
_atom_site.id 
_atom_site.type_symbol 
_atom_site.label_atom_id 
_atom_site.label_alt_id 
_atom_site.label_comp_id 
_atom_site.label_asym_id 
_atom_site.label_entity_id 
_atom_site.label_seq_id 
_atom_site.pdbx_PDB_ins_code 
_atom_site.Cartn_x 
_atom_site.Cartn_y 
_atom_site.Cartn_z 
_atom_site.occupancy 
_atom_site.B_iso_or_equiv 
_atom_site.pdbx_formal_charge 
_atom_site.auth_seq_id 
_atom_site.auth_comp_id 
_atom_site.auth_asym_id 
_atom_site.auth_atom_id 
_atom_site.pdbx_PDB_model_num 
ATOM   1   N  N   . ARG A 1 3  ? -5.757  11.121  -9.964  1.00 62.64  ? 3   ARG A N   1 
ATOM   2   C  CA  . ARG A 1 3  ? -5.125  9.915   -10.523 1.00 58.36  ? 3   ARG A CA  1 
ATOM   3   C  C   . ARG A 1 3  ? -4.148  9.284   -9.514  1.00 53.12  ? 3   ARG A C   1 
ATOM   4   O  O   . ARG A 1 3  ? -4.135  8.107   -9.438  1.00 49.70  ? 3   ARG A O   1 
ATOM   5   C  CB  . ARG A 1 3  ? -4.436  10.197  -11.882 1.00 61.46  ? 3   ARG A CB  1 
ATOM   6   C  CG  . ARG A 1 3  ? -5.052  10.032  -13.058 0.00 42.55  ? 3   ARG A CG  1 
ATOM   7   C  CD  . ARG A 1 3  ? -5.447  8.566   -13.131 0.00 44.89  ? 3   ARG A CD  1 
ATOM   8   N  NE  . ARG A 1 3  ? -6.722  8.377   -13.817 0.00 54.69  ? 3   ARG A NE  1 
ATOM   9   C  CZ  . ARG A 1 3  ? -7.020  7.316   -14.561 0.00 55.33  ? 3   ARG A CZ  1 
ATOM   10  N  NH1 . ARG A 1 3  ? -6.134  6.342   -14.716 0.00 55.22  ? 3   ARG A NH1 1 
ATOM   11  N  NH2 . ARG A 1 3  ? -8.206  7.227   -15.148 0.00 52.49  ? 3   ARG A NH2 1 
ATOM   12  N  N   . ILE A 1 4  ? -3.370  10.065  -8.745  1.00 54.18  ? 4   ILE A N   1 
ATOM   13  C  CA  A ILE A 1 4  ? -2.311  9.494   -7.904  0.50 51.01  ? 4   ILE A CA  1 
ATOM   14  C  CA  B ILE A 1 4  ? -2.293  9.468   -7.927  0.50 50.18  ? 4   ILE A CA  1 
ATOM   15  C  C   . ILE A 1 4  ? -2.856  8.475   -6.929  1.00 46.38  ? 4   ILE A C   1 
ATOM   16  O  O   . ILE A 1 4  ? -2.375  7.381   -6.891  1.00 42.72  ? 4   ILE A O   1 
ATOM   17  C  CB  A ILE A 1 4  ? -1.537  10.516  -7.091  0.50 53.12  ? 4   ILE A CB  1 
ATOM   18  C  CB  B ILE A 1 4  ? -1.373  10.460  -7.155  0.50 52.08  ? 4   ILE A CB  1 
ATOM   19  C  CG1 A ILE A 1 4  ? -0.765  9.764   -5.977  0.50 51.24  ? 4   ILE A CG1 1 
ATOM   20  C  CG1 B ILE A 1 4  ? -0.429  11.229  -8.115  0.50 54.49  ? 4   ILE A CG1 1 
ATOM   21  C  CG2 A ILE A 1 4  ? -2.541  11.651  -6.551  0.50 58.45  ? 4   ILE A CG2 1 
ATOM   22  C  CG2 B ILE A 1 4  ? -0.601  9.698   -6.054  0.50 49.76  ? 4   ILE A CG2 1 
ATOM   23  C  CD1 A ILE A 1 4  ? 0.473   10.545  -5.509  0.50 52.94  ? 4   ILE A CD1 1 
ATOM   24  C  CD1 B ILE A 1 4  ? 0.571   12.044  -7.398  0.50 58.13  ? 4   ILE A CD1 1 
ATOM   25  N  N   . ARG A 1 5  ? -3.849  8.881   -6.124  1.00 46.30  ? 5   ARG A N   1 
ATOM   26  C  CA  . ARG A 1 5  ? -4.539  7.950   -5.197  1.00 44.04  ? 5   ARG A CA  1 
ATOM   27  C  C   . ARG A 1 5  ? -5.143  6.731   -5.957  1.00 41.43  ? 5   ARG A C   1 
ATOM   28  O  O   . ARG A 1 5  ? -4.946  5.582   -5.592  1.00 39.51  ? 5   ARG A O   1 
ATOM   29  C  CB  . ARG A 1 5  ? -5.670  8.709   -4.546  1.00 48.27  ? 5   ARG A CB  1 
ATOM   30  C  CG  . ARG A 1 5  ? -6.316  8.018   -3.404  1.00 52.36  ? 5   ARG A CG  1 
ATOM   31  C  CD  . ARG A 1 5  ? -5.297  7.864   -2.263  1.00 55.49  ? 5   ARG A CD  1 
ATOM   32  N  NE  . ARG A 1 5  ? -5.099  8.973   -1.297  1.00 54.39  ? 5   ARG A NE  1 
ATOM   33  C  CZ  . ARG A 1 5  ? -5.630  10.176  -1.374  1.00 55.44  ? 5   ARG A CZ  1 
ATOM   34  N  NH1 . ARG A 1 5  ? -6.444  10.453  -2.361  1.00 64.77  ? 5   ARG A NH1 1 
ATOM   35  N  NH2 . ARG A 1 5  ? -5.363  11.102  -0.460  1.00 54.63  ? 5   ARG A NH2 1 
ATOM   36  N  N   . HIS A 1 6  ? -5.892  7.029   -7.010  1.00 42.58  ? 6   HIS A N   1 
ATOM   37  C  CA  . HIS A 1 6  ? -6.394  6.050   -7.922  1.00 41.05  ? 6   HIS A CA  1 
ATOM   38  C  C   . HIS A 1 6  ? -5.266  5.068   -8.264  1.00 39.18  ? 6   HIS A C   1 
ATOM   39  O  O   . HIS A 1 6  ? -5.474  3.868   -8.194  1.00 37.99  ? 6   HIS A O   1 
ATOM   40  C  CB  . HIS A 1 6  ? -6.869  6.792   -9.166  1.00 45.94  ? 6   HIS A CB  1 
ATOM   41  C  CG  . HIS A 1 6  ? -7.427  5.912   -10.230 1.00 47.60  ? 6   HIS A CG  1 
ATOM   42  N  ND1 . HIS A 1 6  ? -8.762  5.608   -10.321 1.00 49.66  ? 6   HIS A ND1 1 
ATOM   43  C  CD2 . HIS A 1 6  ? -6.824  5.279   -11.262 1.00 50.93  ? 6   HIS A CD2 1 
ATOM   44  C  CE1 . HIS A 1 6  ? -8.954  4.818   -11.362 1.00 51.51  ? 6   HIS A CE1 1 
ATOM   45  N  NE2 . HIS A 1 6  ? -7.789  4.587   -11.937 1.00 48.81  ? 6   HIS A NE2 1 
ATOM   46  N  N   . GLU A 1 7  ? -4.088  5.552   -8.634  1.00 39.36  ? 7   GLU A N   1 
ATOM   47  C  CA  . GLU A 1 7  ? -3.048  4.617   -9.057  1.00 38.26  ? 7   GLU A CA  1 
ATOM   48  C  C   . GLU A 1 7  ? -2.446  3.848   -7.914  1.00 36.46  ? 7   GLU A C   1 
ATOM   49  O  O   . GLU A 1 7  ? -1.971  2.725   -8.114  1.00 34.60  ? 7   GLU A O   1 
ATOM   50  C  CB  . GLU A 1 7  ? -1.929  5.309   -9.790  1.00 41.73  ? 7   GLU A CB  1 
ATOM   51  C  CG  . GLU A 1 7  ? -2.268  5.967   -11.121 1.00 46.06  ? 7   GLU A CG  1 
ATOM   52  C  CD  . GLU A 1 7  ? -2.799  5.030   -12.160 1.00 49.59  ? 7   GLU A CD  1 
ATOM   53  O  OE1 . GLU A 1 7  ? -2.319  3.901   -12.276 1.00 53.85  ? 7   GLU A OE1 1 
ATOM   54  O  OE2 . GLU A 1 7  ? -3.737  5.416   -12.864 1.00 53.14  ? 7   GLU A OE2 1 
ATOM   55  N  N   . LYS A 1 8  ? -2.468  4.429   -6.718  1.00 34.72  ? 8   LYS A N   1 
ATOM   56  C  CA  . LYS A 1 8  ? -2.096  3.675   -5.494  1.00 32.24  ? 8   LYS A CA  1 
ATOM   57  C  C   . LYS A 1 8  ? -3.087  2.486   -5.153  1.00 32.67  ? 8   LYS A C   1 
ATOM   58  O  O   . LYS A 1 8  ? -2.642  1.356   -4.807  1.00 31.78  ? 8   LYS A O   1 
ATOM   59  C  CB  . LYS A 1 8  ? -1.970  4.637   -4.290  1.00 31.28  ? 8   LYS A CB  1 
ATOM   60  C  CG  . LYS A 1 8  ? -0.788  5.585   -4.436  1.00 31.38  ? 8   LYS A CG  1 
ATOM   61  C  CD  . LYS A 1 8  ? -0.612  6.464   -3.246  1.00 32.14  ? 8   LYS A CD  1 
ATOM   62  C  CE  . LYS A 1 8  ? 0.508   7.279   -3.504  1.00 32.44  ? 8   LYS A CE  1 
ATOM   63  N  NZ  . LYS A 1 8  ? 0.907   8.122   -2.310  1.00 39.21  ? 8   LYS A NZ  1 
ATOM   64  N  N   . GLU A 1 9  ? -4.377  2.756   -5.260  1.00 32.48  ? 9   GLU A N   1 
ATOM   65  C  CA  . GLU A 1 9  ? -5.434  1.753   -5.062  1.00 34.04  ? 9   GLU A CA  1 
ATOM   66  C  C   . GLU A 1 9  ? -5.309  0.628   -6.106  1.00 34.15  ? 9   GLU A C   1 
ATOM   67  O  O   . GLU A 1 9  ? -5.456  -0.536  -5.794  1.00 35.03  ? 9   GLU A O   1 
ATOM   68  C  CB  . GLU A 1 9  ? -6.802  2.425   -5.069  1.00 34.66  ? 9   GLU A CB  1 
ATOM   69  C  CG  . GLU A 1 9  ? -7.053  3.284   -3.832  1.00 38.28  ? 9   GLU A CG  1 
ATOM   70  C  CD  . GLU A 1 9  ? -8.384  4.046   -3.887  1.00 47.72  ? 9   GLU A CD  1 
ATOM   71  O  OE1 . GLU A 1 9  ? -9.346  3.579   -4.549  1.00 51.66  ? 9   GLU A OE1 1 
ATOM   72  O  OE2 . GLU A 1 9  ? -8.474  5.165   -3.329  1.00 55.13  ? 9   GLU A OE2 1 
ATOM   73  N  N   . LYS A 1 10 ? -4.963  0.985   -7.325  1.00 34.44  ? 10  LYS A N   1 
ATOM   74  C  CA  . LYS A 1 10 ? -4.781  0.037   -8.421  1.00 33.96  ? 10  LYS A CA  1 
ATOM   75  C  C   . LYS A 1 10 ? -3.532  -0.775  -8.139  1.00 34.10  ? 10  LYS A C   1 
ATOM   76  O  O   . LYS A 1 10 ? -3.539  -1.935  -8.421  1.00 34.40  ? 10  LYS A O   1 
ATOM   77  C  CB  . LYS A 1 10 ? -4.604  0.803   -9.747  1.00 35.91  ? 10  LYS A CB  1 
ATOM   78  C  CG  . LYS A 1 10 ? -4.464  -0.068  -10.938 1.00 37.55  ? 10  LYS A CG  1 
ATOM   79  C  CD  . LYS A 1 10 ? -3.987  0.599   -12.245 1.00 40.64  ? 10  LYS A CD  1 
ATOM   80  C  CE  . LYS A 1 10 ? -4.962  1.609   -12.770 1.00 42.62  ? 10  LYS A CE  1 
ATOM   81  N  NZ  . LYS A 1 10 ? -4.565  2.153   -14.120 1.00 50.33  ? 10  LYS A NZ  1 
ATOM   82  N  N   . LEU A 1 11 ? -2.475  -0.172  -7.569  1.00 32.48  ? 11  LEU A N   1 
ATOM   83  C  CA  . LEU A 1 11 ? -1.304  -0.918  -7.211  1.00 33.60  ? 11  LEU A CA  1 
ATOM   84  C  C   . LEU A 1 11 ? -1.596  -1.922  -6.162  1.00 33.29  ? 11  LEU A C   1 
ATOM   85  O  O   . LEU A 1 11 ? -1.171  -3.057  -6.254  1.00 36.16  ? 11  LEU A O   1 
ATOM   86  C  CB  . LEU A 1 11 ? -0.218  0.005   -6.666  1.00 34.37  ? 11  LEU A CB  1 
ATOM   87  C  CG  . LEU A 1 11 ? 1.259   -0.292  -6.843  1.00 37.66  ? 11  LEU A CG  1 
ATOM   88  C  CD1 . LEU A 1 11 ? 2.108   0.203   -5.720  1.00 37.24  ? 11  LEU A CD1 1 
ATOM   89  C  CD2 . LEU A 1 11 ? 1.729   -1.695  -7.308  1.00 37.44  ? 11  LEU A CD2 1 
ATOM   90  N  N   . LEU A 1 12 ? -2.279  -1.509  -5.114  1.00 32.26  ? 12  LEU A N   1 
ATOM   91  C  CA  . LEU A 1 12 ? -2.692  -2.431  -4.070  1.00 33.50  ? 12  LEU A CA  1 
ATOM   92  C  C   . LEU A 1 12 ? -3.485  -3.632  -4.667  1.00 34.93  ? 12  LEU A C   1 
ATOM   93  O  O   . LEU A 1 12 ? -3.286  -4.758  -4.254  1.00 34.78  ? 12  LEU A O   1 
ATOM   94  C  CB  . LEU A 1 12 ? -3.550  -1.713  -3.046  1.00 32.57  ? 12  LEU A CB  1 
ATOM   95  C  CG  . LEU A 1 12 ? -2.854  -0.686  -2.175  1.00 35.11  ? 12  LEU A CG  1 
ATOM   96  C  CD1 . LEU A 1 12 ? -3.800  0.066   -1.264  1.00 32.33  ? 12  LEU A CD1 1 
ATOM   97  C  CD2 . LEU A 1 12 ? -1.778  -1.436  -1.304  1.00 39.04  ? 12  LEU A CD2 1 
ATOM   98  N  N   . ALA A 1 13 ? -4.407  -3.395  -5.601  1.00 33.62  ? 13  ALA A N   1 
ATOM   99  C  CA  . ALA A 1 13 ? -5.050  -4.515  -6.309  1.00 34.70  ? 13  ALA A CA  1 
ATOM   100 C  C   . ALA A 1 13 ? -4.107  -5.407  -7.142  1.00 37.48  ? 13  ALA A C   1 
ATOM   101 O  O   . ALA A 1 13 ? -4.306  -6.628  -7.187  1.00 38.81  ? 13  ALA A O   1 
ATOM   102 C  CB  . ALA A 1 13 ? -6.164  -4.003  -7.189  1.00 36.39  ? 13  ALA A CB  1 
ATOM   103 N  N   . ASP A 1 14 ? -3.131  -4.778  -7.813  1.00 36.88  ? 14  ASP A N   1 
ATOM   104 C  CA  . ASP A 1 14 ? -2.198  -5.448  -8.689  1.00 38.17  ? 14  ASP A CA  1 
ATOM   105 C  C   . ASP A 1 14 ? -1.274  -6.250  -7.844  1.00 40.36  ? 14  ASP A C   1 
ATOM   106 O  O   . ASP A 1 14 ? -0.661  -7.189  -8.324  1.00 44.21  ? 14  ASP A O   1 
ATOM   107 C  CB  . ASP A 1 14 ? -1.384  -4.433  -9.462  1.00 37.25  ? 14  ASP A CB  1 
ATOM   108 C  CG  . ASP A 1 14 ? -2.151  -3.792  -10.601 1.00 42.47  ? 14  ASP A CG  1 
ATOM   109 O  OD1 . ASP A 1 14 ? -3.190  -4.335  -11.068 1.00 38.38  ? 14  ASP A OD1 1 
ATOM   110 O  OD2 . ASP A 1 14 ? -1.679  -2.734  -11.070 1.00 48.13  ? 14  ASP A OD2 1 
ATOM   111 N  N   . LEU A 1 15 ? -1.132  -5.879  -6.570  1.00 38.33  ? 15  LEU A N   1 
ATOM   112 C  CA  . LEU A 1 15 ? -0.307  -6.653  -5.640  1.00 38.78  ? 15  LEU A CA  1 
ATOM   113 C  C   . LEU A 1 15 ? -1.122  -7.662  -4.812  1.00 39.82  ? 15  LEU A C   1 
ATOM   114 O  O   . LEU A 1 15 ? -0.614  -8.246  -3.879  1.00 40.14  ? 15  LEU A O   1 
ATOM   115 C  CB  . LEU A 1 15 ? 0.433   -5.689  -4.701  1.00 38.37  ? 15  LEU A CB  1 
ATOM   116 C  CG  . LEU A 1 15 ? 1.459   -4.777  -5.358  1.00 39.23  ? 15  LEU A CG  1 
ATOM   117 C  CD1 . LEU A 1 15 ? 2.029   -3.810  -4.256  1.00 42.14  ? 15  LEU A CD1 1 
ATOM   118 C  CD2 . LEU A 1 15 ? 2.621   -5.522  -5.993  1.00 42.71  ? 15  LEU A CD2 1 
ATOM   119 N  N   . ASP A 1 16 ? -2.381  -7.871  -5.194  1.00 38.98  ? 16  ASP A N   1 
ATOM   120 C  CA  . ASP A 1 16 ? -3.234  -8.958  -4.674  1.00 42.06  ? 16  ASP A CA  1 
ATOM   121 C  C   . ASP A 1 16 ? -3.919  -8.668  -3.377  1.00 41.12  ? 16  ASP A C   1 
ATOM   122 O  O   . ASP A 1 16 ? -4.478  -9.511  -2.819  1.00 43.67  ? 16  ASP A O   1 
ATOM   123 C  CB  . ASP A 1 16 ? -2.503  -10.306 -4.653  1.00 45.81  ? 16  ASP A CB  1 
ATOM   124 C  CG  . ASP A 1 16 ? -2.326  -10.874 -6.068  1.00 51.16  ? 16  ASP A CG  1 
ATOM   125 O  OD1 . ASP A 1 16 ? -3.305  -10.978 -6.838  1.00 47.58  ? 16  ASP A OD1 1 
ATOM   126 O  OD2 . ASP A 1 16 ? -1.157  -11.140 -6.432  1.00 52.37  ? 16  ASP A OD2 1 
ATOM   127 N  N   . TRP A 1 17 ? -3.961  -7.418  -2.959  1.00 39.54  ? 17  TRP A N   1 
ATOM   128 C  CA  . TRP A 1 17 ? -4.810  -7.045  -1.855  1.00 41.88  ? 17  TRP A CA  1 
ATOM   129 C  C   . TRP A 1 17 ? -6.236  -7.212  -2.327  1.00 43.84  ? 17  TRP A C   1 
ATOM   130 O  O   . TRP A 1 17 ? -6.516  -7.001  -3.521  1.00 42.83  ? 17  TRP A O   1 
ATOM   131 C  CB  . TRP A 1 17 ? -4.516  -5.574  -1.442  1.00 40.24  ? 17  TRP A CB  1 
ATOM   132 C  CG  . TRP A 1 17 ? -3.622  -5.561  -0.267  1.00 46.03  ? 17  TRP A CG  1 
ATOM   133 C  CD1 . TRP A 1 17 ? -4.001  -5.651  1.020   1.00 52.33  ? 17  TRP A CD1 1 
ATOM   134 C  CD2 . TRP A 1 17 ? -2.175  -5.558  -0.258  1.00 46.55  ? 17  TRP A CD2 1 
ATOM   135 N  NE1 . TRP A 1 17 ? -2.895  -5.691  1.854   1.00 57.92  ? 17  TRP A NE1 1 
ATOM   136 C  CE2 . TRP A 1 17 ? -1.762  -5.621  1.086   1.00 52.49  ? 17  TRP A CE2 1 
ATOM   137 C  CE3 . TRP A 1 17 ? -1.205  -5.504  -1.249  1.00 42.91  ? 17  TRP A CE3 1 
ATOM   138 C  CZ2 . TRP A 1 17 ? -0.396  -5.649  1.464   1.00 50.59  ? 17  TRP A CZ2 1 
ATOM   139 C  CZ3 . TRP A 1 17 ? 0.109   -5.526  -0.896  1.00 43.81  ? 17  TRP A CZ3 1 
ATOM   140 C  CH2 . TRP A 1 17 ? 0.515   -5.616  0.447   1.00 47.42  ? 17  TRP A CH2 1 
ATOM   141 N  N   . GLU A 1 18 ? -7.161  -7.584  -1.463  1.00 44.83  ? 18  GLU A N   1 
ATOM   142 C  CA  . GLU A 1 18 ? -8.497  -7.851  -1.996  1.00 45.80  ? 18  GLU A CA  1 
ATOM   143 C  C   . GLU A 1 18 ? -9.116  -6.487  -2.198  1.00 43.54  ? 18  GLU A C   1 
ATOM   144 O  O   . GLU A 1 18 ? -8.844  -5.560  -1.438  1.00 43.58  ? 18  GLU A O   1 
ATOM   145 C  CB  . GLU A 1 18 ? -9.294  -8.764  -1.045  1.00 52.93  ? 18  GLU A CB  1 
ATOM   146 C  CG  . GLU A 1 18 ? -10.290 -9.827  -1.659  1.00 60.13  ? 18  GLU A CG  1 
ATOM   147 C  CD  . GLU A 1 18 ? -9.644  -10.902 -2.558  1.00 64.37  ? 18  GLU A CD  1 
ATOM   148 O  OE1 . GLU A 1 18 ? -8.700  -11.558 -2.071  1.00 67.88  ? 18  GLU A OE1 1 
ATOM   149 O  OE2 . GLU A 1 18 ? -10.078 -11.092 -3.747  1.00 66.45  ? 18  GLU A OE2 1 
ATOM   150 N  N   . ILE A 1 19 ? -9.919  -6.354  -3.244  1.00 42.54  ? 19  ILE A N   1 
ATOM   151 C  CA  . ILE A 1 19 ? -10.626 -5.126  -3.588  1.00 41.98  ? 19  ILE A CA  1 
ATOM   152 C  C   . ILE A 1 19 ? -11.536 -4.752  -2.459  1.00 42.61  ? 19  ILE A C   1 
ATOM   153 O  O   . ILE A 1 19 ? -11.654 -3.574  -2.145  1.00 41.36  ? 19  ILE A O   1 
ATOM   154 C  CB  . ILE A 1 19 ? -11.388 -5.307  -4.900  1.00 42.76  ? 19  ILE A CB  1 
ATOM   155 C  CG1 . ILE A 1 19 ? -10.684 -4.555  -6.020  1.00 43.26  ? 19  ILE A CG1 1 
ATOM   156 C  CG2 . ILE A 1 19 ? -12.737 -4.670  -4.865  1.00 46.88  ? 19  ILE A CG2 1 
ATOM   157 C  CD1 . ILE A 1 19 ? -9.641  -5.276  -6.659  1.00 38.84  ? 19  ILE A CD1 1 
ATOM   158 N  N   . GLY A 1 20 ? -12.168 -5.751  -1.847  1.00 46.58  ? 20  GLY A N   1 
ATOM   159 C  CA  . GLY A 1 20 ? -13.016 -5.513  -0.693  1.00 51.01  ? 20  GLY A CA  1 
ATOM   160 C  C   . GLY A 1 20 ? -12.354 -4.755  0.456   1.00 50.99  ? 20  GLY A C   1 
ATOM   161 O  O   . GLY A 1 20 ? -12.946 -3.854  1.039   1.00 53.66  ? 20  GLY A O   1 
ATOM   162 N  N   . GLU A 1 21 ? -11.129 -5.133  0.812   1.00 48.80  ? 21  GLU A N   1 
ATOM   163 C  CA  . GLU A 1 21 ? -10.394 -4.423  1.846   1.00 49.19  ? 21  GLU A CA  1 
ATOM   164 C  C   . GLU A 1 21 ? -9.762  -3.100  1.432   1.00 43.43  ? 21  GLU A C   1 
ATOM   165 O  O   . GLU A 1 21 ? -9.756  -2.180  2.228   1.00 44.20  ? 21  GLU A O   1 
ATOM   166 C  CB  . GLU A 1 21 ? -9.350  -5.296  2.526   1.00 52.00  ? 21  GLU A CB  1 
ATOM   167 C  CG  . GLU A 1 21 ? -8.650  -6.299  1.639   1.00 56.08  ? 21  GLU A CG  1 
ATOM   168 C  CD  . GLU A 1 21 ? -7.675  -7.242  2.420   1.00 62.73  ? 21  GLU A CD  1 
ATOM   169 O  OE1 . GLU A 1 21 ? -7.389  -6.935  3.607   0.50 64.13  ? 21  GLU A OE1 1 
ATOM   170 O  OE2 . GLU A 1 21 ? -7.180  -8.248  1.828   0.50 55.29  ? 21  GLU A OE2 1 
ATOM   171 N  N   . ILE A 1 22 ? -9.244  -2.996  0.201   1.00 40.30  ? 22  ILE A N   1 
ATOM   172 C  CA  . ILE A 1 22 ? -8.831  -1.694  -0.330  1.00 35.65  ? 22  ILE A CA  1 
ATOM   173 C  C   . ILE A 1 22 ? -9.969  -0.647  -0.257  1.00 38.95  ? 22  ILE A C   1 
ATOM   174 O  O   . ILE A 1 22 ? -9.730  0.553   0.012   1.00 39.94  ? 22  ILE A O   1 
ATOM   175 C  CB  . ILE A 1 22 ? -8.318  -1.782  -1.765  1.00 32.13  ? 22  ILE A CB  1 
ATOM   176 C  CG1 . ILE A 1 22 ? -7.222  -2.838  -1.940  1.00 30.88  ? 22  ILE A CG1 1 
ATOM   177 C  CG2 . ILE A 1 22 ? -7.824  -0.382  -2.222  1.00 32.49  ? 22  ILE A CG2 1 
ATOM   178 C  CD1 . ILE A 1 22 ? -6.981  -3.196  -3.432  1.00 34.18  ? 22  ILE A CD1 1 
ATOM   179 N  N   . ALA A 1 23 ? -11.205 -1.076  -0.545  1.00 40.27  ? 23  ALA A N   1 
ATOM   180 C  CA  . ALA A 1 23 ? -12.304 -0.146  -0.603  1.00 43.21  ? 23  ALA A CA  1 
ATOM   181 C  C   . ALA A 1 23 ? -12.612 0.423   0.775   1.00 46.72  ? 23  ALA A C   1 
ATOM   182 O  O   . ALA A 1 23 ? -13.290 1.442   0.882   1.00 50.07  ? 23  ALA A O   1 
ATOM   183 C  CB  . ALA A 1 23 ? -13.529 -0.799  -1.205  1.00 44.54  ? 23  ALA A CB  1 
ATOM   184 N  N   . GLN A 1 24 ? -12.098 -0.206  1.826   1.00 47.47  ? 24  GLN A N   1 
ATOM   185 C  CA  . GLN A 1 24 ? -12.364 0.308   3.152   1.00 52.83  ? 24  GLN A CA  1 
ATOM   186 C  C   . GLN A 1 24 ? -11.211 1.146   3.718   1.00 51.01  ? 24  GLN A C   1 
ATOM   187 O  O   . GLN A 1 24 ? -11.399 1.753   4.746   1.00 53.68  ? 24  GLN A O   1 
ATOM   188 C  CB  . GLN A 1 24 ? -12.837 -0.786  4.142   1.00 57.40  ? 24  GLN A CB  1 
ATOM   189 C  CG  . GLN A 1 24 ? -12.363 -1.865  4.172   0.00 20.00  ? 24  GLN A CG  1 
ATOM   190 C  CD  . GLN A 1 24 ? -13.395 -2.901  4.552   0.00 20.00  ? 24  GLN A CD  1 
ATOM   191 O  OE1 . GLN A 1 24 ? -14.545 -2.565  4.794   0.00 20.00  ? 24  GLN A OE1 1 
ATOM   192 N  NE2 . GLN A 1 24 ? -12.994 -4.154  4.611   0.00 20.00  ? 24  GLN A NE2 1 
ATOM   193 N  N   . TYR A 1 25 ? -10.047 1.178   3.047   1.00 46.66  ? 25  TYR A N   1 
ATOM   194 C  CA  . TYR A 1 25 ? -8.973  2.157   3.390   1.00 44.48  ? 25  TYR A CA  1 
ATOM   195 C  C   . TYR A 1 25 ? -9.454  3.572   3.217   1.00 44.29  ? 25  TYR A C   1 
ATOM   196 O  O   . TYR A 1 25 ? -10.177 3.867   2.258   1.00 45.13  ? 25  TYR A O   1 
ATOM   197 C  CB  . TYR A 1 25 ? -7.719  1.951   2.542   1.00 41.14  ? 25  TYR A CB  1 
ATOM   198 C  CG  . TYR A 1 25 ? -7.054  0.593   2.749   1.00 43.62  ? 25  TYR A CG  1 
ATOM   199 C  CD1 . TYR A 1 25 ? -7.296  -0.181  3.891   1.00 47.77  ? 25  TYR A CD1 1 
ATOM   200 C  CD2 . TYR A 1 25 ? -6.162  0.088   1.812   1.00 42.79  ? 25  TYR A CD2 1 
ATOM   201 C  CE1 . TYR A 1 25 ? -6.688  -1.433  4.051   1.00 48.71  ? 25  TYR A CE1 1 
ATOM   202 C  CE2 . TYR A 1 25 ? -5.561  -1.176  1.962   1.00 41.12  ? 25  TYR A CE2 1 
ATOM   203 C  CZ  . TYR A 1 25 ? -5.813  -1.899  3.077   1.00 45.61  ? 25  TYR A CZ  1 
ATOM   204 O  OH  . TYR A 1 25 ? -5.188  -3.094  3.219   1.00 49.44  ? 25  TYR A OH  1 
ATOM   205 N  N   . THR A 1 26 ? -9.054  4.467   4.127   1.00 44.59  ? 26  THR A N   1 
ATOM   206 C  CA  . THR A 1 26 ? -9.394  5.878   3.937   1.00 45.18  ? 26  THR A CA  1 
ATOM   207 C  C   . THR A 1 26 ? -8.312  6.436   3.013   1.00 41.63  ? 26  THR A C   1 
ATOM   208 O  O   . THR A 1 26 ? -7.298  5.823   2.912   1.00 39.58  ? 26  THR A O   1 
ATOM   209 C  CB  . THR A 1 26 ? -9.453  6.609   5.244   1.00 49.28  ? 26  THR A CB  1 
ATOM   210 O  OG1 . THR A 1 26 ? -8.256  6.352   5.985   1.00 49.03  ? 26  THR A OG1 1 
ATOM   211 C  CG2 . THR A 1 26 ? -10.649 6.129   6.049   1.00 53.30  ? 26  THR A CG2 1 
ATOM   212 N  N   . PRO A 1 27 ? -8.529  7.583   2.331   1.00 42.68  ? 27  PRO A N   1 
ATOM   213 C  CA  . PRO A 1 27 ? -7.428  8.161   1.537   1.00 41.17  ? 27  PRO A CA  1 
ATOM   214 C  C   . PRO A 1 27 ? -6.091  8.353   2.288   1.00 40.64  ? 27  PRO A C   1 
ATOM   215 O  O   . PRO A 1 27 ? -5.047  8.081   1.761   1.00 40.11  ? 27  PRO A O   1 
ATOM   216 C  CB  . PRO A 1 27 ? -7.974  9.518   1.141   1.00 45.68  ? 27  PRO A CB  1 
ATOM   217 C  CG  . PRO A 1 27 ? -9.461  9.333   1.153   1.00 47.75  ? 27  PRO A CG  1 
ATOM   218 C  CD  . PRO A 1 27 ? -9.760  8.400   2.258   1.00 46.33  ? 27  PRO A CD  1 
ATOM   219 N  N   . LEU A 1 28 ? -6.150  8.766   3.537   1.00 42.08  ? 28  LEU A N   1 
ATOM   220 C  CA  . LEU A 1 28 ? -4.967  8.960   4.392   1.00 43.11  ? 28  LEU A CA  1 
ATOM   221 C  C   . LEU A 1 28 ? -4.279  7.638   4.691   1.00 40.85  ? 28  LEU A C   1 
ATOM   222 O  O   . LEU A 1 28 ? -3.075  7.569   4.706   1.00 42.14  ? 28  LEU A O   1 
ATOM   223 C  CB  . LEU A 1 28 ? -5.348  9.614   5.738   1.00 45.22  ? 28  LEU A CB  1 
ATOM   224 C  CG  . LEU A 1 28 ? -5.869  11.051  5.661   1.00 51.47  ? 28  LEU A CG  1 
ATOM   225 C  CD1 . LEU A 1 28 ? -5.927  11.671  7.026   1.00 51.34  ? 28  LEU A CD1 1 
ATOM   226 C  CD2 . LEU A 1 28 ? -5.013  11.896  4.756   1.00 50.33  ? 28  LEU A CD2 1 
ATOM   227 N  N   . ILE A 1 29 ? -5.055  6.571   4.864   1.00 40.30  ? 29  ILE A N   1 
ATOM   228 C  CA  . ILE A 1 29 ? -4.459  5.240   5.031   1.00 38.96  ? 29  ILE A CA  1 
ATOM   229 C  C   . ILE A 1 29 ? -3.835  4.765   3.736   1.00 37.30  ? 29  ILE A C   1 
ATOM   230 O  O   . ILE A 1 29 ? -2.714  4.252   3.769   1.00 41.00  ? 29  ILE A O   1 
ATOM   231 C  CB  . ILE A 1 29 ? -5.534  4.194   5.561   1.00 40.05  ? 29  ILE A CB  1 
ATOM   232 C  CG1 . ILE A 1 29 ? -6.105  4.715   6.870   1.00 43.34  ? 29  ILE A CG1 1 
ATOM   233 C  CG2 . ILE A 1 29 ? -5.026  2.698   5.593   1.00 38.45  ? 29  ILE A CG2 1 
ATOM   234 C  CD1 . ILE A 1 29 ? -6.089  3.792   8.059   1.00 52.80  ? 29  ILE A CD1 1 
ATOM   235 N  N   . VAL A 1 30 ? -4.514  4.893   2.602   1.00 39.98  ? 30  VAL A N   1 
ATOM   236 C  CA  . VAL A 1 30 ? -3.850  4.591   1.307   1.00 36.95  ? 30  VAL A CA  1 
ATOM   237 C  C   . VAL A 1 30 ? -2.463  5.307   1.180   1.00 37.40  ? 30  VAL A C   1 
ATOM   238 O  O   . VAL A 1 30 ? -1.423  4.690   0.860   1.00 37.34  ? 30  VAL A O   1 
ATOM   239 C  CB  . VAL A 1 30 ? -4.768  4.920   0.069   1.00 36.85  ? 30  VAL A CB  1 
ATOM   240 C  CG1 . VAL A 1 30 ? -3.999  4.741   -1.217  1.00 35.53  ? 30  VAL A CG1 1 
ATOM   241 C  CG2 . VAL A 1 30 ? -6.016  4.019   0.042   1.00 37.35  ? 30  VAL A CG2 1 
ATOM   242 N  N   . ASP A 1 31 ? -2.457  6.611   1.433   1.00 38.42  ? 31  ASP A N   1 
ATOM   243 C  CA  . ASP A 1 31 ? -1.240  7.413   1.396   1.00 39.85  ? 31  ASP A CA  1 
ATOM   244 C  C   . ASP A 1 31 ? -0.193  6.905   2.337   1.00 39.01  ? 31  ASP A C   1 
ATOM   245 O  O   . ASP A 1 31 ? 0.964   6.881   2.002   1.00 40.79  ? 31  ASP A O   1 
ATOM   246 C  CB  . ASP A 1 31 ? -1.510  8.895   1.728   1.00 42.95  ? 31  ASP A CB  1 
ATOM   247 C  CG  . ASP A 1 31 ? -2.226  9.647   0.617   1.00 43.75  ? 31  ASP A CG  1 
ATOM   248 O  OD1 . ASP A 1 31 ? -2.198  9.251   -0.548  1.00 49.52  ? 31  ASP A OD1 1 
ATOM   249 O  OD2 . ASP A 1 31 ? -2.738  10.715  0.903   1.00 49.41  ? 31  ASP A OD2 1 
ATOM   250 N  N   . PHE A 1 32 ? -0.580  6.417   3.487   1.00 41.92  ? 32  PHE A N   1 
ATOM   251 C  CA  . PHE A 1 32 ? 0.376   5.871   4.451   1.00 44.45  ? 32  PHE A CA  1 
ATOM   252 C  C   . PHE A 1 32 ? 0.922   4.470   4.032   1.00 43.32  ? 32  PHE A C   1 
ATOM   253 O  O   . PHE A 1 32 ? 2.097   4.146   4.202   1.00 44.89  ? 32  PHE A O   1 
ATOM   254 C  CB  . PHE A 1 32 ? -0.317  5.761   5.784   1.00 49.45  ? 32  PHE A CB  1 
ATOM   255 C  CG  . PHE A 1 32 ? 0.528   5.170   6.853   1.00 58.43  ? 32  PHE A CG  1 
ATOM   256 C  CD1 . PHE A 1 32 ? 0.643   5.787   8.045   1.00 67.21  ? 32  PHE A CD1 1 
ATOM   257 C  CD2 . PHE A 1 32 ? 1.218   3.967   6.654   1.00 63.42  ? 32  PHE A CD2 1 
ATOM   258 C  CE1 . PHE A 1 32 ? 1.423   5.205   9.029   1.00 74.81  ? 32  PHE A CE1 1 
ATOM   259 C  CE2 . PHE A 1 32 ? 2.016   3.421   7.621   1.00 65.77  ? 32  PHE A CE2 1 
ATOM   260 C  CZ  . PHE A 1 32 ? 2.121   4.028   8.786   1.00 71.45  ? 32  PHE A CZ  1 
ATOM   261 N  N   . LEU A 1 33 ? 0.060   3.641   3.490   1.00 39.92  ? 33  LEU A N   1 
ATOM   262 C  CA  . LEU A 1 33 ? 0.480   2.343   3.104   1.00 38.82  ? 33  LEU A CA  1 
ATOM   263 C  C   . LEU A 1 33 ? 1.349   2.352   1.849   1.00 35.14  ? 33  LEU A C   1 
ATOM   264 O  O   . LEU A 1 33 ? 2.264   1.529   1.723   1.00 38.40  ? 33  LEU A O   1 
ATOM   265 C  CB  . LEU A 1 33 ? -0.782  1.525   2.835   1.00 37.12  ? 33  LEU A CB  1 
ATOM   266 C  CG  . LEU A 1 33 ? -1.658  1.195   4.029   1.00 40.94  ? 33  LEU A CG  1 
ATOM   267 C  CD1 . LEU A 1 33 ? -2.813  0.386   3.549   1.00 41.59  ? 33  LEU A CD1 1 
ATOM   268 C  CD2 . LEU A 1 33 ? -0.939  0.347   5.023   1.00 47.26  ? 33  LEU A CD2 1 
ATOM   269 N  N   . VAL A 1 34 ? 1.004   3.209   0.919   1.00 32.34  ? 34  VAL A N   1 
ATOM   270 C  CA  . VAL A 1 34 ? 1.673   3.347   -0.398  1.00 31.14  ? 34  VAL A CA  1 
ATOM   271 C  C   . VAL A 1 34 ? 2.168   4.790   -0.533  1.00 30.79  ? 34  VAL A C   1 
ATOM   272 O  O   . VAL A 1 34 ? 1.571   5.623   -1.156  1.00 31.76  ? 34  VAL A O   1 
ATOM   273 C  CB  . VAL A 1 34 ? 0.732   3.006   -1.542  1.00 31.58  ? 34  VAL A CB  1 
ATOM   274 C  CG1 . VAL A 1 34 ? 1.553   2.868   -2.817  1.00 31.28  ? 34  VAL A CG1 1 
ATOM   275 C  CG2 . VAL A 1 34 ? 0.029   1.630   -1.299  1.00 31.78  ? 34  VAL A CG2 1 
ATOM   276 N  N   . PRO A 1 35 ? 3.264   5.100   0.148   1.00 34.02  ? 35  PRO A N   1 
ATOM   277 C  CA  . PRO A 1 35 ? 3.854   6.394   -0.051  1.00 36.91  ? 35  PRO A CA  1 
ATOM   278 C  C   . PRO A 1 35 ? 4.268   6.553   -1.546  1.00 37.14  ? 35  PRO A C   1 
ATOM   279 O  O   . PRO A 1 35 ? 4.334   5.515   -2.240  1.00 36.62  ? 35  PRO A O   1 
ATOM   280 C  CB  . PRO A 1 35 ? 5.089   6.341   0.877   1.00 37.78  ? 35  PRO A CB  1 
ATOM   281 C  CG  . PRO A 1 35 ? 4.750   5.210   1.903   1.00 38.93  ? 35  PRO A CG  1 
ATOM   282 C  CD  . PRO A 1 35 ? 3.998   4.239   1.129   1.00 35.20  ? 35  PRO A CD  1 
ATOM   283 N  N   . ASP A 1 36 ? 4.554   7.772   -2.033  1.00 38.63  ? 36  ASP A N   1 
ATOM   284 C  CA  . ASP A 1 36 ? 4.851   8.001   -3.461  1.00 41.18  ? 36  ASP A CA  1 
ATOM   285 C  C   . ASP A 1 36 ? 6.116   7.247   -3.968  1.00 43.73  ? 36  ASP A C   1 
ATOM   286 O  O   . ASP A 1 36 ? 6.238   6.956   -5.124  1.00 45.93  ? 36  ASP A O   1 
ATOM   287 C  CB  . ASP A 1 36 ? 5.085   9.503   -3.737  1.00 45.39  ? 36  ASP A CB  1 
ATOM   288 C  CG  . ASP A 1 36 ? 3.894   10.401  -3.306  1.00 44.99  ? 36  ASP A CG  1 
ATOM   289 O  OD1 . ASP A 1 36 ? 2.775   9.889   -3.286  1.00 43.94  ? 36  ASP A OD1 1 
ATOM   290 O  OD2 . ASP A 1 36 ? 4.067   11.617  -2.984  1.00 54.18  ? 36  ASP A OD2 1 
ATOM   291 N  N   . ASP A 1 37 ? 7.079   7.020   -3.097  1.00 45.45  ? 37  ASP A N   1 
ATOM   292 C  CA  A ASP A 1 37 ? 8.295   6.278   -3.412  0.50 48.94  ? 37  ASP A CA  1 
ATOM   293 C  CA  B ASP A 1 37 ? 8.263   6.311   -3.519  0.50 48.41  ? 37  ASP A CA  1 
ATOM   294 C  C   . ASP A 1 37 ? 7.958   4.828   -3.722  1.00 45.97  ? 37  ASP A C   1 
ATOM   295 O  O   . ASP A 1 37 ? 8.628   4.187   -4.489  1.00 49.45  ? 37  ASP A O   1 
ATOM   296 C  CB  A ASP A 1 37 ? 9.350   6.376   -2.286  0.50 53.08  ? 37  ASP A CB  1 
ATOM   297 C  CB  B ASP A 1 37 ? 9.393   6.528   -2.538  0.50 52.41  ? 37  ASP A CB  1 
ATOM   298 C  CG  A ASP A 1 37 ? 8.874   5.796   -0.905  0.50 54.12  ? 37  ASP A CG  1 
ATOM   299 C  CG  B ASP A 1 37 ? 9.864   7.969   -2.509  0.50 57.58  ? 37  ASP A CG  1 
ATOM   300 O  OD1 A ASP A 1 37 ? 9.494   4.834   -0.373  0.50 58.72  ? 37  ASP A OD1 1 
ATOM   301 O  OD1 B ASP A 1 37 ? 9.766   8.664   -3.550  0.50 59.46  ? 37  ASP A OD1 1 
ATOM   302 O  OD2 A ASP A 1 37 ? 7.926   6.354   -0.308  0.50 54.64  ? 37  ASP A OD2 1 
ATOM   303 O  OD2 B ASP A 1 37 ? 10.325  8.409   -1.436  0.50 64.41  ? 37  ASP A OD2 1 
ATOM   304 N  N   . ILE A 1 38 ? 6.926   4.302   -3.073  1.00 43.02  ? 38  ILE A N   1 
ATOM   305 C  CA  . ILE A 1 38 ? 6.505   2.904   -3.308  1.00 42.64  ? 38  ILE A CA  1 
ATOM   306 C  C   . ILE A 1 38 ? 5.720   2.747   -4.608  1.00 42.25  ? 38  ILE A C   1 
ATOM   307 O  O   . ILE A 1 38 ? 5.972   1.831   -5.392  1.00 45.16  ? 38  ILE A O   1 
ATOM   308 C  CB  . ILE A 1 38 ? 5.782   2.305   -2.068  1.00 42.51  ? 38  ILE A CB  1 
ATOM   309 C  CG1 . ILE A 1 38 ? 6.807   2.180   -0.906  1.00 46.15  ? 38  ILE A CG1 1 
ATOM   310 C  CG2 . ILE A 1 38 ? 5.128   0.948   -2.411  1.00 41.17  ? 38  ILE A CG2 1 
ATOM   311 C  CD1 . ILE A 1 38 ? 6.255   1.556   0.311   1.00 51.41  ? 38  ILE A CD1 1 
ATOM   312 N  N   . LEU A 1 39 ? 4.819   3.696   -4.865  1.00 39.88  ? 39  LEU A N   1 
ATOM   313 C  CA  . LEU A 1 39 ? 4.137   3.751   -6.121  1.00 41.56  ? 39  LEU A CA  1 
ATOM   314 C  C   . LEU A 1 39 ? 5.137   3.797   -7.258  1.00 46.16  ? 39  LEU A C   1 
ATOM   315 O  O   . LEU A 1 39 ? 4.940   3.147   -8.243  1.00 49.67  ? 39  LEU A O   1 
ATOM   316 C  CB  . LEU A 1 39 ? 3.299   5.018   -6.223  1.00 41.20  ? 39  LEU A CB  1 
ATOM   317 C  CG  . LEU A 1 39 ? 1.971   5.074   -7.005  1.00 43.34  ? 39  LEU A CG  1 
ATOM   318 C  CD1 . LEU A 1 39 ? 1.793   6.388   -7.582  1.00 39.64  ? 39  LEU A CD1 1 
ATOM   319 C  CD2 . LEU A 1 39 ? 1.688   3.939   -7.967  1.00 37.33  ? 39  LEU A CD2 1 
ATOM   320 N  N   . ALA A 1 40 ? 6.192   4.603   -7.104  1.00 47.27  ? 40  ALA A N   1 
ATOM   321 C  CA  . ALA A 1 40 ? 7.162   4.902   -8.148  1.00 51.94  ? 40  ALA A CA  1 
ATOM   322 C  C   . ALA A 1 40 ? 7.909   3.646   -8.525  1.00 54.64  ? 40  ALA A C   1 
ATOM   323 O  O   . ALA A 1 40 ? 8.325   3.472   -9.655  1.00 58.69  ? 40  ALA A O   1 
ATOM   324 C  CB  . ALA A 1 40 ? 8.094   5.913   -7.661  1.00 52.93  ? 40  ALA A CB  1 
HETATM 325 N  N   . MSE A 1 41 ? 8.003   2.732   -7.569  1.00 54.47  ? 41  MSE A N   1 
HETATM 326 C  CA  . MSE A 1 41 ? 8.675   1.433   -7.775  1.00 58.27  ? 41  MSE A CA  1 
HETATM 327 C  C   . MSE A 1 41 ? 8.009   0.640   -8.896  1.00 61.12  ? 41  MSE A C   1 
HETATM 328 O  O   . MSE A 1 41 ? 8.681   -0.112  -9.630  1.00 65.89  ? 41  MSE A O   1 
HETATM 329 C  CB  . MSE A 1 41 ? 8.655   0.609   -6.482  1.00 56.81  ? 41  MSE A CB  1 
HETATM 330 C  CG  . MSE A 1 41 ? 9.648   1.079   -5.416  1.00 59.09  ? 41  MSE A CG  1 
HETATM 331 SE SE  . MSE A 1 41 ? 9.697   -0.123  -3.831  0.90 68.26  ? 41  MSE A SE  1 
HETATM 332 C  CE  . MSE A 1 41 ? 11.367  0.535   -3.021  0.50 70.71  ? 41  MSE A CE  1 
ATOM   333 N  N   . ALA A 1 42 ? 6.698   0.841   -9.027  1.00 58.03  ? 42  ALA A N   1 
ATOM   334 C  CA  . ALA A 1 42 ? 5.871   0.090   -9.952  1.00 61.95  ? 42  ALA A CA  1 
ATOM   335 C  C   . ALA A 1 42 ? 5.772   0.774   -11.310 1.00 67.06  ? 42  ALA A C   1 
ATOM   336 O  O   . ALA A 1 42 ? 5.113   0.259   -12.213 1.00 71.39  ? 42  ALA A O   1 
ATOM   337 C  CB  . ALA A 1 42 ? 4.501   -0.049  -9.370  1.00 57.84  ? 42  ALA A CB  1 
ATOM   338 N  N   . ALA A 1 43 ? 6.406   1.942   -11.424 1.00 69.01  ? 43  ALA A N   1 
ATOM   339 C  CA  . ALA A 1 43 ? 6.210   2.857   -12.554 1.00 74.30  ? 43  ALA A CA  1 
ATOM   340 C  C   . ALA A 1 43 ? 6.438   2.188   -13.913 1.00 83.25  ? 43  ALA A C   1 
ATOM   341 O  O   . ALA A 1 43 ? 5.498   2.094   -14.731 1.00 86.72  ? 43  ALA A O   1 
ATOM   342 C  CB  . ALA A 1 43 ? 7.091   4.121   -12.394 1.00 75.42  ? 43  ALA A CB  1 
ATOM   343 N  N   . ASP A 1 44 ? 7.662   1.693   -14.149 1.00 87.98  ? 44  ASP A N   1 
ATOM   344 C  CA  . ASP A 1 44 ? 7.989   1.022   -15.437 1.00 97.95  ? 44  ASP A CA  1 
ATOM   345 C  C   . ASP A 1 44 ? 7.475   -0.413  -15.445 1.00 98.65  ? 44  ASP A C   1 
ATOM   346 O  O   . ASP A 1 44 ? 7.943   -1.303  -16.239 1.00 105.13 ? 44  ASP A O   1 
ATOM   347 C  CB  . ASP A 1 44 ? 9.485   1.063   -15.728 1.00 103.74 ? 44  ASP A CB  1 
ATOM   348 C  CG  . ASP A 1 44 ? 10.042  2.473   -15.622 1.00 105.29 ? 44  ASP A CG  1 
ATOM   349 O  OD1 . ASP A 1 44 ? 10.073  3.179   -16.695 1.00 112.34 ? 44  ASP A OD1 1 
ATOM   350 O  OD2 . ASP A 1 44 ? 10.394  2.880   -14.439 1.00 99.60  ? 44  ASP A OD2 1 
ATOM   351 N  N   . GLY A 1 45 ? 6.516   -0.615  -14.501 1.00 90.44  ? 45  GLY A N   1 
ATOM   352 C  CA  . GLY A 1 45 ? 5.718   -1.841  -14.554 1.00 90.81  ? 45  GLY A CA  1 
ATOM   353 C  C   . GLY A 1 45 ? 6.176   -2.860  -13.516 1.00 87.51  ? 45  GLY A C   1 
ATOM   354 O  O   . GLY A 1 45 ? 7.256   -2.715  -12.843 1.00 85.47  ? 45  GLY A O   1 
ATOM   355 N  N   . LEU A 1 46 ? 5.307   -3.846  -13.325 1.00 89.56  ? 46  LEU A N   1 
ATOM   356 C  CA  . LEU A 1 46 ? 5.621   -4.943  -12.466 1.00 86.52  ? 46  LEU A CA  1 
ATOM   357 C  C   . LEU A 1 46 ? 6.206   -5.936  -13.406 1.00 97.43  ? 46  LEU A C   1 
ATOM   358 O  O   . LEU A 1 46 ? 6.343   -5.660  -14.618 1.00 106.09 ? 46  LEU A O   1 
ATOM   359 C  CB  . LEU A 1 46 ? 4.353   -5.482  -11.820 1.00 80.98  ? 46  LEU A CB  1 
ATOM   360 C  CG  . LEU A 1 46 ? 3.798   -4.747  -10.595 1.00 71.52  ? 46  LEU A CG  1 
ATOM   361 C  CD1 . LEU A 1 46 ? 3.131   -5.817  -9.725  1.00 69.05  ? 46  LEU A CD1 1 
ATOM   362 C  CD2 . LEU A 1 46 ? 4.910   -4.079  -9.681  1.00 64.00  ? 46  LEU A CD2 1 
ATOM   363 N  N   . THR A 1 47 ? 6.518   -7.124  -12.908 1.00 99.67  ? 47  THR A N   1 
ATOM   364 C  CA  . THR A 1 47 ? 6.201   -7.536  -11.537 1.00 92.54  ? 47  THR A CA  1 
ATOM   365 C  C   . THR A 1 47 ? 7.352   -8.391  -11.112 1.00 97.67  ? 47  THR A C   1 
ATOM   366 O  O   . THR A 1 47 ? 7.461   -8.692  -9.891  1.00 93.06  ? 47  THR A O   1 
ATOM   367 C  CB  . THR A 1 47 ? 4.964   -8.596  -12.149 0.00 20.00  ? 47  THR A CB  1 
ATOM   368 N  N   . PRO A 1 48 ? 8.254   -8.730  -12.080 1.00 108.66 ? 48  PRO A N   1 
ATOM   369 C  CA  . PRO A 1 48 ? 9.340   -9.593  -11.750 1.00 116.78 ? 48  PRO A CA  1 
ATOM   370 C  C   . PRO A 1 48 ? 8.976   -10.371 -10.485 1.00 113.15 ? 48  PRO A C   1 
ATOM   371 O  O   . PRO A 1 48 ? 8.055   -11.225 -10.489 1.00 114.51 ? 48  PRO A O   1 
ATOM   372 C  CB  . PRO A 1 48 ? 10.465  -8.541  -11.420 1.00 114.49 ? 48  PRO A CB  1 
ATOM   373 C  CG  . PRO A 1 48 ? 9.855   -7.095  -12.063 1.00 108.57 ? 48  PRO A CG  1 
ATOM   374 C  CD  . PRO A 1 48 ? 8.822   -7.757  -13.055 1.00 112.80 ? 48  PRO A CD  1 
ATOM   375 N  N   . GLU A 1 49 ? 9.746   -10.078 -9.436  1.00 110.61 ? 49  GLU A N   1 
ATOM   376 C  CA  . GLU A 1 49 ? 9.306   -10.184 -8.071  1.00 103.97 ? 49  GLU A CA  1 
ATOM   377 C  C   . GLU A 1 49 ? 9.645   -8.879  -7.430  1.00 92.85  ? 49  GLU A C   1 
ATOM   378 O  O   . GLU A 1 49 ? 10.086  -8.821  -6.262  1.00 88.93  ? 49  GLU A O   1 
ATOM   379 C  CB  . GLU A 1 49 ? 9.906   -11.400 -7.357  1.00 110.55 ? 49  GLU A CB  1 
ATOM   380 C  CG  . GLU A 1 49 ? 8.791   -12.053 -6.522  1.00 106.62 ? 49  GLU A CG  1 
ATOM   381 C  CD  . GLU A 1 49 ? 7.307   -11.679 -7.054  1.00 100.18 ? 49  GLU A CD  1 
ATOM   382 O  OE1 . GLU A 1 49 ? 6.296   -11.531 -6.122  1.00 93.04  ? 49  GLU A OE1 1 
ATOM   383 O  OE2 . GLU A 1 49 ? 7.164   -11.680 -8.347  1.00 105.16 ? 49  GLU A OE2 1 
ATOM   384 N  N   . LEU A 1 50 ? 9.450   -7.846  -8.263  1.00 87.87  ? 50  LEU A N   1 
ATOM   385 C  CA  . LEU A 1 50 ? 9.285   -6.490  -7.863  1.00 77.14  ? 50  LEU A CA  1 
ATOM   386 C  C   . LEU A 1 50 ? 8.036   -6.546  -7.023  1.00 68.08  ? 50  LEU A C   1 
ATOM   387 O  O   . LEU A 1 50 ? 7.912   -5.848  -6.000  1.00 63.25  ? 50  LEU A O   1 
ATOM   388 C  CB  . LEU A 1 50 ? 9.103   -5.629  -9.119  1.00 78.66  ? 50  LEU A CB  1 
ATOM   389 C  CG  . LEU A 1 50 ? 9.074   -4.123  -8.902  1.00 72.36  ? 50  LEU A CG  1 
ATOM   390 C  CD1 . LEU A 1 50 ? 10.262  -3.645  -8.061  1.00 72.36  ? 50  LEU A CD1 1 
ATOM   391 C  CD2 . LEU A 1 50 ? 9.081   -3.471  -10.285 1.00 75.59  ? 50  LEU A CD2 1 
ATOM   392 N  N   . LYS A 1 51 ? 7.108   -7.393  -7.477  1.00 67.55  ? 51  LYS A N   1 
ATOM   393 C  CA  . LYS A 1 51 ? 5.865   -7.645  -6.792  1.00 61.08  ? 51  LYS A CA  1 
ATOM   394 C  C   . LYS A 1 51 ? 6.142   -8.016  -5.326  1.00 57.44  ? 51  LYS A C   1 
ATOM   395 O  O   . LYS A 1 51 ? 5.649   -7.382  -4.404  1.00 50.41  ? 51  LYS A O   1 
ATOM   396 C  CB  . LYS A 1 51 ? 5.106   -8.745  -7.533  1.00 67.25  ? 51  LYS A CB  1 
ATOM   397 C  CG  . LYS A 1 51 ? 3.706   -9.050  -7.031  1.00 64.87  ? 51  LYS A CG  1 
ATOM   398 C  CD  . LYS A 1 51 ? 2.920   -9.809  -8.089  1.00 70.72  ? 51  LYS A CD  1 
ATOM   399 C  CE  . LYS A 1 51 ? 1.673   -10.350 -7.452  1.00 72.83  ? 51  LYS A CE  1 
ATOM   400 N  NZ  . LYS A 1 51 ? 0.616   -10.724 -8.459  1.00 80.64  ? 51  LYS A NZ  1 
ATOM   401 N  N   . GLU A 1 52 ? 6.959   -9.018  -5.092  1.00 61.80  ? 52  GLU A N   1 
ATOM   402 C  CA  . GLU A 1 52 ? 7.182   -9.417  -3.722  1.00 60.76  ? 52  GLU A CA  1 
ATOM   403 C  C   . GLU A 1 52 ? 7.884   -8.319  -2.959  1.00 55.64  ? 52  GLU A C   1 
ATOM   404 O  O   . GLU A 1 52 ? 7.615   -8.161  -1.801  1.00 51.44  ? 52  GLU A O   1 
ATOM   405 C  CB  . GLU A 1 52 ? 8.005   -10.706 -3.614  1.00 70.45  ? 52  GLU A CB  1 
ATOM   406 C  CG  . GLU A 1 52 ? 7.397   -11.744 -2.683  1.00 75.42  ? 52  GLU A CG  1 
ATOM   407 C  CD  . GLU A 1 52 ? 7.775   -13.198 -3.065  1.00 91.54  ? 52  GLU A CD  1 
ATOM   408 O  OE1 . GLU A 1 52 ? 8.790   -13.686 -2.510  1.00 101.17 ? 52  GLU A OE1 1 
ATOM   409 O  OE2 . GLU A 1 52 ? 7.096   -13.874 -3.912  1.00 98.23  ? 52  GLU A OE2 1 
ATOM   410 N  N   . LYS A 1 53 ? 8.800   -7.603  -3.608  1.00 58.38  ? 53  LYS A N   1 
ATOM   411 C  CA  . LYS A 1 53 ? 9.539   -6.480  -2.996  1.00 57.68  ? 53  LYS A CA  1 
ATOM   412 C  C   . LYS A 1 53 ? 8.600   -5.398  -2.439  1.00 51.39  ? 53  LYS A C   1 
ATOM   413 O  O   . LYS A 1 53 ? 8.635   -5.063  -1.255  1.00 49.41  ? 53  LYS A O   1 
ATOM   414 C  CB  . LYS A 1 53 ? 10.517  -5.854  -3.998  1.00 62.87  ? 53  LYS A CB  1 
ATOM   415 C  CG  . LYS A 1 53 ? 11.752  -5.075  -3.349  1.00 68.49  ? 53  LYS A CG  1 
ATOM   416 C  CD  . LYS A 1 53 ? 12.416  -4.164  -4.395  1.00 73.98  ? 53  LYS A CD  1 
ATOM   417 C  CE  . LYS A 1 53 ? 12.456  -2.661  -3.990  1.00 73.60  ? 53  LYS A CE  1 
ATOM   418 N  NZ  . LYS A 1 53 ? 13.399  -2.304  -2.873  1.00 79.13  ? 53  LYS A NZ  1 
ATOM   419 N  N   . ILE A 1 54 ? 7.737   -4.898  -3.307  1.00 49.49  ? 54  ILE A N   1 
ATOM   420 C  CA  . ILE A 1 54 ? 6.787   -3.884  -2.976  1.00 45.51  ? 54  ILE A CA  1 
ATOM   421 C  C   . ILE A 1 54 ? 5.769   -4.330  -1.959  1.00 43.39  ? 54  ILE A C   1 
ATOM   422 O  O   . ILE A 1 54 ? 5.452   -3.538  -1.058  1.00 44.08  ? 54  ILE A O   1 
ATOM   423 C  CB  . ILE A 1 54 ? 6.074   -3.415  -4.224  1.00 44.74  ? 54  ILE A CB  1 
ATOM   424 C  CG1 . ILE A 1 54 ? 7.118   -2.950  -5.230  1.00 47.15  ? 54  ILE A CG1 1 
ATOM   425 C  CG2 . ILE A 1 54 ? 5.074   -2.285  -3.892  1.00 40.24  ? 54  ILE A CG2 1 
ATOM   426 C  CD1 . ILE A 1 54 ? 6.573   -2.628  -6.562  1.00 47.83  ? 54  ILE A CD1 1 
ATOM   427 N  N   . GLN A 1 55 ? 5.238   -5.542  -2.107  1.00 43.10  ? 55  GLN A N   1 
ATOM   428 C  CA  . GLN A 1 55 ? 4.317   -6.131  -1.133  1.00 42.15  ? 55  GLN A CA  1 
ATOM   429 C  C   . GLN A 1 55 ? 4.967   -6.108  0.245   1.00 43.26  ? 55  GLN A C   1 
ATOM   430 O  O   . GLN A 1 55 ? 4.307   -5.736  1.216   1.00 42.54  ? 55  GLN A O   1 
ATOM   431 C  CB  . GLN A 1 55 ? 4.018   -7.595  -1.449  1.00 45.22  ? 55  GLN A CB  1 
ATOM   432 C  CG  . GLN A 1 55 ? 3.054   -7.844  -2.571  1.00 47.12  ? 55  GLN A CG  1 
ATOM   433 C  CD  . GLN A 1 55 ? 2.931   -9.323  -2.905  1.00 57.60  ? 55  GLN A CD  1 
ATOM   434 O  OE1 . GLN A 1 55 ? 3.755   -10.150 -2.468  1.00 62.08  ? 55  GLN A OE1 1 
ATOM   435 N  NE2 . GLN A 1 55 ? 1.927   -9.671  -3.688  1.00 58.29  ? 55  GLN A NE2 1 
ATOM   436 N  N   . ASN A 1 56 ? 6.236   -6.508  0.327   1.00 44.64  ? 56  ASN A N   1 
ATOM   437 C  CA  . ASN A 1 56 ? 6.982   -6.455  1.569   1.00 49.06  ? 56  ASN A CA  1 
ATOM   438 C  C   . ASN A 1 56 ? 7.019   -5.007  2.148   1.00 46.18  ? 56  ASN A C   1 
ATOM   439 O  O   . ASN A 1 56 ? 6.862   -4.797  3.368   1.00 48.09  ? 56  ASN A O   1 
ATOM   440 C  CB  . ASN A 1 56 ? 8.403   -7.022  1.387   1.00 52.68  ? 56  ASN A CB  1 
ATOM   441 C  CG  . ASN A 1 56 ? 8.427   -8.560  1.284   1.00 62.20  ? 56  ASN A CG  1 
ATOM   442 O  OD1 . ASN A 1 56 ? 7.564   -9.243  1.872   1.00 62.89  ? 56  ASN A OD1 1 
ATOM   443 N  ND2 . ASN A 1 56 ? 9.465   -9.112  0.613   1.00 67.21  ? 56  ASN A ND2 1 
ATOM   444 N  N   . GLU A 1 57 ? 7.264   -4.035  1.301   1.00 45.64  ? 57  GLU A N   1 
ATOM   445 C  CA  . GLU A 1 57 ? 7.331   -2.645  1.763   1.00 47.27  ? 57  GLU A CA  1 
ATOM   446 C  C   . GLU A 1 57 ? 5.983   -2.194  2.327   1.00 43.19  ? 57  GLU A C   1 
ATOM   447 O  O   . GLU A 1 57 ? 5.944   -1.498  3.343   1.00 43.03  ? 57  GLU A O   1 
ATOM   448 C  CB  . GLU A 1 57 ? 7.768   -1.684  0.634   1.00 48.91  ? 57  GLU A CB  1 
ATOM   449 C  CG  . GLU A 1 57 ? 9.198   -1.861  0.184   1.00 57.56  ? 57  GLU A CG  1 
ATOM   450 C  CD  . GLU A 1 57 ? 10.096  -0.767  0.644   1.00 72.38  ? 57  GLU A CD  1 
ATOM   451 O  OE1 . GLU A 1 57 ? 9.981   -0.353  1.829   1.00 80.61  ? 57  GLU A OE1 1 
ATOM   452 O  OE2 . GLU A 1 57 ? 10.952  -0.320  -0.162  1.00 80.92  ? 57  GLU A OE2 1 
ATOM   453 N  N   . ILE A 1 58 ? 4.899   -2.542  1.649   1.00 39.91  ? 58  ILE A N   1 
ATOM   454 C  CA  . ILE A 1 58 ? 3.559   -2.115  2.039   1.00 39.29  ? 58  ILE A CA  1 
ATOM   455 C  C   . ILE A 1 58 ? 3.119   -2.799  3.368   1.00 40.36  ? 58  ILE A C   1 
ATOM   456 O  O   . ILE A 1 58 ? 2.510   -2.172  4.265   1.00 42.90  ? 58  ILE A O   1 
ATOM   457 C  CB  . ILE A 1 58 ? 2.577   -2.458  0.922   1.00 36.84  ? 58  ILE A CB  1 
ATOM   458 C  CG1 . ILE A 1 58 ? 2.777   -1.441  -0.234  1.00 39.91  ? 58  ILE A CG1 1 
ATOM   459 C  CG2 . ILE A 1 58 ? 1.130   -2.302  1.364   1.00 41.48  ? 58  ILE A CG2 1 
ATOM   460 C  CD1 . ILE A 1 58 ? 2.104   -1.840  -1.488  1.00 37.83  ? 58  ILE A CD1 1 
ATOM   461 N  N   . ILE A 1 59 ? 3.404   -4.075  3.471   1.00 40.41  ? 59  ILE A N   1 
ATOM   462 C  CA  . ILE A 1 59 ? 3.213   -4.873  4.739   1.00 43.91  ? 59  ILE A CA  1 
ATOM   463 C  C   . ILE A 1 59 ? 3.967   -4.265  5.906   1.00 46.26  ? 59  ILE A C   1 
ATOM   464 O  O   . ILE A 1 59 ? 3.401   -4.088  6.950   1.00 47.72  ? 59  ILE A O   1 
ATOM   465 C  CB  . ILE A 1 59 ? 3.602   -6.351  4.603   1.00 46.06  ? 59  ILE A CB  1 
ATOM   466 C  CG1 . ILE A 1 59 ? 2.698   -7.010  3.543   1.00 44.77  ? 59  ILE A CG1 1 
ATOM   467 C  CG2 . ILE A 1 59 ? 3.396   -7.062  5.938   1.00 49.32  ? 59  ILE A CG2 1 
ATOM   468 C  CD1 . ILE A 1 59 ? 2.797   -8.370  3.474   1.00 54.60  ? 59  ILE A CD1 1 
ATOM   469 N  N   . GLU A 1 60 ? 5.184   -3.795  5.658   1.00 52.75  ? 60  GLU A N   1 
ATOM   470 C  CA  . GLU A 1 60 ? 5.902   -3.072  6.692   1.00 52.84  ? 60  GLU A CA  1 
ATOM   471 C  C   . GLU A 1 60 ? 5.149   -1.828  7.177   1.00 46.24  ? 60  GLU A C   1 
ATOM   472 O  O   . GLU A 1 60 ? 5.097   -1.560  8.362   1.00 45.70  ? 60  GLU A O   1 
ATOM   473 C  CB  . GLU A 1 60 ? 7.299   -2.735  6.220   1.00 55.74  ? 60  GLU A CB  1 
ATOM   474 C  CG  . GLU A 1 60 ? 8.343   -3.162  7.166   1.00 67.64  ? 60  GLU A CG  1 
ATOM   475 C  CD  . GLU A 1 60 ? 8.665   -4.648  7.040   1.00 82.11  ? 60  GLU A CD  1 
ATOM   476 O  OE1 . GLU A 1 60 ? 9.133   -5.010  5.890   1.00 88.17  ? 60  GLU A OE1 1 
ATOM   477 O  OE2 . GLU A 1 60 ? 8.469   -5.445  8.082   1.00 86.75  ? 60  GLU A OE2 1 
ATOM   478 N  N   . ASN A 1 61 ? 4.511   -1.112  6.269   1.00 44.30  ? 61  ASN A N   1 
ATOM   479 C  CA  . ASN A 1 61 ? 3.834   0.101   6.567   1.00 42.19  ? 61  ASN A CA  1 
ATOM   480 C  C   . ASN A 1 61 ? 2.574   -0.266  7.233   1.00 44.15  ? 61  ASN A C   1 
ATOM   481 O  O   . ASN A 1 61 ? 2.111   0.434   8.065   1.00 46.19  ? 61  ASN A O   1 
ATOM   482 C  CB  . ASN A 1 61 ? 3.482   0.835   5.281   1.00 42.85  ? 61  ASN A CB  1 
ATOM   483 C  CG  . ASN A 1 61 ? 4.686   1.497   4.615   1.00 44.39  ? 61  ASN A CG  1 
ATOM   484 O  OD1 . ASN A 1 61 ? 5.713   1.707   5.235   1.00 43.15  ? 61  ASN A OD1 1 
ATOM   485 N  ND2 . ASN A 1 61 ? 4.536   1.851   3.352   1.00 40.49  ? 61  ASN A ND2 1 
ATOM   486 N  N   . HIS A 1 62 ? 1.952   -1.344  6.828   1.00 47.13  ? 62  HIS A N   1 
ATOM   487 C  CA  . HIS A 1 62 ? 0.711   -1.735  7.465   1.00 53.28  ? 62  HIS A CA  1 
ATOM   488 C  C   . HIS A 1 62 ? 0.961   -2.185  8.874   1.00 54.04  ? 62  HIS A C   1 
ATOM   489 O  O   . HIS A 1 62 ? 0.121   -2.001  9.707   1.00 57.25  ? 62  HIS A O   1 
ATOM   490 C  CB  . HIS A 1 62 ? 0.039   -2.844  6.669   1.00 58.99  ? 62  HIS A CB  1 
ATOM   491 C  CG  . HIS A 1 62 ? -1.379  -3.115  7.056   1.00 69.58  ? 62  HIS A CG  1 
ATOM   492 N  ND1 . HIS A 1 62 ? -2.354  -3.374  6.102   1.00 80.57  ? 62  HIS A ND1 1 
ATOM   493 C  CD2 . HIS A 1 62 ? -1.991  -3.204  8.294   1.00 73.64  ? 62  HIS A CD2 1 
ATOM   494 C  CE1 . HIS A 1 62 ? -3.503  -3.614  6.738   1.00 88.64  ? 62  HIS A CE1 1 
ATOM   495 N  NE2 . HIS A 1 62 ? -3.309  -3.518  8.067   1.00 84.46  ? 62  HIS A NE2 1 
ATOM   496 N  N   . ILE A 1 63 ? 2.123   -2.793  9.111   1.00 54.90  ? 63  ILE A N   1 
ATOM   497 C  CA  . ILE A 1 63 ? 2.577   -3.276  10.435  1.00 57.45  ? 63  ILE A CA  1 
ATOM   498 C  C   . ILE A 1 63 ? 2.720   -2.062  11.339  1.00 53.96  ? 63  ILE A C   1 
ATOM   499 O  O   . ILE A 1 63 ? 2.177   -2.046  12.418  1.00 56.19  ? 63  ILE A O   1 
ATOM   500 C  CB  . ILE A 1 63 ? 3.955   -4.065  10.330  1.00 60.52  ? 63  ILE A CB  1 
ATOM   501 C  CG1 . ILE A 1 63 ? 3.778   -5.471  9.816   1.00 66.16  ? 63  ILE A CG1 1 
ATOM   502 C  CG2 . ILE A 1 63 ? 4.733   -4.063  11.607  1.00 64.41  ? 63  ILE A CG2 1 
ATOM   503 C  CD1 . ILE A 1 63 ? 5.021   -5.940  9.097   1.00 71.05  ? 63  ILE A CD1 1 
ATOM   504 N  N   . ALA A 1 64 ? 3.418   -1.043  10.852  1.00 51.87  ? 64  ALA A N   1 
ATOM   505 C  CA  . ALA A 1 64 ? 3.546   0.233   11.538  1.00 50.02  ? 64  ALA A CA  1 
ATOM   506 C  C   . ALA A 1 64 ? 2.190   0.778   11.985  1.00 49.44  ? 64  ALA A C   1 
ATOM   507 O  O   . ALA A 1 64 ? 2.051   1.180   13.123  1.00 51.03  ? 64  ALA A O   1 
ATOM   508 C  CB  . ALA A 1 64 ? 4.293   1.252   10.680  1.00 50.88  ? 64  ALA A CB  1 
ATOM   509 N  N   . LEU A 1 65 ? 1.207   0.761   11.087  1.00 50.00  ? 65  LEU A N   1 
ATOM   510 C  CA  . LEU A 1 65 ? -0.092  1.355   11.311  1.00 53.69  ? 65  LEU A CA  1 
ATOM   511 C  C   . LEU A 1 65 ? -0.799  0.596   12.367  1.00 55.78  ? 65  LEU A C   1 
ATOM   512 O  O   . LEU A 1 65 ? -1.341  1.200   13.289  1.00 60.01  ? 65  LEU A O   1 
ATOM   513 C  CB  . LEU A 1 65 ? -0.914  1.264   10.058  1.00 57.17  ? 65  LEU A CB  1 
ATOM   514 C  CG  . LEU A 1 65 ? -1.970  2.275   9.749   1.00 65.40  ? 65  LEU A CG  1 
ATOM   515 C  CD1 . LEU A 1 65 ? -2.149  3.359   10.831  1.00 72.31  ? 65  LEU A CD1 1 
ATOM   516 C  CD2 . LEU A 1 65 ? -1.538  2.911   8.448   1.00 70.57  ? 65  LEU A CD2 1 
HETATM 517 N  N   . MSE A 1 66 ? -0.814  -0.721  12.223  1.00 54.85  ? 66  MSE A N   1 
HETATM 518 C  CA  . MSE A 1 66 ? -1.434  -1.607  13.200  1.00 58.17  ? 66  MSE A CA  1 
HETATM 519 C  C   . MSE A 1 66 ? -0.846  -1.398  14.581  1.00 55.60  ? 66  MSE A C   1 
HETATM 520 O  O   . MSE A 1 66 ? -1.574  -1.353  15.553  1.00 59.18  ? 66  MSE A O   1 
HETATM 521 C  CB  . MSE A 1 66 ? -1.253  -3.089  12.824  0.90 61.03  ? 66  MSE A CB  1 
HETATM 522 C  CG  . MSE A 1 66 ? -2.129  -3.660  11.727  0.90 67.00  ? 66  MSE A CG  1 
HETATM 523 SE SE  . MSE A 1 66 ? -1.630  -5.541  11.430  0.40 75.32  ? 66  MSE A SE  1 
HETATM 524 C  CE  . MSE A 1 66 ? 0.117   -5.496  10.545  0.90 68.27  ? 66  MSE A CE  1 
ATOM   525 N  N   . ALA A 1 67 ? 0.476   -1.338  14.679  1.00 51.31  ? 67  ALA A N   1 
ATOM   526 C  CA  . ALA A 1 67 ? 1.119   -1.241  15.957  1.00 51.85  ? 67  ALA A CA  1 
ATOM   527 C  C   . ALA A 1 67 ? 0.627   0.000   16.713  1.00 53.11  ? 67  ALA A C   1 
ATOM   528 O  O   . ALA A 1 67 ? 0.420   -0.035  17.938  1.00 55.14  ? 67  ALA A O   1 
ATOM   529 C  CB  . ALA A 1 67 ? 2.556   -1.135  15.740  1.00 52.16  ? 67  ALA A CB  1 
ATOM   530 N  N   . LEU A 1 68 ? 0.505   1.090   15.956  1.00 52.73  ? 68  LEU A N   1 
ATOM   531 C  CA  . LEU A 1 68 ? 0.091   2.385   16.431  1.00 57.50  ? 68  LEU A CA  1 
ATOM   532 C  C   . LEU A 1 68 ? -1.351  2.348   16.898  1.00 60.77  ? 68  LEU A C   1 
ATOM   533 O  O   . LEU A 1 68 ? -1.681  2.962   17.887  1.00 66.02  ? 68  LEU A O   1 
ATOM   534 C  CB  . LEU A 1 68 ? 0.268   3.379   15.285  1.00 58.90  ? 68  LEU A CB  1 
ATOM   535 C  CG  . LEU A 1 68 ? 1.397   4.427   15.347  1.00 66.88  ? 68  LEU A CG  1 
ATOM   536 C  CD1 . LEU A 1 68 ? 2.519   4.161   16.400  1.00 67.99  ? 68  LEU A CD1 1 
ATOM   537 C  CD2 . LEU A 1 68 ? 1.982   4.655   13.969  1.00 67.05  ? 68  LEU A CD2 1 
ATOM   538 N  N   . GLU A 1 69 ? -2.210  1.633   16.190  1.00 61.28  ? 69  GLU A N   1 
ATOM   539 C  CA  . GLU A 1 69 ? -3.581  1.421   16.668  1.00 68.16  ? 69  GLU A CA  1 
ATOM   540 C  C   . GLU A 1 69 ? -3.567  0.700   18.030  1.00 68.03  ? 69  GLU A C   1 
ATOM   541 O  O   . GLU A 1 69 ? -4.213  1.134   18.967  1.00 72.21  ? 69  GLU A O   1 
ATOM   542 C  CB  . GLU A 1 69 ? -4.398  0.631   15.633  1.00 71.69  ? 69  GLU A CB  1 
ATOM   543 C  CG  . GLU A 1 69 ? -4.513  1.298   14.243  1.00 72.86  ? 69  GLU A CG  1 
ATOM   544 C  CD  . GLU A 1 69 ? -4.781  0.533   13.093  0.00 20.00  ? 69  GLU A CD  1 
ATOM   545 O  OE1 . GLU A 1 69 ? -5.409  1.137   12.201  0.00 20.00  ? 69  GLU A OE1 1 
ATOM   546 O  OE2 . GLU A 1 69 ? -4.578  -0.701  13.043  0.00 20.00  ? 69  GLU A OE2 1 
ATOM   547 N  N   . GLU A 1 70 ? -2.757  -0.356  18.135  1.00 63.85  ? 70  GLU A N   1 
ATOM   548 C  CA  . GLU A 1 70 ? -2.603  -1.159  19.382  1.00 65.88  ? 70  GLU A CA  1 
ATOM   549 C  C   . GLU A 1 70 ? -1.989  -0.472  20.622  1.00 65.61  ? 70  GLU A C   1 
ATOM   550 O  O   . GLU A 1 70 ? -2.532  -0.645  21.709  1.00 68.51  ? 70  GLU A O   1 
ATOM   551 C  CB  . GLU A 1 70 ? -1.888  -2.515  19.114  1.00 65.62  ? 70  GLU A CB  1 
ATOM   552 C  CG  . GLU A 1 70 ? -1.434  -3.239  20.407  1.00 69.02  ? 70  GLU A CG  1 
ATOM   553 C  CD  . GLU A 1 70 ? -1.474  -4.721  20.272  1.00 75.31  ? 70  GLU A CD  1 
ATOM   554 O  OE1 . GLU A 1 70 ? -1.548  -5.180  19.115  1.00 76.87  ? 70  GLU A OE1 1 
ATOM   555 O  OE2 . GLU A 1 70 ? -1.433  -5.443  21.303  1.00 82.74  ? 70  GLU A OE2 1 
ATOM   556 N  N   . TYR A 1 71 ? -0.891  0.273   20.490  1.00 63.07  ? 71  TYR A N   1 
ATOM   557 C  CA  . TYR A 1 71 ? -0.415  1.130   21.603  1.00 68.11  ? 71  TYR A CA  1 
ATOM   558 C  C   . TYR A 1 71 ? -1.417  2.193   22.124  1.00 73.45  ? 71  TYR A C   1 
ATOM   559 O  O   . TYR A 1 71 ? -1.582  2.331   23.354  1.00 77.98  ? 71  TYR A O   1 
ATOM   560 C  CB  . TYR A 1 71 ? 0.946   1.816   21.350  1.00 68.66  ? 71  TYR A CB  1 
ATOM   561 C  CG  . TYR A 1 71 ? 1.641   2.304   22.651  1.00 80.12  ? 71  TYR A CG  1 
ATOM   562 C  CD1 . TYR A 1 71 ? 1.368   1.670   23.921  1.00 86.86  ? 71  TYR A CD1 1 
ATOM   563 C  CD2 . TYR A 1 71 ? 2.574   3.380   22.632  1.00 90.32  ? 71  TYR A CD2 1 
ATOM   564 C  CE1 . TYR A 1 71 ? 1.981   2.099   25.128  1.00 94.84  ? 71  TYR A CE1 1 
ATOM   565 C  CE2 . TYR A 1 71 ? 3.194   3.821   23.848  1.00 99.60  ? 71  TYR A CE2 1 
ATOM   566 C  CZ  . TYR A 1 71 ? 2.887   3.168   25.077  1.00 101.75 ? 71  TYR A CZ  1 
ATOM   567 O  OH  . TYR A 1 71 ? 3.489   3.561   26.247  1.00 110.60 ? 71  TYR A OH  1 
ATOM   568 N  N   . SER A 1 72 ? -2.036  2.944   21.217  1.00 75.08  ? 72  SER A N   1 
ATOM   569 C  CA  . SER A 1 72 ? -3.061  3.938   21.562  1.00 83.84  ? 72  SER A CA  1 
ATOM   570 C  C   . SER A 1 72 ? -4.141  3.475   22.559  1.00 88.91  ? 72  SER A C   1 
ATOM   571 O  O   . SER A 1 72 ? -4.558  4.223   23.507  1.00 96.74  ? 72  SER A O   1 
ATOM   572 C  CB  . SER A 1 72 ? -3.741  4.351   20.280  1.00 86.26  ? 72  SER A CB  1 
ATOM   573 O  OG  . SER A 1 72 ? -2.771  4.861   19.412  1.00 85.24  ? 72  SER A OG  1 
ATOM   574 N  N   . SER A 1 73 ? -4.615  2.245   22.311  1.00 86.08  ? 73  SER A N   1 
ATOM   575 C  CA  . SER A 1 73 ? -5.677  1.638   23.099  1.00 91.47  ? 73  SER A CA  1 
ATOM   576 C  C   . SER A 1 73 ? -5.177  1.139   24.460  1.00 90.33  ? 73  SER A C   1 
ATOM   577 O  O   . SER A 1 73 ? -5.737  1.467   25.498  1.00 96.16  ? 73  SER A O   1 
ATOM   578 C  CB  . SER A 1 73 ? -6.411  0.541   22.282  1.00 93.12  ? 73  SER A CB  1 
ATOM   579 O  OG  . SER A 1 73 ? -5.698  -0.684  22.151  1.00 85.80  ? 73  SER A OG  1 
ATOM   580 N  N   . LEU A 1 74 ? -4.083  0.390   24.435  1.00 84.20  ? 74  LEU A N   1 
ATOM   581 C  CA  . LEU A 1 74 ? -3.545  -0.326  25.602  1.00 84.85  ? 74  LEU A CA  1 
ATOM   582 C  C   . LEU A 1 74 ? -2.433  0.679   26.177  0.00 20.00  ? 74  LEU A C   1 
ATOM   583 O  O   . LEU A 1 74 ? -2.789  1.545   26.976  0.00 20.00  ? 74  LEU A O   1 
ATOM   584 C  CB  . LEU A 1 74 ? -3.036  -1.739  25.160  1.00 82.67  ? 74  LEU A CB  1 
ATOM   585 C  CG  . LEU A 1 74 ? -1.744  -2.293  25.818  1.00 81.92  ? 74  LEU A CG  1 
ATOM   586 C  CD1 . LEU A 1 74 ? -0.438  -1.512  25.446  1.00 78.49  ? 74  LEU A CD1 1 
ATOM   587 C  CD2 . LEU A 1 74 ? -2.012  -2.281  27.308  1.00 88.25  ? 74  LEU A CD2 1 
HETATM 588 MG MG  . MG  B 2 .  ? 1.861   12.908  -2.440  0.50 38.53  ? 82  MG  A MG  1 
HETATM 589 O  O   . HOH C 3 .  ? -0.776  1.621   -10.211 1.00 41.42  ? 83  HOH A O   1 
HETATM 590 O  O   . HOH C 3 .  ? 4.260   9.851   -0.140  1.00 44.49  ? 84  HOH A O   1 
HETATM 591 O  O   . HOH C 3 .  ? 3.945   3.500   -10.771 1.00 68.39  ? 85  HOH A O   1 
HETATM 592 O  O   . HOH C 3 .  ? -9.913  3.302   -7.296  1.00 37.68  ? 86  HOH A O   1 
HETATM 593 O  O   . HOH C 3 .  ? -6.447  -7.808  -5.801  1.00 34.53  ? 87  HOH A O   1 
HETATM 594 O  O   . HOH C 3 .  ? -5.326  -11.586 -1.519  1.00 65.84  ? 88  HOH A O   1 
HETATM 595 O  O   . HOH C 3 .  ? -2.721  12.146  -3.803  1.00 59.36  ? 89  HOH A O   1 
HETATM 596 O  O   . HOH C 3 .  ? -13.263 -8.157  -3.220  1.00 64.73  ? 90  HOH A O   1 
HETATM 597 O  O   . HOH C 3 .  ? -10.264 2.628   -1.433  1.00 59.90  ? 91  HOH A O   1 
HETATM 598 O  O   . HOH C 3 .  ? 4.825   13.754  -1.595  1.00 77.43  ? 92  HOH A O   1 
HETATM 599 O  O   . HOH C 3 .  ? 8.932   1.633   5.906   1.00 58.81  ? 93  HOH A O   1 
HETATM 600 O  O   . HOH C 3 .  ? 11.582  -4.618  -0.306  1.00 68.65  ? 94  HOH A O   1 
HETATM 601 O  O   . HOH C 3 .  ? 2.500   -1.127  -12.439 1.00 60.26  ? 95  HOH A O   1 
HETATM 602 O  O   . HOH C 3 .  ? -8.100  2.537   -8.324  1.00 38.80  ? 96  HOH A O   1 
HETATM 603 O  O   . HOH C 3 .  ? -1.432  9.552   -2.795  1.00 59.28  ? 97  HOH A O   1 
HETATM 604 O  O   . HOH C 3 .  ? 7.962   -7.000  4.908   1.00 60.63  ? 98  HOH A O   1 
HETATM 605 O  O   . HOH C 3 .  ? -1.016  9.620   5.619   1.00 58.95  ? 99  HOH A O   1 
HETATM 606 O  O   . HOH C 3 .  ? -9.460  5.714   -0.094  1.00 52.00  ? 100 HOH A O   1 
HETATM 607 O  O   . HOH C 3 .  ? 0.499   2.495   27.141  1.00 74.14  ? 101 HOH A O   1 
HETATM 608 O  O   . HOH C 3 .  ? 7.573   3.744   3.350   1.00 64.13  ? 102 HOH A O   1 
HETATM 609 O  O   . HOH C 3 .  ? -8.986  11.008  -2.363  1.00 62.34  ? 103 HOH A O   1 
HETATM 610 O  O   . HOH C 3 .  ? 10.767  -11.901 -3.539  1.00 84.02  ? 104 HOH A O   1 
# 
loop_
_atom_site_anisotrop.id 
_atom_site_anisotrop.type_symbol 
_atom_site_anisotrop.pdbx_label_atom_id 
_atom_site_anisotrop.pdbx_label_alt_id 
_atom_site_anisotrop.pdbx_label_comp_id 
_atom_site_anisotrop.pdbx_label_asym_id 
_atom_site_anisotrop.pdbx_label_seq_id 
_atom_site_anisotrop.pdbx_PDB_ins_code 
_atom_site_anisotrop.U[1][1] 
_atom_site_anisotrop.U[2][2] 
_atom_site_anisotrop.U[3][3] 
_atom_site_anisotrop.U[1][2] 
_atom_site_anisotrop.U[1][3] 
_atom_site_anisotrop.U[2][3] 
_atom_site_anisotrop.pdbx_auth_seq_id 
_atom_site_anisotrop.pdbx_auth_comp_id 
_atom_site_anisotrop.pdbx_auth_asym_id 
_atom_site_anisotrop.pdbx_auth_atom_id 
1   N  N   . ARG A 3  ? 0.9456 0.5212 0.9128 -0.0512 -0.3314 0.1300  3   ARG A N   
2   C  CA  . ARG A 3  ? 0.8943 0.5205 0.8023 -0.0822 -0.2899 0.1354  3   ARG A CA  
3   C  C   . ARG A 3  ? 0.7958 0.4978 0.7246 -0.0791 -0.2276 0.1033  3   ARG A C   
4   O  O   . ARG A 3  ? 0.7307 0.4913 0.6663 -0.0728 -0.1999 0.0899  3   ARG A O   
5   C  CB  . ARG A 3  ? 0.9942 0.5567 0.7843 -0.1435 -0.3025 0.1741  3   ARG A CB  
12  N  N   . ILE A 4  ? 0.8094 0.5003 0.7487 -0.0831 -0.2161 0.0912  4   ILE A N   
13  C  CA  A ILE A 4  ? 0.7450 0.4962 0.6966 -0.0858 -0.1709 0.0639  4   ILE A CA  
14  C  CA  B ILE A 4  ? 0.7347 0.4868 0.6852 -0.0867 -0.1703 0.0642  4   ILE A CA  
15  C  C   . ILE A 4  ? 0.6521 0.4614 0.6486 -0.0469 -0.1505 0.0368  4   ILE A C   
16  O  O   . ILE A 4  ? 0.5924 0.4487 0.5819 -0.0512 -0.1264 0.0272  4   ILE A O   
17  C  CB  A ILE A 4  ? 0.7766 0.5014 0.7403 -0.0919 -0.1728 0.0519  4   ILE A CB  
18  C  CB  B ILE A 4  ? 0.7634 0.4924 0.7230 -0.0973 -0.1693 0.0526  4   ILE A CB  
19  C  CG1 A ILE A 4  ? 0.7237 0.5100 0.7131 -0.0793 -0.1406 0.0186  4   ILE A CG1 
20  C  CG1 B ILE A 4  ? 0.8248 0.5124 0.7330 -0.1560 -0.1740 0.0802  4   ILE A CG1 
21  C  CG2 A ILE A 4  ? 0.8533 0.5162 0.8511 -0.0574 -0.2114 0.0463  4   ILE A CG2 
22  C  CG2 B ILE A 4  ? 0.7042 0.4952 0.6911 -0.0843 -0.1378 0.0190  4   ILE A CG2 
23  C  CD1 A ILE A 4  ? 0.7485 0.5212 0.7417 -0.1042 -0.1412 0.0091  4   ILE A CD1 
24  C  CD1 B ILE A 4  ? 0.8690 0.5442 0.7954 -0.1735 -0.1725 0.0679  4   ILE A CD1 
25  N  N   . ARG A 5  ? 0.6381 0.4401 0.6806 -0.0115 -0.1601 0.0220  5   ARG A N   
26  C  CA  . ARG A 5  ? 0.5810 0.4353 0.6569 0.0155  -0.1352 -0.0004 5   ARG A CA  
27  C  C   . ARG A 5  ? 0.5360 0.4242 0.6136 0.0111  -0.1345 0.0140  5   ARG A C   
28  O  O   . ARG A 5  ? 0.5031 0.4274 0.5708 0.0088  -0.1133 0.0071  5   ARG A O   
29  C  CB  . ARG A 5  ? 0.6178 0.4647 0.7513 0.0490  -0.1419 -0.0210 5   ARG A CB  
30  C  CG  . ARG A 5  ? 0.6439 0.5421 0.8033 0.0669  -0.1048 -0.0487 5   ARG A CG  
31  C  CD  . ARG A 5  ? 0.7032 0.5963 0.8087 0.0589  -0.0807 -0.0663 5   ARG A CD  
32  N  NE  . ARG A 5  ? 0.7023 0.5609 0.8033 0.0736  -0.0791 -0.0968 5   ARG A NE  
33  C  CZ  . ARG A 5  ? 0.7120 0.5384 0.8558 0.0954  -0.0980 -0.1122 5   ARG A CZ  
34  N  NH1 . ARG A 5  ? 0.8128 0.6366 1.0112 0.1058  -0.1250 -0.0968 5   ARG A NH1 
35  N  NH2 . ARG A 5  ? 0.7183 0.5071 0.8500 0.1086  -0.0978 -0.1450 5   ARG A NH2 
36  N  N   . HIS A 6  ? 0.5558 0.4196 0.6424 0.0095  -0.1676 0.0346  6   HIS A N   
37  C  CA  . HIS A 6  ? 0.5346 0.4135 0.6115 0.0006  -0.1791 0.0499  6   HIS A CA  
38  C  C   . HIS A 6  ? 0.5248 0.4210 0.5427 -0.0234 -0.1550 0.0492  6   HIS A C   
39  O  O   . HIS A 6  ? 0.4975 0.4257 0.5200 -0.0206 -0.1453 0.0429  6   HIS A O   
40  C  CB  . HIS A 6  ? 0.6227 0.4427 0.6798 -0.0095 -0.2300 0.0776  6   HIS A CB  
41  C  CG  . HIS A 6  ? 0.6519 0.4712 0.6855 -0.0211 -0.2538 0.0941  6   HIS A CG  
42  N  ND1 . HIS A 6  ? 0.6482 0.4857 0.7528 -0.0003 -0.2839 0.0934  6   HIS A ND1 
43  C  CD2 . HIS A 6  ? 0.7281 0.5310 0.6760 -0.0527 -0.2524 0.1068  6   HIS A CD2 
44  C  CE1 . HIS A 6  ? 0.6920 0.5156 0.7495 -0.0193 -0.3073 0.1090  6   HIS A CE1 
45  N  NE2 . HIS A 6  ? 0.6992 0.5001 0.6551 -0.0500 -0.2860 0.1151  6   HIS A NE2 
46  N  N   . GLU A 7  ? 0.5488 0.4263 0.5203 -0.0478 -0.1461 0.0523  7   GLU A N   
47  C  CA  . GLU A 7  ? 0.5365 0.4434 0.4736 -0.0667 -0.1216 0.0411  7   GLU A CA  
48  C  C   . GLU A 7  ? 0.4898 0.4372 0.4583 -0.0498 -0.1002 0.0146  7   GLU A C   
49  O  O   . GLU A 7  ? 0.4591 0.4330 0.4224 -0.0500 -0.0913 -0.0003 7   GLU A O   
50  C  CB  . GLU A 7  ? 0.6006 0.4925 0.4921 -0.1039 -0.1092 0.0465  7   GLU A CB  
51  C  CG  . GLU A 7  ? 0.6981 0.5321 0.5197 -0.1368 -0.1319 0.0785  7   GLU A CG  
52  C  CD  . GLU A 7  ? 0.7599 0.5896 0.5346 -0.1435 -0.1415 0.0833  7   GLU A CD  
53  O  OE1 . GLU A 7  ? 0.7988 0.6745 0.5727 -0.1409 -0.1147 0.0572  7   GLU A OE1 
54  O  OE2 . GLU A 7  ? 0.8350 0.6084 0.5757 -0.1487 -0.1845 0.1114  7   GLU A OE2 
55  N  N   . LYS A 8  ? 0.4602 0.4037 0.4553 -0.0343 -0.0981 0.0064  8   LYS A N   
56  C  CA  . LYS A 8  ? 0.4185 0.3817 0.4248 -0.0198 -0.0888 -0.0134 8   LYS A CA  
57  C  C   . LYS A 8  ? 0.4186 0.3931 0.4293 -0.0083 -0.0895 -0.0105 8   LYS A C   
58  O  O   . LYS A 8  ? 0.4085 0.3896 0.4093 -0.0069 -0.0925 -0.0190 8   LYS A O   
59  C  CB  . LYS A 8  ? 0.4105 0.3548 0.4231 -0.0106 -0.0873 -0.0241 8   LYS A CB  
60  C  CG  . LYS A 8  ? 0.4156 0.3485 0.4281 -0.0274 -0.0907 -0.0292 8   LYS A CG  
61  C  CD  . LYS A 8  ? 0.4344 0.3399 0.4469 -0.0182 -0.0962 -0.0439 8   LYS A CD  
62  C  CE  . LYS A 8  ? 0.4385 0.3350 0.4587 -0.0408 -0.1032 -0.0460 8   LYS A CE  
63  N  NZ  . LYS A 8  ? 0.5365 0.3996 0.5536 -0.0346 -0.1166 -0.0649 8   LYS A NZ  
64  N  N   . GLU A 9  ? 0.4087 0.3834 0.4418 -0.0021 -0.0918 0.0005  9   GLU A N   
65  C  CA  . GLU A 9  ? 0.4169 0.4093 0.4671 -0.0005 -0.0903 0.0056  9   GLU A CA  
66  C  C   . GLU A 9  ? 0.4238 0.4162 0.4572 -0.0102 -0.1069 0.0129  9   GLU A C   
67  O  O   . GLU A 9  ? 0.4366 0.4307 0.4634 -0.0139 -0.1098 0.0126  9   GLU A O   
68  C  CB  . GLU A 9  ? 0.4016 0.4082 0.5068 0.0094  -0.0907 0.0086  9   GLU A CB  
69  C  CG  . GLU A 9  ? 0.4393 0.4515 0.5636 0.0228  -0.0664 -0.0114 9   GLU A CG  
70  C  CD  . GLU A 9  ? 0.5242 0.5598 0.7291 0.0407  -0.0675 -0.0209 9   GLU A CD  
71  O  OE1 . GLU A 9  ? 0.5484 0.6098 0.8045 0.0393  -0.0824 -0.0111 9   GLU A OE1 
72  O  OE2 . GLU A 9  ? 0.6134 0.6401 0.8412 0.0591  -0.0605 -0.0420 9   GLU A OE2 
73  N  N   . LYS A 10 ? 0.4376 0.4188 0.4519 -0.0178 -0.1184 0.0179  10  LYS A N   
74  C  CA  . LYS A 10 ? 0.4430 0.4195 0.4278 -0.0275 -0.1308 0.0164  10  LYS A CA  
75  C  C   . LYS A 10 ? 0.4457 0.4319 0.4179 -0.0247 -0.1202 -0.0079 10  LYS A C   
76  O  O   . LYS A 10 ? 0.4530 0.4356 0.4182 -0.0226 -0.1318 -0.0172 10  LYS A O   
77  C  CB  . LYS A 10 ? 0.4886 0.4428 0.4326 -0.0445 -0.1395 0.0266  10  LYS A CB  
78  C  CG  . LYS A 10 ? 0.5289 0.4730 0.4247 -0.0575 -0.1483 0.0201  10  LYS A CG  
79  C  CD  . LYS A 10 ? 0.6022 0.5183 0.4235 -0.0864 -0.1464 0.0269  10  LYS A CD  
80  C  CE  . LYS A 10 ? 0.6488 0.5180 0.4522 -0.0956 -0.1831 0.0617  10  LYS A CE  
81  N  NZ  . LYS A 10 ? 0.7976 0.6177 0.4970 -0.1345 -0.1889 0.0761  10  LYS A NZ  
82  N  N   . LEU A 11 ? 0.4197 0.4157 0.3984 -0.0230 -0.1053 -0.0209 11  LEU A N   
83  C  CA  . LEU A 11 ? 0.4256 0.4353 0.4156 -0.0148 -0.1052 -0.0483 11  LEU A CA  
84  C  C   . LEU A 11 ? 0.4269 0.4176 0.4201 -0.0023 -0.1249 -0.0474 11  LEU A C   
85  O  O   . LEU A 11 ? 0.4645 0.4478 0.4615 0.0065  -0.1432 -0.0643 11  LEU A O   
86  C  CB  . LEU A 11 ? 0.4240 0.4482 0.4335 -0.0172 -0.0937 -0.0608 11  LEU A CB  
87  C  CG  . LEU A 11 ? 0.4422 0.5020 0.4865 -0.0159 -0.0881 -0.0963 11  LEU A CG  
88  C  CD1 . LEU A 11 ? 0.4253 0.4884 0.5010 -0.0102 -0.0981 -0.1074 11  LEU A CD1 
89  C  CD2 . LEU A 11 ? 0.4274 0.5031 0.4919 -0.0006 -0.0980 -0.1284 11  LEU A CD2 
90  N  N   . LEU A 12 ? 0.4207 0.3975 0.4072 -0.0034 -0.1217 -0.0302 12  LEU A N   
91  C  CA  . LEU A 12 ? 0.4523 0.4015 0.4190 -0.0047 -0.1356 -0.0218 12  LEU A CA  
92  C  C   . LEU A 12 ? 0.4747 0.4130 0.4394 -0.0116 -0.1514 -0.0117 12  LEU A C   
93  O  O   . LEU A 12 ? 0.4901 0.3943 0.4369 -0.0126 -0.1775 -0.0121 12  LEU A O   
94  C  CB  . LEU A 12 ? 0.4455 0.3921 0.3998 -0.0122 -0.1141 -0.0086 12  LEU A CB  
95  C  CG  . LEU A 12 ? 0.4846 0.4234 0.4257 -0.0067 -0.1063 -0.0204 12  LEU A CG  
96  C  CD1 . LEU A 12 ? 0.4533 0.3925 0.3824 -0.0111 -0.0784 -0.0180 12  LEU A CD1 
97  C  CD2 . LEU A 12 ? 0.5584 0.4599 0.4649 -0.0046 -0.1375 -0.0293 12  LEU A CD2 
98  N  N   . ALA A 13 ? 0.4463 0.4030 0.4278 -0.0179 -0.1446 -0.0012 13  ALA A N   
99  C  CA  . ALA A 13 ? 0.4646 0.4079 0.4460 -0.0255 -0.1670 0.0043  13  ALA A CA  
100 C  C   . ALA A 13 ? 0.5097 0.4365 0.4775 -0.0143 -0.1885 -0.0222 13  ALA A C   
101 O  O   . ALA A 13 ? 0.5400 0.4342 0.5002 -0.0161 -0.2171 -0.0240 13  ALA A O   
102 C  CB  . ALA A 13 ? 0.4719 0.4343 0.4762 -0.0329 -0.1664 0.0182  13  ALA A CB  
103 N  N   . ASP A 14 ? 0.4946 0.4445 0.4622 -0.0057 -0.1726 -0.0451 14  ASP A N   
104 C  CA  . ASP A 14 ? 0.5105 0.4641 0.4754 0.0051  -0.1777 -0.0824 14  ASP A CA  
105 C  C   . ASP A 14 ? 0.5345 0.4743 0.5245 0.0250  -0.1997 -0.1057 14  ASP A C   
106 O  O   . ASP A 14 ? 0.5809 0.5137 0.5848 0.0417  -0.2175 -0.1419 14  ASP A O   
107 C  CB  . ASP A 14 ? 0.4879 0.4792 0.4481 -0.0016 -0.1433 -0.0993 14  ASP A CB  
108 C  CG  . ASP A 14 ? 0.5715 0.5556 0.4865 -0.0234 -0.1353 -0.0793 14  ASP A CG  
109 O  OD1 . ASP A 14 ? 0.5356 0.4921 0.4304 -0.0281 -0.1601 -0.0646 14  ASP A OD1 
110 O  OD2 . ASP A 14 ? 0.6441 0.6439 0.5405 -0.0396 -0.1097 -0.0773 14  ASP A OD2 
111 N  N   . LEU A 15 ? 0.5104 0.4406 0.5051 0.0253  -0.2039 -0.0893 15  LEU A N   
112 C  CA  . LEU A 15 ? 0.5226 0.4204 0.5303 0.0425  -0.2418 -0.1045 15  LEU A CA  
113 C  C   . LEU A 15 ? 0.5724 0.4010 0.5394 0.0304  -0.2790 -0.0737 15  LEU A C   
114 O  O   . LEU A 15 ? 0.5975 0.3760 0.5514 0.0368  -0.3195 -0.0732 15  LEU A O   
115 C  CB  . LEU A 15 ? 0.5086 0.4216 0.5276 0.0447  -0.2338 -0.1051 15  LEU A CB  
116 C  CG  . LEU A 15 ? 0.4819 0.4591 0.5494 0.0499  -0.2030 -0.1364 15  LEU A CG  
117 C  CD1 . LEU A 15 ? 0.5162 0.4946 0.5903 0.0475  -0.2049 -0.1310 15  LEU A CD1 
118 C  CD2 . LEU A 15 ? 0.4948 0.5031 0.6249 0.0731  -0.2151 -0.1895 15  LEU A CD2 
119 N  N   . ASP A 16 ? 0.5706 0.3930 0.5172 0.0088  -0.2692 -0.0472 16  ASP A N   
120 C  CA  . ASP A 16 ? 0.6408 0.4027 0.5545 -0.0132 -0.3006 -0.0186 16  ASP A CA  
121 C  C   . ASP A 16 ? 0.6488 0.3923 0.5212 -0.0437 -0.2856 0.0190  16  ASP A C   
122 O  O   . ASP A 16 ? 0.7107 0.4022 0.5465 -0.0702 -0.3070 0.0443  16  ASP A O   
123 C  CB  . ASP A 16 ? 0.7113 0.4067 0.6226 0.0046  -0.3615 -0.0392 16  ASP A CB  
124 C  CG  . ASP A 16 ? 0.7642 0.4722 0.7072 0.0254  -0.3712 -0.0776 16  ASP A CG  
125 O  OD1 . ASP A 16 ? 0.7188 0.4350 0.6537 0.0075  -0.3608 -0.0653 16  ASP A OD1 
126 O  OD2 . ASP A 16 ? 0.7644 0.4808 0.7446 0.0606  -0.3868 -0.1261 16  ASP A OD2 
127 N  N   . TRP A 17 ? 0.6129 0.4007 0.4887 -0.0441 -0.2437 0.0213  17  TRP A N   
128 C  CA  . TRP A 17 ? 0.6558 0.4405 0.4947 -0.0745 -0.2142 0.0480  17  TRP A CA  
129 C  C   . TRP A 17 ? 0.6589 0.4770 0.5295 -0.0990 -0.1917 0.0658  17  TRP A C   
130 O  O   . TRP A 17 ? 0.6163 0.4723 0.5386 -0.0852 -0.1910 0.0558  17  TRP A O   
131 C  CB  . TRP A 17 ? 0.6188 0.4447 0.4651 -0.0619 -0.1763 0.0356  17  TRP A CB  
132 C  CG  . TRP A 17 ? 0.7288 0.5041 0.5158 -0.0617 -0.1968 0.0333  17  TRP A CG  
133 C  CD1 . TRP A 17 ? 0.8490 0.5814 0.5578 -0.0913 -0.1884 0.0520  17  TRP A CD1 
134 C  CD2 . TRP A 17 ? 0.7384 0.4947 0.5356 -0.0340 -0.2358 0.0099  17  TRP A CD2 
135 N  NE1 . TRP A 17 ? 0.9573 0.6310 0.6122 -0.0835 -0.2285 0.0460  17  TRP A NE1 
136 C  CE2 . TRP A 17 ? 0.8594 0.5529 0.5819 -0.0459 -0.2601 0.0187  17  TRP A CE2 
137 C  CE3 . TRP A 17 ? 0.6586 0.4491 0.5227 -0.0042 -0.2499 -0.0203 17  TRP A CE3 
138 C  CZ2 . TRP A 17 ? 0.8443 0.5066 0.5714 -0.0234 -0.3107 -0.0015 17  TRP A CZ2 
139 C  CZ3 . TRP A 17 ? 0.6688 0.4450 0.5504 0.0163  -0.2863 -0.0443 17  TRP A CZ3 
140 C  CH2 . TRP A 17 ? 0.7561 0.4681 0.5775 0.0094  -0.3227 -0.0347 17  TRP A CH2 
141 N  N   . GLU A 18 ? 0.7450 0.4192 0.5391 -0.0399 -0.2573 0.0651  18  GLU A N   
142 C  CA  . GLU A 18 ? 0.7439 0.4477 0.5485 -0.0785 -0.2329 0.0719  18  GLU A CA  
143 C  C   . GLU A 18 ? 0.6483 0.4667 0.5392 -0.0750 -0.1833 0.0653  18  GLU A C   
144 O  O   . GLU A 18 ? 0.6377 0.4794 0.5385 -0.0713 -0.1614 0.0638  18  GLU A O   
145 C  CB  . GLU A 18 ? 0.8965 0.5137 0.6006 -0.1486 -0.2349 0.0878  18  GLU A CB  
146 C  CG  . GLU A 18 ? 1.0042 0.5941 0.6860 -0.1936 -0.2420 0.0902  18  GLU A CG  
147 C  CD  . GLU A 18 ? 1.0978 0.6042 0.7436 -0.1567 -0.3010 0.0873  18  GLU A CD  
148 O  OE1 . GLU A 18 ? 1.2095 0.5988 0.7706 -0.1344 -0.3500 0.0911  18  GLU A OE1 
149 O  OE2 . GLU A 18 ? 1.0916 0.6436 0.7896 -0.1453 -0.3041 0.0766  18  GLU A OE2 
150 N  N   . ILE A 19 ? 0.5978 0.4747 0.5437 -0.0703 -0.1752 0.0584  19  ILE A N   
151 C  CA  . ILE A 19 ? 0.5349 0.5033 0.5568 -0.0564 -0.1459 0.0478  19  ILE A CA  
152 C  C   . ILE A 19 ? 0.5229 0.5348 0.5609 -0.0971 -0.1098 0.0400  19  ILE A C   
153 O  O   . ILE A 19 ? 0.4768 0.5388 0.5559 -0.0783 -0.0850 0.0296  19  ILE A O   
154 C  CB  . ILE A 19 ? 0.5216 0.5216 0.5812 -0.0439 -0.1638 0.0392  19  ILE A CB  
155 C  CG1 . ILE A 19 ? 0.5295 0.5230 0.5910 0.0075  -0.1715 0.0390  19  ILE A CG1 
156 C  CG2 . ILE A 19 ? 0.5188 0.6078 0.6546 -0.0535 -0.1488 0.0199  19  ILE A CG2 
157 C  CD1 . ILE A 19 ? 0.5076 0.4439 0.5240 0.0240  -0.1887 0.0408  19  ILE A CD1 
158 N  N   . GLY A 20 ? 0.5965 0.5808 0.5926 -0.1571 -0.1034 0.0417  20  GLY A N   
159 C  CA  . GLY A 20 ? 0.6395 0.6620 0.6362 -0.2115 -0.0550 0.0283  20  GLY A CA  
160 C  C   . GLY A 20 ? 0.6658 0.6576 0.6137 -0.2065 -0.0334 0.0330  20  GLY A C   
161 O  O   . GLY A 20 ? 0.6612 0.7240 0.6535 -0.2130 0.0102  0.0105  20  GLY A O   
162 N  N   . GLU A 21 ? 0.7030 0.5890 0.5620 -0.1921 -0.0686 0.0558  21  GLU A N   
163 C  CA  . GLU A 21 ? 0.7353 0.5860 0.5475 -0.1830 -0.0620 0.0580  21  GLU A CA  
164 C  C   . GLU A 21 ? 0.6167 0.5269 0.5066 -0.1232 -0.0605 0.0482  21  GLU A C   
165 O  O   . GLU A 21 ? 0.6233 0.5475 0.5086 -0.1243 -0.0344 0.0385  21  GLU A O   
166 C  CB  . GLU A 21 ? 0.8583 0.5706 0.5466 -0.1890 -0.1118 0.0779  21  GLU A CB  
167 C  CG  . GLU A 21 ? 0.9300 0.5889 0.6117 -0.1568 -0.1704 0.0859  21  GLU A CG  
168 C  CD  . GLU A 21 ? 1.1084 0.6139 0.6611 -0.1540 -0.2358 0.0979  21  GLU A CD  
169 O  OE1 . GLU A 21 ? 1.1741 0.6177 0.6447 -0.1709 -0.2396 0.1023  21  GLU A OE1 
170 O  OE2 . GLU A 21 ? 1.0428 0.4842 0.5737 -0.1284 -0.2899 0.0987  21  GLU A OE2 
171 N  N   . ILE A 22 ? 0.5506 0.4840 0.4965 -0.0779 -0.0848 0.0492  22  ILE A N   
172 C  CA  . ILE A 22 ? 0.4570 0.4356 0.4619 -0.0361 -0.0744 0.0404  22  ILE A CA  
173 C  C   . ILE A 22 ? 0.4590 0.5046 0.5163 -0.0328 -0.0398 0.0235  22  ILE A C   
174 O  O   . ILE A 22 ? 0.4651 0.5177 0.5344 -0.0123 -0.0260 0.0148  22  ILE A O   
175 C  CB  . ILE A 22 ? 0.4000 0.3846 0.4359 -0.0025 -0.0937 0.0421  22  ILE A CB  
176 C  CG1 . ILE A 22 ? 0.4102 0.3464 0.4169 0.0050  -0.1278 0.0443  22  ILE A CG1 
177 C  CG2 . ILE A 22 ? 0.3901 0.3912 0.4531 0.0248  -0.0780 0.0362  22  ILE A CG2 
178 C  CD1 . ILE A 22 ? 0.4424 0.3862 0.4698 0.0293  -0.1377 0.0396  22  ILE A CD1 
179 N  N   . ALA A 23 ? 0.4458 0.5424 0.5419 -0.0494 -0.0307 0.0123  23  ALA A N   
180 C  CA  . ALA A 23 ? 0.4315 0.6076 0.6028 -0.0329 -0.0093 -0.0170 23  ALA A CA  
181 C  C   . ALA A 23 ? 0.4732 0.6683 0.6334 -0.0558 0.0341  -0.0374 23  ALA A C   
182 O  O   . ALA A 23 ? 0.4758 0.7295 0.6971 -0.0286 0.0515  -0.0691 23  ALA A O   
183 C  CB  . ALA A 23 ? 0.4034 0.6485 0.6401 -0.0472 -0.0142 -0.0356 23  ALA A CB  
184 N  N   . GLN A 24 ? 0.5335 0.6660 0.6043 -0.1011 0.0463  -0.0223 24  GLN A N   
185 C  CA  . GLN A 24 ? 0.6134 0.7466 0.6470 -0.1285 0.0901  -0.0421 24  GLN A CA  
186 C  C   . GLN A 24 ? 0.6315 0.6974 0.6092 -0.1038 0.0765  -0.0318 24  GLN A C   
187 O  O   . GLN A 24 ? 0.6784 0.7392 0.6221 -0.1175 0.1094  -0.0512 24  GLN A O   
188 C  CB  . GLN A 24 ? 0.7120 0.8098 0.6590 -0.2088 0.1224  -0.0405 24  GLN A CB  
193 N  N   . TYR A 25 ? 0.5928 0.6143 0.5654 -0.0716 0.0322  -0.0082 25  TYR A N   
194 C  CA  . TYR A 25 ? 0.5857 0.5669 0.5375 -0.0483 0.0196  -0.0079 25  TYR A CA  
195 C  C   . TYR A 25 ? 0.5547 0.5718 0.5560 -0.0162 0.0412  -0.0306 25  TYR A C   
196 O  O   . TYR A 25 ? 0.5285 0.5917 0.5942 0.0120  0.0407  -0.0390 25  TYR A O   
197 C  CB  . TYR A 25 ? 0.5471 0.5033 0.5125 -0.0263 -0.0204 0.0087  25  TYR A CB  
198 C  CG  . TYR A 25 ? 0.6106 0.5185 0.5282 -0.0421 -0.0571 0.0232  25  TYR A CG  
199 C  CD1 . TYR A 25 ? 0.7138 0.5609 0.5400 -0.0791 -0.0619 0.0292  25  TYR A CD1 
200 C  CD2 . TYR A 25 ? 0.5887 0.4976 0.5394 -0.0197 -0.0886 0.0270  25  TYR A CD2 
201 C  CE1 . TYR A 25 ? 0.7717 0.5440 0.5347 -0.0865 -0.1104 0.0429  25  TYR A CE1 
202 C  CE2 . TYR A 25 ? 0.5973 0.4559 0.5091 -0.0210 -0.1324 0.0323  25  TYR A CE2 
203 C  CZ  . TYR A 25 ? 0.7113 0.4943 0.5272 -0.0506 -0.1494 0.0418  25  TYR A CZ  
204 O  OH  . TYR A 25 ? 0.8035 0.5101 0.5648 -0.0446 -0.2059 0.0466  25  TYR A OH  
205 N  N   . THR A 26 ? 0.5833 0.5651 0.5456 -0.0162 0.0510  -0.0431 26  THR A N   
206 C  CA  . THR A 26 ? 0.5772 0.5666 0.5724 0.0204  0.0618  -0.0656 26  THR A CA  
207 C  C   . THR A 26 ? 0.5464 0.4912 0.5439 0.0385  0.0321  -0.0467 26  THR A C   
208 O  O   . THR A 26 ? 0.5313 0.4584 0.5142 0.0205  0.0131  -0.0289 26  THR A O   
209 C  CB  . THR A 26 ? 0.6551 0.6170 0.6001 0.0109  0.0863  -0.0907 26  THR A CB  
210 O  OG1 . THR A 26 ? 0.6991 0.5940 0.5694 -0.0170 0.0649  -0.0741 26  THR A OG1 
211 C  CG2 . THR A 26 ? 0.6886 0.7044 0.6322 -0.0150 0.1330  -0.1185 26  THR A CG2 
212 N  N   . PRO A 27 ? 0.5634 0.4842 0.5739 0.0720  0.0276  -0.0546 27  PRO A N   
213 C  CA  . PRO A 27 ? 0.5722 0.4329 0.5590 0.0689  0.0117  -0.0375 27  PRO A CA  
214 C  C   . PRO A 27 ? 0.5850 0.4151 0.5438 0.0358  0.0093  -0.0379 27  PRO A C   
215 O  O   . PRO A 27 ? 0.5750 0.4045 0.5442 0.0163  0.0014  -0.0285 27  PRO A O   
216 C  CB  . PRO A 27 ? 0.6554 0.4581 0.6219 0.1041  0.0059  -0.0502 27  PRO A CB  
217 C  CG  . PRO A 27 ? 0.6442 0.5080 0.6620 0.1418  0.0063  -0.0732 27  PRO A CG  
218 C  CD  . PRO A 27 ? 0.5936 0.5318 0.6349 0.1131  0.0338  -0.0845 27  PRO A CD  
219 N  N   . LEU A 28 ? 0.6191 0.4319 0.5476 0.0295  0.0155  -0.0556 28  LEU A N   
220 C  CA  . LEU A 28 ? 0.6520 0.4336 0.5522 0.0009  0.0016  -0.0623 28  LEU A CA  
221 C  C   . LEU A 28 ? 0.6099 0.4223 0.5198 -0.0173 -0.0223 -0.0534 28  LEU A C   
222 O  O   . LEU A 28 ? 0.6193 0.4325 0.5492 -0.0322 -0.0466 -0.0593 28  LEU A O   
223 C  CB  . LEU A 28 ? 0.7100 0.4539 0.5542 0.0004  0.0111  -0.0855 28  LEU A CB  
224 C  CG  . LEU A 28 ? 0.8121 0.5057 0.6376 0.0254  0.0241  -0.1046 28  LEU A CG  
225 C  CD1 . LEU A 28 ? 0.8457 0.4952 0.6096 0.0200  0.0313  -0.1328 28  LEU A CD1 
226 C  CD2 . LEU A 28 ? 0.8165 0.4551 0.6404 0.0157  0.0111  -0.0949 28  LEU A CD2 
227 N  N   . ILE A 29 ? 0.5982 0.4348 0.4983 -0.0158 -0.0186 -0.0438 29  ILE A N   
228 C  CA  . ILE A 29 ? 0.5832 0.4218 0.4753 -0.0270 -0.0516 -0.0332 29  ILE A CA  
229 C  C   . ILE A 29 ? 0.5261 0.4044 0.4867 -0.0162 -0.0639 -0.0263 29  ILE A C   
230 O  O   . ILE A 29 ? 0.5631 0.4475 0.5470 -0.0171 -0.0986 -0.0352 29  ILE A O   
231 C  CB  . ILE A 29 ? 0.6170 0.4482 0.4565 -0.0417 -0.0397 -0.0231 29  ILE A CB  
232 C  CG1 . ILE A 29 ? 0.6971 0.4904 0.4592 -0.0606 -0.0141 -0.0382 29  ILE A CG1 
233 C  CG2 . ILE A 29 ? 0.6165 0.4186 0.4257 -0.0503 -0.0831 -0.0077 29  ILE A CG2 
234 C  CD1 . ILE A 29 ? 0.8806 0.6005 0.5251 -0.0957 -0.0288 -0.0317 29  ILE A CD1 
235 N  N   . VAL A 30 ? 0.5657 0.4677 0.4855 0.0247  -0.0335 0.0148  30  VAL A N   
236 C  CA  . VAL A 30 ? 0.5153 0.4199 0.4686 0.0114  -0.0598 0.0121  30  VAL A CA  
237 C  C   . VAL A 30 ? 0.5454 0.4025 0.4729 0.0202  -0.0854 0.0092  30  VAL A C   
238 O  O   . VAL A 30 ? 0.5481 0.3904 0.4800 0.0089  -0.1002 0.0106  30  VAL A O   
239 C  CB  . VAL A 30 ? 0.4712 0.4508 0.4781 0.0171  -0.0644 0.0053  30  VAL A CB  
240 C  CG1 . VAL A 30 ? 0.4505 0.4355 0.4638 0.0104  -0.0876 0.0016  30  VAL A CG1 
241 C  CG2 . VAL A 30 ? 0.4351 0.4867 0.4972 -0.0075 -0.0457 -0.0038 30  VAL A CG2 
242 N  N   . ASP A 31 ? 0.5707 0.4055 0.4835 0.0392  -0.0865 0.0018  31  ASP A N   
243 C  CA  . ASP A 31 ? 0.6056 0.3960 0.5122 0.0345  -0.1047 -0.0068 31  ASP A CA  
244 C  C   . ASP A 31 ? 0.6088 0.3856 0.4874 0.0234  -0.1244 -0.0180 31  ASP A C   
245 O  O   . ASP A 31 ? 0.6224 0.4020 0.5253 0.0097  -0.1433 -0.0208 31  ASP A O   
246 C  CB  . ASP A 31 ? 0.6639 0.4066 0.5612 0.0529  -0.0964 -0.0218 31  ASP A CB  
247 C  CG  . ASP A 31 ? 0.6625 0.4087 0.5910 0.0765  -0.0832 0.0026  31  ASP A CG  
248 O  OD1 . ASP A 31 ? 0.7144 0.5026 0.6643 0.0729  -0.0877 0.0280  31  ASP A OD1 
249 O  OD2 . ASP A 31 ? 0.7500 0.4519 0.6753 0.1045  -0.0693 -0.0043 31  ASP A OD2 
250 N  N   . PHE A 32 ? 0.6624 0.4388 0.4913 0.0325  -0.1188 -0.0190 32  PHE A N   
251 C  CA  . PHE A 32 ? 0.7089 0.4841 0.4957 0.0349  -0.1437 -0.0202 32  PHE A CA  
252 C  C   . PHE A 32 ? 0.6831 0.4679 0.4946 0.0330  -0.1495 0.0104  32  PHE A C   
253 O  O   . PHE A 32 ? 0.6965 0.4939 0.5152 0.0394  -0.1792 0.0111  32  PHE A O   
254 C  CB  . PHE A 32 ? 0.8001 0.5724 0.5061 0.0529  -0.1277 -0.0192 32  PHE A CB  
255 C  CG  . PHE A 32 ? 0.9334 0.7141 0.5725 0.0675  -0.1553 -0.0096 32  PHE A CG  
256 C  CD1 . PHE A 32 ? 1.0698 0.8583 0.6255 0.0830  -0.1694 -0.0403 32  PHE A CD1 
257 C  CD2 . PHE A 32 ? 0.9900 0.7733 0.6462 0.0732  -0.1689 0.0291  32  PHE A CD2 
258 C  CE1 . PHE A 32 ? 1.1819 0.9968 0.6637 0.1051  -0.2030 -0.0261 32  PHE A CE1 
259 C  CE2 . PHE A 32 ? 1.0354 0.8336 0.6298 0.1006  -0.1994 0.0485  32  PHE A CE2 
260 C  CZ  . PHE A 32 ? 1.1290 0.9509 0.6346 0.1167  -0.2197 0.0243  32  PHE A CZ  
261 N  N   . LEU A 33 ? 0.6338 0.4154 0.4676 0.0257  -0.1212 0.0297  33  LEU A N   
262 C  CA  . LEU A 33 ? 0.6167 0.3833 0.4750 0.0245  -0.1198 0.0485  33  LEU A CA  
263 C  C   . LEU A 33 ? 0.5438 0.3306 0.4606 0.0196  -0.1342 0.0312  33  LEU A C   
264 O  O   . LEU A 33 ? 0.5812 0.3606 0.5173 0.0328  -0.1438 0.0375  33  LEU A O   
265 C  CB  . LEU A 33 ? 0.5918 0.3482 0.4703 0.0047  -0.0826 0.0589  33  LEU A CB  
266 C  CG  . LEU A 33 ? 0.6615 0.4016 0.4924 0.0046  -0.0507 0.0875  33  LEU A CG  
267 C  CD1 . LEU A 33 ? 0.6496 0.3940 0.5364 -0.0300 -0.0131 0.0898  33  LEU A CD1 
268 C  CD2 . LEU A 33 ? 0.7773 0.4678 0.5504 0.0273  -0.0534 0.1292  33  LEU A CD2 
269 N  N   . VAL A 34 ? 0.4912 0.3042 0.4329 0.0075  -0.1297 0.0151  34  VAL A N   
270 C  CA  . VAL A 34 ? 0.4529 0.2948 0.4353 0.0025  -0.1318 0.0046  34  VAL A CA  
271 C  C   . VAL A 34 ? 0.4433 0.2939 0.4328 -0.0026 -0.1386 0.0031  34  VAL A C   
272 O  O   . VAL A 34 ? 0.4552 0.3081 0.4432 -0.0039 -0.1276 0.0088  34  VAL A O   
273 C  CB  . VAL A 34 ? 0.4457 0.3128 0.4412 -0.0065 -0.1167 -0.0050 34  VAL A CB  
274 C  CG1 . VAL A 34 ? 0.4244 0.3239 0.4401 -0.0051 -0.1144 -0.0167 34  VAL A CG1 
275 C  CG2 . VAL A 34 ? 0.4535 0.2975 0.4563 -0.0171 -0.1041 -0.0121 34  VAL A CG2 
276 N  N   . PRO A 35 ? 0.4794 0.3327 0.4802 -0.0050 -0.1583 -0.0042 35  PRO A N   
277 C  CA  . PRO A 35 ? 0.5073 0.3600 0.5349 -0.0238 -0.1595 -0.0120 35  PRO A CA  
278 C  C   . PRO A 35 ? 0.4874 0.3693 0.5541 -0.0332 -0.1356 0.0037  35  PRO A C   
279 O  O   . PRO A 35 ? 0.4688 0.3825 0.5399 -0.0216 -0.1279 0.0052  35  PRO A O   
280 C  CB  . PRO A 35 ? 0.5000 0.3831 0.5521 -0.0294 -0.1922 -0.0324 35  PRO A CB  
281 C  CG  . PRO A 35 ? 0.5345 0.4120 0.5325 0.0006  -0.2088 -0.0246 35  PRO A CG  
282 C  CD  . PRO A 35 ? 0.4944 0.3553 0.4877 0.0107  -0.1818 -0.0041 35  PRO A CD  
283 N  N   . ASP A 36 ? 0.5045 0.3697 0.5934 -0.0528 -0.1193 0.0150  36  ASP A N   
284 C  CA  . ASP A 36 ? 0.5225 0.4151 0.6268 -0.0575 -0.0872 0.0440  36  ASP A CA  
285 C  C   . ASP A 36 ? 0.5126 0.4800 0.6687 -0.0644 -0.0790 0.0357  36  ASP A C   
286 O  O   . ASP A 36 ? 0.5300 0.5371 0.6780 -0.0565 -0.0516 0.0502  36  ASP A O   
287 C  CB  . ASP A 36 ? 0.5860 0.4273 0.7113 -0.0816 -0.0627 0.0693  36  ASP A CB  
288 C  CG  . ASP A 36 ? 0.6226 0.3805 0.7062 -0.0631 -0.0637 0.0774  36  ASP A CG  
289 O  OD1 . ASP A 36 ? 0.6203 0.3904 0.6588 -0.0296 -0.0738 0.0781  36  ASP A OD1 
290 O  OD2 . ASP A 36 ? 0.7574 0.4379 0.8630 -0.0823 -0.0514 0.0788  36  ASP A OD2 
291 N  N   . ASP A 37 ? 0.5065 0.5039 0.7161 -0.0751 -0.1027 0.0107  37  ASP A N   
292 C  CA  A ASP A 37 ? 0.5003 0.5827 0.7762 -0.0700 -0.0984 -0.0003 37  ASP A CA  
293 C  CA  B ASP A 37 ? 0.4945 0.5762 0.7685 -0.0706 -0.0948 0.0019  37  ASP A CA  
294 C  C   . ASP A 37 ? 0.4712 0.5612 0.7142 -0.0280 -0.0990 -0.0089 37  ASP A C   
295 O  O   . ASP A 37 ? 0.4856 0.6312 0.7618 -0.0125 -0.0770 -0.0164 37  ASP A O   
296 C  CB  A ASP A 37 ? 0.5125 0.6446 0.8596 -0.0824 -0.1368 -0.0268 37  ASP A CB  
297 C  CB  B ASP A 37 ? 0.5012 0.6355 0.8545 -0.0887 -0.1266 -0.0226 37  ASP A CB  
298 C  CG  A ASP A 37 ? 0.5549 0.6541 0.8471 -0.0538 -0.1861 -0.0415 37  ASP A CG  
299 C  CG  B ASP A 37 ? 0.5504 0.6772 0.9600 -0.1456 -0.1141 -0.0242 37  ASP A CG  
300 O  OD1 A ASP A 37 ? 0.5895 0.7383 0.9033 -0.0198 -0.2139 -0.0473 37  ASP A OD1 
301 O  OD1 B ASP A 37 ? 0.5814 0.6847 0.9930 -0.1674 -0.0647 0.0088  37  ASP A OD1 
302 O  OD2 A ASP A 37 ? 0.6071 0.6344 0.8345 -0.0609 -0.1943 -0.0433 37  ASP A OD2 
303 O  OD2 B ASP A 37 ? 0.6197 0.7600 1.0675 -0.1690 -0.1534 -0.0589 37  ASP A OD2 
304 N  N   . ILE A 38 ? 0.4739 0.5035 0.6573 -0.0115 -0.1195 -0.0118 38  ILE A N   
305 C  CA  . ILE A 38 ? 0.4827 0.4943 0.6430 0.0175  -0.1157 -0.0235 38  ILE A CA  
306 C  C   . ILE A 38 ? 0.4892 0.5037 0.6120 0.0149  -0.0888 -0.0308 38  ILE A C   
307 O  O   . ILE A 38 ? 0.5175 0.5520 0.6462 0.0312  -0.0719 -0.0554 38  ILE A O   
308 C  CB  . ILE A 38 ? 0.5146 0.4644 0.6359 0.0295  -0.1394 -0.0181 38  ILE A CB  
309 C  CG1 . ILE A 38 ? 0.5442 0.5165 0.6926 0.0482  -0.1719 -0.0127 38  ILE A CG1 
310 C  CG2 . ILE A 38 ? 0.5179 0.4239 0.6224 0.0439  -0.1248 -0.0289 38  ILE A CG2 
311 C  CD1 . ILE A 38 ? 0.6469 0.5650 0.7413 0.0681  -0.1897 0.0052  38  ILE A CD1 
312 N  N   . LEU A 39 ? 0.4762 0.4786 0.5604 -0.0003 -0.0862 -0.0130 39  LEU A N   
313 C  CA  . LEU A 39 ? 0.5014 0.5326 0.5448 0.0029  -0.0699 -0.0141 39  LEU A CA  
314 C  C   . LEU A 39 ? 0.5366 0.6283 0.5888 0.0074  -0.0387 -0.0133 39  LEU A C   
315 O  O   . LEU A 39 ? 0.5799 0.7078 0.5994 0.0201  -0.0265 -0.0390 39  LEU A O   
316 C  CB  . LEU A 39 ? 0.5120 0.5298 0.5233 -0.0008 -0.0709 0.0210  39  LEU A CB  
317 C  CG  . LEU A 39 ? 0.5455 0.5931 0.5080 0.0131  -0.0769 0.0237  39  LEU A CG  
318 C  CD1 . LEU A 39 ? 0.5077 0.5562 0.4420 0.0251  -0.0644 0.0742  39  LEU A CD1 
319 C  CD2 . LEU A 39 ? 0.4583 0.5616 0.3983 0.0178  -0.0788 -0.0192 39  LEU A CD2 
320 N  N   . ALA A 40 ? 0.5293 0.6381 0.6285 -0.0069 -0.0234 0.0117  40  ALA A N   
321 C  CA  . ALA A 40 ? 0.5602 0.7358 0.6773 -0.0102 0.0198  0.0260  40  ALA A CA  
322 C  C   . ALA A 40 ? 0.5673 0.7960 0.7127 0.0147  0.0331  -0.0179 40  ALA A C   
323 O  O   . ALA A 40 ? 0.6042 0.8956 0.7301 0.0264  0.0729  -0.0242 40  ALA A O   
324 C  CB  . ALA A 40 ? 0.5468 0.7274 0.7365 -0.0428 0.0309  0.0526  40  ALA A CB  
325 N  N   . MSE A 41 ? 0.5638 0.7602 0.7453 0.0300  0.0024  -0.0473 41  MSE A N   
326 C  CA  . MSE A 41 ? 0.5925 0.8125 0.8090 0.0662  0.0133  -0.0894 41  MSE A CA  
327 C  C   . MSE A 41 ? 0.6530 0.8681 0.8010 0.0817  0.0325  -0.1322 41  MSE A C   
328 O  O   . MSE A 41 ? 0.6950 0.9515 0.8570 0.1108  0.0640  -0.1721 41  MSE A O   
329 C  CB  . MSE A 41 ? 0.5846 0.7420 0.8317 0.0860  -0.0250 -0.0966 41  MSE A CB  
330 C  CG  . MSE A 41 ? 0.5750 0.7725 0.8976 0.0860  -0.0502 -0.0739 41  MSE A CG  
331 SE SE  . MSE A 41 ? 0.7103 0.8398 1.0434 0.1332  -0.0982 -0.0680 41  MSE A SE  
332 C  CE  . MSE A 41 ? 0.6582 0.9227 1.1058 0.1413  -0.1311 -0.0580 41  MSE A CE  
333 N  N   . ALA A 42 ? 0.6497 0.8263 0.7287 0.0637  0.0127  -0.1307 42  ALA A N   
334 C  CA  . ALA A 42 ? 0.7188 0.8986 0.7362 0.0688  0.0148  -0.1834 42  ALA A CA  
335 C  C   . ALA A 42 ? 0.7801 1.0452 0.7225 0.0715  0.0385  -0.1746 42  ALA A C   
336 O  O   . ALA A 42 ? 0.8464 1.1420 0.7239 0.0773  0.0349  -0.2246 42  ALA A O   
337 C  CB  . ALA A 42 ? 0.6917 0.8153 0.6903 0.0470  -0.0215 -0.1868 42  ALA A CB  
338 N  N   . ALA A 43 ? 0.7899 1.0924 0.7397 0.0652  0.0622  -0.1102 43  ALA A N   
339 C  CA  . ALA A 43 ? 0.8635 1.2281 0.7313 0.0684  0.0875  -0.0681 43  ALA A CA  
340 C  C   . ALA A 43 ? 0.9741 1.4208 0.7680 0.0949  0.1195  -0.1173 43  ALA A C   
341 O  O   . ALA A 43 ? 1.0379 1.5228 0.7342 0.1061  0.1009  -0.1385 43  ALA A O   
342 C  CB  . ALA A 43 ? 0.8610 1.2321 0.7723 0.0492  0.1231  0.0096  43  ALA A CB  
343 N  N   . ASP A 44 ? 1.0050 1.4917 0.8459 0.1090  0.1650  -0.1437 44  ASP A N   
344 C  CA  . ASP A 44 ? 1.1284 1.6973 0.8956 0.1405  0.2060  -0.2023 44  ASP A CA  
345 C  C   . ASP A 44 ? 1.1540 1.6799 0.9140 0.1549  0.1767  -0.3116 44  ASP A C   
346 O  O   . ASP A 44 ? 1.2323 1.7979 0.9642 0.1856  0.2110  -0.3916 44  ASP A O   
347 C  CB  . ASP A 44 ? 1.1566 1.7980 0.9868 0.1548  0.2756  -0.1916 44  ASP A CB  
348 C  CG  . ASP A 44 ? 1.1548 1.8251 1.0203 0.1237  0.3098  -0.0859 44  ASP A CG  
349 O  OD1 . ASP A 44 ? 1.2538 1.9900 1.0243 0.1269  0.3581  -0.0352 44  ASP A OD1 
350 O  OD2 . ASP A 44 ? 1.0605 1.6809 1.0428 0.0949  0.2863  -0.0541 44  ASP A OD2 
351 N  N   . GLY A 45 ? 1.0688 1.5053 0.8620 0.1304  0.1192  -0.3152 45  GLY A N   
352 C  CA  . GLY A 45 ? 1.0940 1.4796 0.8765 0.1263  0.0895  -0.4110 45  GLY A CA  
353 C  C   . GLY A 45 ? 1.0534 1.3302 0.9413 0.1326  0.0891  -0.4401 45  GLY A C   
354 O  O   . GLY A 45 ? 1.0046 1.2712 0.9715 0.1519  0.1091  -0.3961 45  GLY A O   
355 N  N   . LEU A 46 ? 1.0449 1.6327 0.7252 0.1470  -0.1186 -0.0743 46  LEU A N   
356 C  CA  . LEU A 46 ? 1.0343 1.5118 0.7411 0.1812  -0.1371 -0.1568 46  LEU A CA  
357 C  C   . LEU A 46 ? 1.2051 1.7071 0.7896 0.2478  -0.1202 -0.2518 46  LEU A C   
358 O  O   . LEU A 46 ? 1.3078 1.9289 0.7940 0.2586  -0.0904 -0.2468 46  LEU A O   
359 C  CB  . LEU A 46 ? 1.0122 1.3434 0.7212 0.1428  -0.2069 -0.1728 46  LEU A CB  
360 C  CG  . LEU A 46 ? 0.8676 1.1541 0.6955 0.1016  -0.2175 -0.1009 46  LEU A CG  
361 C  CD1 . LEU A 46 ? 0.8805 1.0283 0.7147 0.0869  -0.2686 -0.1448 46  LEU A CD1 
362 C  CD2 . LEU A 46 ? 0.7312 1.0410 0.6595 0.1124  -0.1739 -0.0688 46  LEU A CD2 
363 N  N   . THR A 47 ? 1.2801 1.6582 0.8484 0.3004  -0.1388 -0.3403 47  THR A N   
364 C  CA  . THR A 47 ? 1.2105 1.4391 0.8662 0.2808  -0.1819 -0.3377 47  THR A CA  
365 C  C   . THR A 47 ? 1.2797 1.4771 0.9541 0.3731  -0.1600 -0.3980 47  THR A C   
366 O  O   . THR A 47 ? 1.2246 1.3300 0.9809 0.3744  -0.1845 -0.3847 47  THR A O   
368 N  N   . PRO A 48 ? 1.4102 1.7059 1.0122 0.4597  -0.1090 -0.4558 48  PRO A N   
369 C  CA  . PRO A 48 ? 1.5113 1.7925 1.1332 0.5734  -0.0853 -0.5143 48  PRO A CA  
370 C  C   . PRO A 48 ? 1.5261 1.5869 1.1858 0.5678  -0.1498 -0.5237 48  PRO A C   
371 O  O   . PRO A 48 ? 1.6535 1.4882 1.2090 0.5412  -0.2103 -0.5757 48  PRO A O   
372 C  CB  . PRO A 48 ? 1.3408 1.8820 1.1273 0.5739  -0.0232 -0.4269 48  PRO A CB  
373 C  CG  . PRO A 48 ? 1.2242 1.8882 1.0126 0.4578  -0.0054 -0.3346 48  PRO A CG  
374 C  CD  . PRO A 48 ? 1.3833 1.9176 0.9849 0.4588  -0.0398 -0.4077 48  PRO A CD  
375 N  N   . GLU A 49 ? 1.4199 1.5592 1.2236 0.5861  -0.1388 -0.4688 49  GLU A N   
376 C  CA  . GLU A 49 ? 1.3567 1.3660 1.2275 0.5364  -0.1921 -0.4247 49  GLU A CA  
377 C  C   . GLU A 49 ? 1.1131 1.2958 1.1190 0.4719  -0.1713 -0.3343 49  GLU A C   
378 O  O   . GLU A 49 ? 1.0325 1.2198 1.1266 0.4726  -0.1907 -0.2978 49  GLU A O   
379 C  CB  . GLU A 49 ? 1.4865 1.3592 1.3546 0.6370  -0.2181 -0.4636 49  GLU A CB  
380 C  CG  . GLU A 49 ? 1.5387 1.1540 1.3582 0.5699  -0.2891 -0.4535 49  GLU A CG  
381 C  CD  . GLU A 49 ? 1.4982 1.0564 1.2516 0.4441  -0.3142 -0.4463 49  GLU A CD  
382 O  OE1 . GLU A 49 ? 1.4231 0.9015 1.2102 0.3472  -0.3540 -0.3856 49  GLU A OE1 
383 O  OE2 . GLU A 49 ? 1.5805 1.1737 1.2413 0.4534  -0.2973 -0.5024 49  GLU A OE2 
384 N  N   . LEU A 50 ? 1.0074 1.3209 1.0104 0.4160  -0.1357 -0.3002 50  LEU A N   
385 C  CA  . LEU A 50 ? 0.8172 1.2127 0.9008 0.3256  -0.1272 -0.2168 50  LEU A CA  
386 C  C   . LEU A 50 ? 0.7673 0.9872 0.8321 0.2676  -0.1786 -0.2012 50  LEU A C   
387 O  O   . LEU A 50 ? 0.6894 0.8952 0.8185 0.2191  -0.1898 -0.1520 50  LEU A O   
388 C  CB  . LEU A 50 ? 0.8111 1.3241 0.8532 0.2901  -0.0866 -0.1859 50  LEU A CB  
389 C  CG  . LEU A 50 ? 0.6843 1.2672 0.7977 0.2033  -0.0708 -0.0936 50  LEU A CG  
390 C  CD1 . LEU A 50 ? 0.6084 1.2959 0.8451 0.1875  -0.0588 -0.0606 50  LEU A CD1 
391 C  CD2 . LEU A 50 ? 0.7024 1.4089 0.7606 0.1864  -0.0271 -0.0568 50  LEU A CD2 
392 N  N   . LYS A 51 ? 0.8348 0.9277 0.8040 0.2697  -0.2097 -0.2459 51  LYS A N   
393 C  CA  . LYS A 51 ? 0.8036 0.7580 0.7590 0.2125  -0.2567 -0.2292 51  LYS A CA  
394 C  C   . LYS A 51 ? 0.7663 0.6405 0.7755 0.2208  -0.2779 -0.2122 51  LYS A C   
395 O  O   . LYS A 51 ? 0.6648 0.5322 0.7182 0.1725  -0.2831 -0.1607 51  LYS A O   
396 C  CB  . LYS A 51 ? 0.9589 0.7921 0.8041 0.2095  -0.2960 -0.2906 51  LYS A CB  
397 C  CG  . LYS A 51 ? 0.9655 0.6945 0.8045 0.1301  -0.3466 -0.2645 51  LYS A CG  
398 C  CD  . LYS A 51 ? 1.0992 0.7589 0.8289 0.0973  -0.3907 -0.3192 51  LYS A CD  
399 C  CE  . LYS A 51 ? 1.1546 0.7157 0.8967 0.0100  -0.4464 -0.2902 51  LYS A CE  
400 N  NZ  . LYS A 51 ? 1.2812 0.8358 0.9469 -0.0619 -0.5010 -0.3173 51  LYS A NZ  
401 N  N   . GLU A 52 ? 0.8452 0.6614 0.8414 0.2926  -0.2889 -0.2536 52  GLU A N   
402 C  CA  . GLU A 52 ? 0.8452 0.5860 0.8774 0.3019  -0.3171 -0.2263 52  GLU A CA  
403 C  C   . GLU A 52 ? 0.7028 0.5843 0.8265 0.2851  -0.2982 -0.1777 52  GLU A C   
404 O  O   . GLU A 52 ? 0.6602 0.4962 0.7979 0.2526  -0.3196 -0.1409 52  GLU A O   
405 C  CB  . GLU A 52 ? 1.0093 0.6556 1.0118 0.4014  -0.3364 -0.2706 52  GLU A CB  
406 C  CG  . GLU A 52 ? 1.1604 0.5913 1.1138 0.3874  -0.3892 -0.2549 52  GLU A CG  
407 C  CD  . GLU A 52 ? 1.4559 0.6974 1.3247 0.4794  -0.4153 -0.3170 52  GLU A CD  
408 O  OE1 . GLU A 52 ? 1.5690 0.8068 1.4680 0.5781  -0.4221 -0.3108 52  GLU A OE1 
409 O  OE2 . GLU A 52 ? 1.6261 0.7142 1.3920 0.4597  -0.4341 -0.3745 52  GLU A OE2 
410 N  N   . LYS A 53 ? 0.6635 0.7147 0.8398 0.3017  -0.2602 -0.1780 53  LYS A N   
411 C  CA  . LYS A 53 ? 0.5816 0.7658 0.8441 0.2624  -0.2497 -0.1336 53  LYS A CA  
412 C  C   . LYS A 53 ? 0.5257 0.6506 0.7761 0.1752  -0.2525 -0.0940 53  LYS A C   
413 O  O   . LYS A 53 ? 0.5080 0.5997 0.7696 0.1470  -0.2751 -0.0740 53  LYS A O   
414 C  CB  . LYS A 53 ? 0.5625 0.9448 0.8815 0.2705  -0.2034 -0.1282 53  LYS A CB  
415 C  CG  . LYS A 53 ? 0.5385 1.0925 0.9713 0.2390  -0.2052 -0.0887 53  LYS A CG  
416 C  CD  . LYS A 53 ? 0.5265 1.2711 1.0130 0.2015  -0.1535 -0.0581 53  LYS A CD  
417 C  CE  . LYS A 53 ? 0.5050 1.2620 1.0293 0.0790  -0.1590 -0.0013 53  LYS A CE  
418 N  NZ  . LYS A 53 ? 0.5176 1.3593 1.1295 0.0334  -0.1996 0.0176  53  LYS A NZ  
419 N  N   . ILE A 54 ? 0.5182 0.6283 0.7338 0.1444  -0.2306 -0.0853 54  ILE A N   
420 C  CA  . ILE A 54 ? 0.4892 0.5469 0.6927 0.0890  -0.2252 -0.0482 54  ILE A CA  
421 C  C   . ILE A 54 ? 0.5113 0.4546 0.6826 0.0815  -0.2493 -0.0437 54  ILE A C   
422 O  O   . ILE A 54 ? 0.5328 0.4404 0.7016 0.0553  -0.2456 -0.0214 54  ILE A O   
423 C  CB  . ILE A 54 ? 0.4795 0.5650 0.6554 0.0760  -0.2028 -0.0316 54  ILE A CB  
424 C  CG1 . ILE A 54 ? 0.4589 0.6750 0.6575 0.0782  -0.1702 -0.0232 54  ILE A CG1 
425 C  CG2 . ILE A 54 ? 0.4416 0.4740 0.6130 0.0411  -0.1944 0.0146  54  ILE A CG2 
426 C  CD1 . ILE A 54 ? 0.4683 0.7287 0.6201 0.0734  -0.1502 -0.0038 54  ILE A CD1 
427 N  N   . GLN A 55 ? 0.5399 0.4203 0.6773 0.0996  -0.2716 -0.0640 55  GLN A N   
428 C  CA  . GLN A 55 ? 0.5672 0.3547 0.6796 0.0809  -0.2936 -0.0463 55  GLN A CA  
429 C  C   . GLN A 55 ? 0.5873 0.3536 0.7027 0.0896  -0.3056 -0.0347 55  GLN A C   
430 O  O   . GLN A 55 ? 0.5943 0.3322 0.6897 0.0655  -0.3002 -0.0069 55  GLN A O   
431 C  CB  . GLN A 55 ? 0.6500 0.3458 0.7221 0.0897  -0.3272 -0.0709 55  GLN A CB  
432 C  CG  . GLN A 55 ? 0.6838 0.3772 0.7290 0.0588  -0.3356 -0.0831 55  GLN A CG  
433 C  CD  . GLN A 55 ? 0.8817 0.4416 0.8649 0.0599  -0.3786 -0.1240 55  GLN A CD  
434 O  OE1 . GLN A 55 ? 0.9771 0.4434 0.9381 0.1087  -0.3945 -0.1465 55  GLN A OE1 
435 N  NE2 . GLN A 55 ? 0.9080 0.4489 0.8576 0.0080  -0.4038 -0.1339 55  GLN A NE2 
436 N  N   . ASN A 56 ? 0.5873 0.3849 0.7238 0.1300  -0.3215 -0.0546 56  ASN A N   
437 C  CA  . ASN A 56 ? 0.6380 0.4464 0.7795 0.1376  -0.3451 -0.0406 56  ASN A CA  
438 C  C   . ASN A 56 ? 0.5878 0.4359 0.7309 0.0887  -0.3304 -0.0302 56  ASN A C   
439 O  O   . ASN A 56 ? 0.6405 0.4490 0.7376 0.0724  -0.3450 -0.0181 56  ASN A O   
440 C  CB  . ASN A 56 ? 0.6413 0.5282 0.8321 0.1984  -0.3647 -0.0578 56  ASN A CB  
441 C  CG  . ASN A 56 ? 0.8070 0.5902 0.9659 0.2655  -0.3904 -0.0692 56  ASN A CG  
442 O  OD1 . ASN A 56 ? 0.8824 0.5268 0.9803 0.2476  -0.4109 -0.0470 56  ASN A OD1 
443 N  ND2 . ASN A 56 ? 0.8362 0.6838 1.0336 0.3460  -0.3889 -0.0989 56  ASN A ND2 
444 N  N   . GLU A 57 ? 0.5482 0.4583 0.7274 0.0660  -0.3039 -0.0356 57  GLU A N   
445 C  CA  . GLU A 57 ? 0.5765 0.4758 0.7435 0.0162  -0.2948 -0.0302 57  GLU A CA  
446 C  C   . GLU A 57 ? 0.5820 0.3774 0.6816 0.0106  -0.2737 -0.0209 57  GLU A C   
447 O  O   . GLU A 57 ? 0.6170 0.3558 0.6617 -0.0077 -0.2776 -0.0298 57  GLU A O   
448 C  CB  . GLU A 57 ? 0.5607 0.5236 0.7739 -0.0143 -0.2684 -0.0210 57  GLU A CB  
449 C  CG  . GLU A 57 ? 0.5943 0.7060 0.8866 -0.0170 -0.2779 -0.0219 57  GLU A CG  
450 C  CD  . GLU A 57 ? 0.7576 0.9118 1.0803 -0.0905 -0.2952 -0.0119 57  GLU A CD  
451 O  OE1 . GLU A 57 ? 0.9098 0.9748 1.1779 -0.1215 -0.3261 -0.0256 57  GLU A OE1 
452 O  OE2 . GLU A 57 ? 0.7990 1.0815 1.1938 -0.1249 -0.2799 0.0101  57  GLU A OE2 
453 N  N   . ILE A 58 ? 0.5435 0.3277 0.6452 0.0272  -0.2515 -0.0058 58  ILE A N   
454 C  CA  . ILE A 58 ? 0.5628 0.3010 0.6291 0.0330  -0.2238 0.0137  58  ILE A CA  
455 C  C   . ILE A 58 ? 0.6038 0.3097 0.6197 0.0384  -0.2315 0.0215  58  ILE A C   
456 O  O   . ILE A 58 ? 0.6653 0.3382 0.6263 0.0474  -0.2059 0.0246  58  ILE A O   
457 C  CB  . ILE A 58 ? 0.5064 0.2864 0.6067 0.0398  -0.2115 0.0361  58  ILE A CB  
458 C  CG1 . ILE A 58 ? 0.5289 0.3355 0.6520 0.0381  -0.1937 0.0451  58  ILE A CG1 
459 C  CG2 . ILE A 58 ? 0.5655 0.3521 0.6584 0.0509  -0.1860 0.0681  58  ILE A CG2 
460 C  CD1 . ILE A 58 ? 0.4744 0.3436 0.6194 0.0416  -0.1957 0.0622  58  ILE A CD1 
461 N  N   . ILE A 59 ? 0.6016 0.3093 0.6242 0.0394  -0.2629 0.0274  59  ILE A N   
462 C  CA  . ILE A 59 ? 0.6763 0.3485 0.6434 0.0385  -0.2788 0.0509  59  ILE A CA  
463 C  C   . ILE A 59 ? 0.7310 0.3909 0.6355 0.0397  -0.2918 0.0343  59  ILE A C   
464 O  O   . ILE A 59 ? 0.7809 0.4213 0.6107 0.0397  -0.2748 0.0473  59  ILE A O   
465 C  CB  . ILE A 59 ? 0.7125 0.3484 0.6892 0.0458  -0.3203 0.0634  59  ILE A CB  
466 C  CG1 . ILE A 59 ? 0.6899 0.3115 0.6996 0.0272  -0.3167 0.0715  59  ILE A CG1 
467 C  CG2 . ILE A 59 ? 0.7912 0.3822 0.7007 0.0400  -0.3364 0.1066  59  ILE A CG2 
468 C  CD1 . ILE A 59 ? 0.8479 0.3850 0.8417 0.0264  -0.3542 0.0805  59  ILE A CD1 
469 N  N   . GLU A 60 ? 1.1324 0.4091 0.4627 0.1883  -0.1539 0.0939  60  GLU A N   
470 C  CA  . GLU A 60 ? 1.0217 0.5242 0.4619 0.2427  -0.1423 0.0772  60  GLU A CA  
471 C  C   . GLU A 60 ? 0.8331 0.4392 0.4842 0.1402  -0.1465 0.0691  60  GLU A C   
472 O  O   . GLU A 60 ? 0.7931 0.4595 0.4836 0.1469  -0.1225 0.0572  60  GLU A O   
473 C  CB  . GLU A 60 ? 0.9853 0.7103 0.4222 0.3127  -0.1484 0.0595  60  GLU A CB  
474 C  CG  . GLU A 60 ? 1.1068 1.0115 0.4516 0.4520  -0.1210 0.0588  60  GLU A CG  
475 C  CD  . GLU A 60 ? 1.4562 1.1469 0.5164 0.6369  -0.0850 0.0980  60  GLU A CD  
476 O  OE1 . GLU A 60 ? 1.5862 1.2240 0.5397 0.6937  -0.0863 0.1049  60  GLU A OE1 
477 O  OE2 . GLU A 60 ? 1.6176 1.1563 0.5220 0.7343  -0.0431 0.1242  60  GLU A OE2 
478 N  N   . ASN A 61 ? 0.7753 0.3795 0.5283 0.0654  -0.1674 0.0828  61  ASN A N   
479 C  CA  . ASN A 61 ? 0.6876 0.3389 0.5763 0.0198  -0.1507 0.0901  61  ASN A CA  
480 C  C   . ASN A 61 ? 0.7111 0.3301 0.6360 0.0037  -0.1428 0.1182  61  ASN A C   
481 O  O   . ASN A 61 ? 0.7026 0.3540 0.6982 0.0090  -0.1102 0.1198  61  ASN A O   
482 C  CB  . ASN A 61 ? 0.6787 0.3305 0.6186 -0.0093 -0.1679 0.1193  61  ASN A CB  
483 C  CG  . ASN A 61 ? 0.6979 0.3856 0.6029 -0.0239 -0.1631 0.0904  61  ASN A CG  
484 O  OD1 . ASN A 61 ? 0.6670 0.4366 0.5359 -0.0343 -0.1407 0.0439  61  ASN A OD1 
485 N  ND2 . ASN A 61 ? 0.6538 0.3212 0.5634 -0.0391 -0.1822 0.1193  61  ASN A ND2 
486 N  N   . HIS A 62 ? 0.7960 0.3470 0.6475 -0.0344 -0.1643 0.1382  62  HIS A N   
487 C  CA  . HIS A 62 ? 0.8600 0.4309 0.7334 -0.0909 -0.1530 0.1619  62  HIS A CA  
488 C  C   . HIS A 62 ? 0.9153 0.4148 0.7231 -0.0567 -0.1158 0.1419  62  HIS A C   
489 O  O   . HIS A 62 ? 0.9099 0.4778 0.7876 -0.0796 -0.0942 0.1555  62  HIS A O   
490 C  CB  . HIS A 62 ? 0.9989 0.4967 0.7455 -0.2013 -0.1742 0.1732  62  HIS A CB  
491 C  CG  . HIS A 62 ? 1.0775 0.7036 0.8624 -0.3139 -0.1680 0.1994  62  HIS A CG  
492 N  ND1 . HIS A 62 ? 1.1640 0.9460 0.9511 -0.4465 -0.1989 0.2226  62  HIS A ND1 
493 C  CD2 . HIS A 62 ? 1.1030 0.7769 0.9179 -0.3293 -0.1337 0.2055  62  HIS A CD2 
494 C  CE1 . HIS A 62 ? 1.1962 1.1540 1.0176 -0.5477 -0.1836 0.2419  62  HIS A CE1 
495 N  NE2 . HIS A 62 ? 1.1651 1.0402 1.0039 -0.4734 -0.1422 0.2328  62  HIS A NE2 
496 N  N   . ILE A 63 ? 1.0096 0.4029 0.6732 0.0169  -0.1054 0.1176  63  ILE A N   
497 C  CA  . ILE A 63 ? 1.0883 0.4376 0.6568 0.0876  -0.0687 0.1079  63  ILE A CA  
498 C  C   . ILE A 63 ? 0.9265 0.4624 0.6611 0.0981  -0.0553 0.0855  63  ILE A C   
499 O  O   . ILE A 63 ? 0.9445 0.4891 0.7012 0.0899  -0.0279 0.0876  63  ILE A O   
500 C  CB  . ILE A 63 ? 1.2162 0.4981 0.5851 0.2218  -0.0573 0.1034  63  ILE A CB  
501 C  CG1 . ILE A 63 ? 1.4924 0.4474 0.5740 0.2358  -0.0310 0.1251  63  ILE A CG1 
502 C  CG2 . ILE A 63 ? 1.2335 0.6426 0.5711 0.3286  -0.0306 0.0970  63  ILE A CG2 
503 C  CD1 . ILE A 63 ? 1.6230 0.5386 0.5378 0.3827  -0.0239 0.1287  63  ILE A CD1 
504 N  N   . ALA A 64 ? 0.8347 0.4859 0.6499 0.0960  -0.0650 0.0601  64  ALA A N   
505 C  CA  . ALA A 64 ? 0.7535 0.4945 0.6523 0.0654  -0.0327 0.0265  64  ALA A CA  
506 C  C   . ALA A 64 ? 0.7332 0.4266 0.7187 0.0458  -0.0028 0.0517  64  ALA A C   
507 O  O   . ALA A 64 ? 0.7470 0.4547 0.7370 0.0473  0.0382  0.0306  64  ALA A O   
508 C  CB  . ALA A 64 ? 0.7457 0.5300 0.6573 0.0211  -0.0323 -0.0011 64  ALA A CB  
509 N  N   . LEU A 65 ? 0.7248 0.4051 0.7697 0.0359  -0.0218 0.1001  65  LEU A N   
510 C  CA  . LEU A 65 ? 0.7252 0.4559 0.8588 0.0530  0.0079  0.1420  65  LEU A CA  
511 C  C   . LEU A 65 ? 0.7355 0.5109 0.8729 0.0360  0.0200  0.1511  65  LEU A C   
512 O  O   . LEU A 65 ? 0.7635 0.5753 0.9414 0.0710  0.0692  0.1544  65  LEU A O   
513 C  CB  . LEU A 65 ? 0.7213 0.5395 0.9114 0.0438  -0.0280 0.1992  65  LEU A CB  
514 C  CG  . LEU A 65 ? 0.7609 0.6916 1.0321 0.1199  0.0038  0.2620  65  LEU A CG  
515 C  CD1 . LEU A 65 ? 0.8820 0.7317 1.1336 0.2084  0.0901  0.2559  65  LEU A CD1 
516 C  CD2 . LEU A 65 ? 0.8531 0.7280 1.1003 0.1471  -0.0104 0.2799  65  LEU A CD2 
517 N  N   . MSE A 66 ? 0.7657 0.4979 0.8203 -0.0197 -0.0113 0.1556  66  MSE A N   
518 C  CA  . MSE A 66 ? 0.8333 0.5484 0.8285 -0.0641 0.0101  0.1637  66  MSE A CA  
519 C  C   . MSE A 66 ? 0.8209 0.5041 0.7875 -0.0044 0.0484  0.1316  66  MSE A C   
520 O  O   . MSE A 66 ? 0.8367 0.5763 0.8353 -0.0136 0.0828  0.1410  66  MSE A O   
521 C  CB  . MSE A 66 ? 1.0003 0.5273 0.7909 -0.1326 -0.0029 0.1641  66  MSE A CB  
522 C  CG  . MSE A 66 ? 1.0820 0.6302 0.8334 -0.2656 -0.0283 0.1865  66  MSE A CG  
523 SE SE  . MSE A 66 ? 1.4717 0.5800 0.8100 -0.3452 -0.0006 0.1680  66  MSE A SE  
524 C  CE  . MSE A 66 ? 1.4604 0.4215 0.7118 -0.1708 -0.0229 0.1483  66  MSE A CE  
525 N  N   . ALA A 67 ? 0.8042 0.4432 0.7021 0.0499  0.0424  0.0948  67  ALA A N   
526 C  CA  . ALA A 67 ? 0.8143 0.4891 0.6666 0.0931  0.0720  0.0637  67  ALA A CA  
527 C  C   . ALA A 67 ? 0.7738 0.5167 0.7275 0.0800  0.1164  0.0407  67  ALA A C   
528 O  O   . ALA A 67 ? 0.7979 0.5651 0.7319 0.0882  0.1517  0.0298  67  ALA A O   
529 C  CB  . ALA A 67 ? 0.8149 0.5582 0.6083 0.1371  0.0549  0.0302  67  ALA A CB  
530 N  N   . LEU A 68 ? 0.7504 0.4841 0.7686 0.0718  0.1257  0.0352  68  LEU A N   
531 C  CA  . LEU A 68 ? 0.8199 0.5120 0.8526 0.0845  0.1924  0.0176  68  LEU A CA  
532 C  C   . LEU A 68 ? 0.8179 0.5662 0.9246 0.1287  0.2238  0.0700  68  LEU A C   
533 O  O   . LEU A 68 ? 0.9013 0.6236 0.9834 0.1584  0.2884  0.0529  68  LEU A O   
534 C  CB  . LEU A 68 ? 0.8726 0.4729 0.8923 0.0876  0.2042  0.0203  68  LEU A CB  
535 C  CG  . LEU A 68 ? 1.0558 0.5411 0.9440 0.0183  0.2501  -0.0547 68  LEU A CG  
536 C  CD1 . LEU A 68 ? 1.0542 0.6561 0.8727 -0.0604 0.2472  -0.1304 68  LEU A CD1 
537 C  CD2 . LEU A 68 ? 1.0744 0.5262 0.9467 -0.0106 0.2186  -0.0486 68  LEU A CD2 
538 N  N   . GLU A 69 ? 0.7642 0.6183 0.9457 0.1199  0.1829  0.1306  69  GLU A N   
539 C  CA  . GLU A 69 ? 0.7711 0.7905 1.0279 0.1312  0.2069  0.1817  69  GLU A CA  
540 C  C   . GLU A 69 ? 0.7911 0.7983 0.9952 0.0919  0.2265  0.1579  69  GLU A C   
541 O  O   . GLU A 69 ? 0.8116 0.8890 1.0431 0.1331  0.2822  0.1640  69  GLU A O   
542 C  CB  . GLU A 69 ? 0.7405 0.9285 1.0548 0.0627  0.1537  0.2372  69  GLU A CB  
543 C  CG  . GLU A 69 ? 0.7162 0.9663 1.0859 0.1123  0.1301  0.2742  69  GLU A CG  
547 N  N   . GLU A 70 ? 0.8105 0.7073 0.9083 0.0380  0.1906  0.1351  70  GLU A N   
548 C  CA  . GLU A 70 ? 0.8877 0.7323 0.8830 0.0219  0.2127  0.1239  70  GLU A CA  
549 C  C   . GLU A 70 ? 0.8911 0.7383 0.8634 0.0754  0.2543  0.0755  70  GLU A C   
550 O  O   . GLU A 70 ? 0.9198 0.8045 0.8788 0.0723  0.2932  0.0814  70  GLU A O   
551 C  CB  . GLU A 70 ? 1.0015 0.6756 0.8161 -0.0006 0.1837  0.1305  70  GLU A CB  
552 C  CG  . GLU A 70 ? 1.1262 0.7126 0.7834 0.0389  0.2165  0.1279  70  GLU A CG  
553 C  CD  . GLU A 70 ? 1.3685 0.7116 0.7811 0.0078  0.2293  0.1642  70  GLU A CD  
554 O  OE1 . GLU A 70 ? 1.4476 0.6763 0.7967 -0.0447 0.2066  0.1748  70  GLU A OE1 
555 O  OE2 . GLU A 70 ? 1.5599 0.7833 0.8004 0.0330  0.2727  0.1825  70  GLU A OE2 
556 N  N   . TYR A 71 ? 0.8736 0.7004 0.8221 0.0967  0.2507  0.0238  71  TYR A N   
557 C  CA  . TYR A 71 ? 0.9458 0.7924 0.8493 0.0971  0.3010  -0.0372 71  TYR A CA  
558 C  C   . TYR A 71 ? 1.0150 0.8237 0.9521 0.1197  0.3784  -0.0421 71  TYR A C   
559 O  O   . TYR A 71 ? 1.0818 0.9074 0.9736 0.1217  0.4261  -0.0672 71  TYR A O   
560 C  CB  . TYR A 71 ? 0.9687 0.8352 0.8047 0.0571  0.2936  -0.1051 71  TYR A CB  
561 C  CG  . TYR A 71 ? 1.1192 1.0686 0.8560 0.0091  0.3352  -0.1780 71  TYR A CG  
562 C  CD1 . TYR A 71 ? 1.1893 1.2125 0.8985 0.0425  0.3491  -0.1652 71  TYR A CD1 
563 C  CD2 . TYR A 71 ? 1.2771 1.2375 0.9171 -0.0969 0.3661  -0.2636 71  TYR A CD2 
564 C  CE1 . TYR A 71 ? 1.2843 1.4221 0.8967 -0.0092 0.3842  -0.2323 71  TYR A CE1 
565 C  CE2 . TYR A 71 ? 1.3965 1.4697 0.9181 -0.1850 0.4067  -0.3422 71  TYR A CE2 
566 C  CZ  . TYR A 71 ? 1.3886 1.5670 0.9103 -0.1300 0.4104  -0.3236 71  TYR A CZ  
567 O  OH  . TYR A 71 ? 1.4905 1.8171 0.8947 -0.2191 0.4448  -0.3988 71  TYR A OH  
568 N  N   . SER A 72 ? 1.0362 0.7921 1.0243 0.1597  0.3990  -0.0131 72  SER A N   
569 C  CA  . SER A 72 ? 1.1631 0.8752 1.1470 0.2456  0.4879  0.0069  72  SER A CA  
570 C  C   . SER A 72 ? 1.1550 1.0230 1.2001 0.2814  0.5173  0.0451  72  SER A C   
571 O  O   . SER A 72 ? 1.2952 1.1078 1.2726 0.3431  0.6074  0.0262  72  SER A O   
572 C  CB  . SER A 72 ? 1.1645 0.8973 1.2154 0.3240  0.4847  0.0748  72  SER A CB  
573 O  OG  . SER A 72 ? 1.2334 0.7986 1.2068 0.2863  0.4707  0.0388  72  SER A OG  
574 N  N   . SER A 73 ? 1.0308 1.0709 1.1689 0.2294  0.4523  0.0966  73  SER A N   
575 C  CA  . SER A 73 ? 1.0216 1.2434 1.2102 0.2167  0.4742  0.1379  73  SER A CA  
576 C  C   . SER A 73 ? 1.0616 1.2161 1.1541 0.1740  0.4908  0.0946  73  SER A C   
577 O  O   . SER A 73 ? 1.1184 1.3315 1.2036 0.2102  0.5548  0.0909  73  SER A O   
578 C  CB  . SER A 73 ? 0.9600 1.3588 1.2192 0.1233  0.4155  0.1997  73  SER A CB  
579 O  OG  . SER A 73 ? 0.9530 1.2027 1.1042 0.0147  0.3620  0.1841  73  SER A OG  
580 N  N   . LEU A 74 ? 1.0499 1.0956 1.0536 0.1217  0.4388  0.0674  74  LEU A N   
581 C  CA  . LEU A 74 ? 1.1078 1.1204 0.9956 0.1037  0.4447  0.0490  74  LEU A CA  
584 C  CB  . LEU A 74 ? 1.1519 1.0636 0.9254 0.0718  0.3926  0.0839  74  LEU A CB  
585 C  CG  . LEU A 74 ? 1.2138 1.0729 0.8256 0.1278  0.3805  0.0669  74  LEU A CG  
586 C  CD1 . LEU A 74 ? 1.1384 1.0784 0.7654 0.1625  0.3496  0.0090  74  LEU A CD1 
587 C  CD2 . LEU A 74 ? 1.2909 1.2073 0.8545 0.1369  0.4307  0.0593  74  LEU A CD2 
589 O  O   . HOH C .  ? 0.5559 0.5576 0.4603 -0.0840 -0.0672 -0.0243 83  HOH A O   
590 O  O   . HOH C .  ? 0.6222 0.3714 0.6968 -0.0761 -0.1378 -0.0280 84  HOH A O   
591 O  O   . HOH C .  ? 0.8266 1.0660 0.7058 0.0427  -0.0041 -0.0372 85  HOH A O   
592 O  O   . HOH C .  ? 0.3828 0.4041 0.6445 0.0289  -0.1726 0.0332  86  HOH A O   
593 O  O   . HOH C .  ? 0.4998 0.3545 0.4575 -0.0647 -0.2344 0.0334  87  HOH A O   
594 O  O   . HOH C .  ? 1.0762 0.6176 0.8076 -0.1379 -0.3725 0.1035  88  HOH A O   
595 O  O   . HOH C .  ? 0.8391 0.5173 0.8990 0.0068  -0.1900 -0.0302 89  HOH A O   
596 O  O   . HOH C .  ? 0.8557 0.7826 0.8210 -0.2184 -0.1559 0.0417  90  HOH A O   
597 O  O   . HOH C .  ? 0.6293 0.7682 0.8783 0.0169  0.0319  -0.0551 91  HOH A O   
598 O  O   . HOH C .  ? 1.0819 0.6020 1.2580 -0.1467 -0.0463 0.0219  92  HOH A O   
599 O  O   . HOH C .  ? 0.7293 1.0277 0.4773 -0.0528 -0.1233 -0.0613 93  HOH A O   
600 O  O   . HOH C .  ? 0.5916 0.9922 1.0246 0.1561  -0.3078 -0.0537 94  HOH A O   
601 O  O   . HOH C .  ? 0.7283 0.9987 0.5623 0.0402  -0.0380 -0.3421 95  HOH A O   
602 O  O   . HOH C .  ? 0.4607 0.4325 0.5808 -0.0020 -0.1750 0.0502  96  HOH A O   
603 O  O   . HOH C .  ? 0.8079 0.6100 0.8343 -0.0056 -0.1257 -0.0493 97  HOH A O   
604 O  O   . HOH C .  ? 0.8217 0.5952 0.8868 0.1499  -0.4325 0.0157  98  HOH A O   
605 O  O   . HOH C .  ? 0.8531 0.6060 0.7804 -0.0784 -0.0713 -0.1043 99  HOH A O   
606 O  O   . HOH C .  ? 0.5516 0.6343 0.7899 0.0744  0.0481  -0.1258 100 HOH A O   
607 O  O   . HOH C .  ? 1.0645 1.1114 0.6408 0.0071  0.4950  -0.2442 101 HOH A O   
608 O  O   . HOH C .  ? 0.7874 0.8048 0.8444 0.0553  -0.2978 -0.0262 102 HOH A O   
609 O  O   . HOH C .  ? 0.7066 0.5817 1.0800 0.1691  -0.1329 -0.1416 103 HOH A O   
610 O  O   . HOH C .  ? 1.1144 0.8859 1.1918 0.6571  -0.3173 -0.3194 104 HOH A O   
# 
